data_3ISW
# 
_entry.id   3ISW 
# 
_audit_conform.dict_name       mmcif_pdbx.dic 
_audit_conform.dict_version    5.378 
_audit_conform.dict_location   http://mmcif.pdb.org/dictionaries/ascii/mmcif_pdbx.dic 
# 
loop_
_database_2.database_id 
_database_2.database_code 
_database_2.pdbx_database_accession 
_database_2.pdbx_DOI 
PDB   3ISW         pdb_00003isw 10.2210/pdb3isw/pdb 
RCSB  RCSB054824   ?            ?                   
WWPDB D_1000054824 ?            ?                   
# 
_pdbx_database_status.entry_id                        3ISW 
_pdbx_database_status.deposit_site                    RCSB 
_pdbx_database_status.process_site                    RCSB 
_pdbx_database_status.recvd_initial_deposition_date   2009-08-27 
_pdbx_database_status.status_code                     REL 
_pdbx_database_status.status_code_sf                  REL 
_pdbx_database_status.status_code_mr                  ? 
_pdbx_database_status.SG_entry                        ? 
_pdbx_database_status.pdb_format_compatible           Y 
_pdbx_database_status.status_code_cs                  ? 
_pdbx_database_status.status_code_nmr_data            ? 
_pdbx_database_status.methods_development_category    ? 
# 
loop_
_audit_author.name 
_audit_author.pdbx_ordinal 
'Xu, Z.'           1 
'Page, R.'         2 
'Qin, J.'          3 
'Ithychanda, S.S.' 4 
'Liu, J.M.'        5 
'Misra, S.'        6 
# 
_citation.id                        primary 
_citation.title                     
;Biochemical basis of the interaction between cystic fibrosis transmembrane conductance regulator and immunoglobulin-like repeats of filamin.
;
_citation.journal_abbrev            J.Biol.Chem. 
_citation.journal_volume            285 
_citation.page_first                17166 
_citation.page_last                 17176 
_citation.year                      2010 
_citation.journal_id_ASTM           JBCHA3 
_citation.country                   US 
_citation.journal_id_ISSN           0021-9258 
_citation.journal_id_CSD            0071 
_citation.book_publisher            ? 
_citation.pdbx_database_id_PubMed   20351101 
_citation.pdbx_database_id_DOI      10.1074/jbc.M109.080911 
# 
loop_
_citation_author.citation_id 
_citation_author.name 
_citation_author.ordinal 
_citation_author.identifier_ORCID 
primary 'Smith, L.'        1  ? 
primary 'Page, R.C.'       2  ? 
primary 'Xu, Z.'           3  ? 
primary 'Kohli, E.'        4  ? 
primary 'Litman, P.'       5  ? 
primary 'Nix, J.C.'        6  ? 
primary 'Ithychanda, S.S.' 7  ? 
primary 'Liu, J.'          8  ? 
primary 'Qin, J.'          9  ? 
primary 'Misra, S.'        10 ? 
primary 'Liedtke, C.M.'    11 ? 
# 
_cell.length_a           74.152 
_cell.length_b           74.152 
_cell.length_c           289.063 
_cell.angle_alpha        90.000 
_cell.angle_beta         90.000 
_cell.angle_gamma        120.000 
_cell.entry_id           3ISW 
_cell.pdbx_unique_axis   ? 
_cell.Z_PDB              24 
_cell.length_a_esd       ? 
_cell.length_b_esd       ? 
_cell.length_c_esd       ? 
_cell.angle_alpha_esd    ? 
_cell.angle_beta_esd     ? 
_cell.angle_gamma_esd    ? 
# 
_symmetry.space_group_name_H-M             'P 65 2 2' 
_symmetry.entry_id                         3ISW 
_symmetry.Int_Tables_number                179 
_symmetry.pdbx_full_space_group_name_H-M   ? 
_symmetry.cell_setting                     ? 
_symmetry.space_group_name_Hall            ? 
# 
loop_
_entity.id 
_entity.type 
_entity.src_method 
_entity.pdbx_description 
_entity.formula_weight 
_entity.pdbx_number_of_molecules 
_entity.pdbx_ec 
_entity.pdbx_mutation 
_entity.pdbx_fragment 
_entity.details 
1 polymer man Filamin-A                                             10177.196 2  ? ?    'UNP residues 2236-2329' ?              
2 polymer syn 'Cystic fibrosis transmembrane conductance regulator' 2009.345  1  ? R21A 'UNP residues 5-22'      'CFTR peptide' 
3 water   nat water                                                 18.015    14 ? ?    ?                        ?              
# 
loop_
_entity_name_com.entity_id 
_entity_name_com.name 
1 'Alpha-filamin, Filamin-1, Endothelial actin-binding protein, Actin-binding protein 280, ABP-280, Non-muscle filamin' 
2 
;CFTR, Channel conductance-controlling ATPase, cAMP-dependent chloride channel, ATP-binding cassette transporter sub-family C member 7
;
# 
loop_
_entity_poly.entity_id 
_entity_poly.type 
_entity_poly.nstd_linkage 
_entity_poly.nstd_monomer 
_entity_poly.pdbx_seq_one_letter_code 
_entity_poly.pdbx_seq_one_letter_code_can 
_entity_poly.pdbx_strand_id 
_entity_poly.pdbx_target_identifier 
1 'polypeptide(L)' no no 
;GAMPDGGAHKVRAGGPGLERAEAGVPAEFSIWTREAGAGGLAIAVEGPSKAEISFEDRKDGSCGVAYVVQEPGDYEVSVK
FNEEHIPDSPFVVPVASPS
;
;GAMPDGGAHKVRAGGPGLERAEAGVPAEFSIWTREAGAGGLAIAVEGPSKAEISFEDRKDGSCGVAYVVQEPGDYEVSVK
FNEEHIPDSPFVVPVASPS
;
A,B ? 
2 'polypeptide(L)' no no PLEKASVVSKLFFSWTAP                                                                                     
PLEKASVVSKLFFSWTAP                                                                                     C   ? 
# 
loop_
_entity_poly_seq.entity_id 
_entity_poly_seq.num 
_entity_poly_seq.mon_id 
_entity_poly_seq.hetero 
1 1  GLY n 
1 2  ALA n 
1 3  MET n 
1 4  PRO n 
1 5  ASP n 
1 6  GLY n 
1 7  GLY n 
1 8  ALA n 
1 9  HIS n 
1 10 LYS n 
1 11 VAL n 
1 12 ARG n 
1 13 ALA n 
1 14 GLY n 
1 15 GLY n 
1 16 PRO n 
1 17 GLY n 
1 18 LEU n 
1 19 GLU n 
1 20 ARG n 
1 21 ALA n 
1 22 GLU n 
1 23 ALA n 
1 24 GLY n 
1 25 VAL n 
1 26 PRO n 
1 27 ALA n 
1 28 GLU n 
1 29 PHE n 
1 30 SER n 
1 31 ILE n 
1 32 TRP n 
1 33 THR n 
1 34 ARG n 
1 35 GLU n 
1 36 ALA n 
1 37 GLY n 
1 38 ALA n 
1 39 GLY n 
1 40 GLY n 
1 41 LEU n 
1 42 ALA n 
1 43 ILE n 
1 44 ALA n 
1 45 VAL n 
1 46 GLU n 
1 47 GLY n 
1 48 PRO n 
1 49 SER n 
1 50 LYS n 
1 51 ALA n 
1 52 GLU n 
1 53 ILE n 
1 54 SER n 
1 55 PHE n 
1 56 GLU n 
1 57 ASP n 
1 58 ARG n 
1 59 LYS n 
1 60 ASP n 
1 61 GLY n 
1 62 SER n 
1 63 CYS n 
1 64 GLY n 
1 65 VAL n 
1 66 ALA n 
1 67 TYR n 
1 68 VAL n 
1 69 VAL n 
1 70 GLN n 
1 71 GLU n 
1 72 PRO n 
1 73 GLY n 
1 74 ASP n 
1 75 TYR n 
1 76 GLU n 
1 77 VAL n 
1 78 SER n 
1 79 VAL n 
1 80 LYS n 
1 81 PHE n 
1 82 ASN n 
1 83 GLU n 
1 84 GLU n 
1 85 HIS n 
1 86 ILE n 
1 87 PRO n 
1 88 ASP n 
1 89 SER n 
1 90 PRO n 
1 91 PHE n 
1 92 VAL n 
1 93 VAL n 
1 94 PRO n 
1 95 VAL n 
1 96 ALA n 
1 97 SER n 
1 98 PRO n 
1 99 SER n 
2 1  PRO n 
2 2  LEU n 
2 3  GLU n 
2 4  LYS n 
2 5  ALA n 
2 6  SER n 
2 7  VAL n 
2 8  VAL n 
2 9  SER n 
2 10 LYS n 
2 11 LEU n 
2 12 PHE n 
2 13 PHE n 
2 14 SER n 
2 15 TRP n 
2 16 THR n 
2 17 ALA n 
2 18 PRO n 
# 
_entity_src_gen.entity_id                          1 
_entity_src_gen.pdbx_src_id                        1 
_entity_src_gen.pdbx_alt_source_flag               sample 
_entity_src_gen.pdbx_seq_type                      ? 
_entity_src_gen.pdbx_beg_seq_num                   ? 
_entity_src_gen.pdbx_end_seq_num                   ? 
_entity_src_gen.gene_src_common_name               human 
_entity_src_gen.gene_src_genus                     ? 
_entity_src_gen.pdbx_gene_src_gene                 'FLN, FLN-21, FLN1, FLNA' 
_entity_src_gen.gene_src_species                   ? 
_entity_src_gen.gene_src_strain                    ? 
_entity_src_gen.gene_src_tissue                    ? 
_entity_src_gen.gene_src_tissue_fraction           ? 
_entity_src_gen.gene_src_details                   ? 
_entity_src_gen.pdbx_gene_src_fragment             ? 
_entity_src_gen.pdbx_gene_src_scientific_name      'Homo sapiens' 
_entity_src_gen.pdbx_gene_src_ncbi_taxonomy_id     9606 
_entity_src_gen.pdbx_gene_src_variant              ? 
_entity_src_gen.pdbx_gene_src_cell_line            ? 
_entity_src_gen.pdbx_gene_src_atcc                 ? 
_entity_src_gen.pdbx_gene_src_organ                ? 
_entity_src_gen.pdbx_gene_src_organelle            ? 
_entity_src_gen.pdbx_gene_src_cell                 ? 
_entity_src_gen.pdbx_gene_src_cellular_location    ? 
_entity_src_gen.host_org_common_name               ? 
_entity_src_gen.pdbx_host_org_scientific_name      'Escherichia coli' 
_entity_src_gen.pdbx_host_org_ncbi_taxonomy_id     562 
_entity_src_gen.host_org_genus                     ? 
_entity_src_gen.pdbx_host_org_gene                 ? 
_entity_src_gen.pdbx_host_org_organ                ? 
_entity_src_gen.host_org_species                   ? 
_entity_src_gen.pdbx_host_org_tissue               ? 
_entity_src_gen.pdbx_host_org_tissue_fraction      ? 
_entity_src_gen.pdbx_host_org_strain               'Rosetta2(DE3)' 
_entity_src_gen.pdbx_host_org_variant              ? 
_entity_src_gen.pdbx_host_org_cell_line            ? 
_entity_src_gen.pdbx_host_org_atcc                 ? 
_entity_src_gen.pdbx_host_org_culture_collection   ? 
_entity_src_gen.pdbx_host_org_cell                 ? 
_entity_src_gen.pdbx_host_org_organelle            ? 
_entity_src_gen.pdbx_host_org_cellular_location    ? 
_entity_src_gen.pdbx_host_org_vector_type          pGST-parallel 
_entity_src_gen.pdbx_host_org_vector               ? 
_entity_src_gen.host_org_details                   ? 
_entity_src_gen.expression_system_id               ? 
_entity_src_gen.plasmid_name                       ? 
_entity_src_gen.plasmid_details                    ? 
_entity_src_gen.pdbx_description                   ? 
# 
_pdbx_entity_src_syn.entity_id              2 
_pdbx_entity_src_syn.pdbx_src_id            1 
_pdbx_entity_src_syn.pdbx_alt_source_flag   sample 
_pdbx_entity_src_syn.pdbx_beg_seq_num       ? 
_pdbx_entity_src_syn.pdbx_end_seq_num       ? 
_pdbx_entity_src_syn.organism_scientific    ? 
_pdbx_entity_src_syn.organism_common_name   ? 
_pdbx_entity_src_syn.ncbi_taxonomy_id       ? 
_pdbx_entity_src_syn.details                
'Synthetic peptide based on the sequence 5-22 of Homo sapiens CFTR (UniProt entry P13569, CFTR_HUMAN)' 
# 
loop_
_struct_ref.id 
_struct_ref.db_name 
_struct_ref.db_code 
_struct_ref.pdbx_db_accession 
_struct_ref.entity_id 
_struct_ref.pdbx_seq_one_letter_code 
_struct_ref.pdbx_align_begin 
_struct_ref.pdbx_db_isoform 
1 UNP FLNA_HUMAN P21333 1 
;GGAHKVRAGGPGLERAEAGVPAEFSIWTREAGAGGLAIAVEGPSKAEISFEDRKDGSCGVAYVVQEPGDYEVSVKFNEEH
IPDSPFVVPVASPS
;
2236 ? 
2 UNP CFTR_HUMAN P13569 2 PLEKASVVSKLFFSWTRP                                                                                5    ? 
# 
loop_
_struct_ref_seq.align_id 
_struct_ref_seq.ref_id 
_struct_ref_seq.pdbx_PDB_id_code 
_struct_ref_seq.pdbx_strand_id 
_struct_ref_seq.seq_align_beg 
_struct_ref_seq.pdbx_seq_align_beg_ins_code 
_struct_ref_seq.seq_align_end 
_struct_ref_seq.pdbx_seq_align_end_ins_code 
_struct_ref_seq.pdbx_db_accession 
_struct_ref_seq.db_align_beg 
_struct_ref_seq.pdbx_db_align_beg_ins_code 
_struct_ref_seq.db_align_end 
_struct_ref_seq.pdbx_db_align_end_ins_code 
_struct_ref_seq.pdbx_auth_seq_align_beg 
_struct_ref_seq.pdbx_auth_seq_align_end 
1 1 3ISW A 6 ? 99 ? P21333 2236 ? 2329 ? 2236 2329 
2 1 3ISW B 6 ? 99 ? P21333 2236 ? 2329 ? 2236 2329 
3 2 3ISW C 1 ? 18 ? P13569 5    ? 22   ? 5    22   
# 
loop_
_struct_ref_seq_dif.align_id 
_struct_ref_seq_dif.pdbx_pdb_id_code 
_struct_ref_seq_dif.mon_id 
_struct_ref_seq_dif.pdbx_pdb_strand_id 
_struct_ref_seq_dif.seq_num 
_struct_ref_seq_dif.pdbx_pdb_ins_code 
_struct_ref_seq_dif.pdbx_seq_db_name 
_struct_ref_seq_dif.pdbx_seq_db_accession_code 
_struct_ref_seq_dif.db_mon_id 
_struct_ref_seq_dif.pdbx_seq_db_seq_num 
_struct_ref_seq_dif.details 
_struct_ref_seq_dif.pdbx_auth_seq_num 
_struct_ref_seq_dif.pdbx_ordinal 
1 3ISW GLY A 1  ? UNP P21333 ?   ?  'expression tag'      2231 1  
1 3ISW ALA A 2  ? UNP P21333 ?   ?  'expression tag'      2232 2  
1 3ISW MET A 3  ? UNP P21333 ?   ?  'expression tag'      2233 3  
1 3ISW PRO A 4  ? UNP P21333 ?   ?  'expression tag'      2234 4  
1 3ISW ASP A 5  ? UNP P21333 ?   ?  'expression tag'      2235 5  
2 3ISW GLY B 1  ? UNP P21333 ?   ?  'expression tag'      2231 6  
2 3ISW ALA B 2  ? UNP P21333 ?   ?  'expression tag'      2232 7  
2 3ISW MET B 3  ? UNP P21333 ?   ?  'expression tag'      2233 8  
2 3ISW PRO B 4  ? UNP P21333 ?   ?  'expression tag'      2234 9  
2 3ISW ASP B 5  ? UNP P21333 ?   ?  'expression tag'      2235 10 
3 3ISW ALA C 17 ? UNP P13569 ARG 21 'engineered mutation' 21   11 
# 
loop_
_chem_comp.id 
_chem_comp.type 
_chem_comp.mon_nstd_flag 
_chem_comp.name 
_chem_comp.pdbx_synonyms 
_chem_comp.formula 
_chem_comp.formula_weight 
ALA 'L-peptide linking' y ALANINE         ? 'C3 H7 N O2'     89.093  
ARG 'L-peptide linking' y ARGININE        ? 'C6 H15 N4 O2 1' 175.209 
ASN 'L-peptide linking' y ASPARAGINE      ? 'C4 H8 N2 O3'    132.118 
ASP 'L-peptide linking' y 'ASPARTIC ACID' ? 'C4 H7 N O4'     133.103 
CYS 'L-peptide linking' y CYSTEINE        ? 'C3 H7 N O2 S'   121.158 
GLN 'L-peptide linking' y GLUTAMINE       ? 'C5 H10 N2 O3'   146.144 
GLU 'L-peptide linking' y 'GLUTAMIC ACID' ? 'C5 H9 N O4'     147.129 
GLY 'peptide linking'   y GLYCINE         ? 'C2 H5 N O2'     75.067  
HIS 'L-peptide linking' y HISTIDINE       ? 'C6 H10 N3 O2 1' 156.162 
HOH non-polymer         . WATER           ? 'H2 O'           18.015  
ILE 'L-peptide linking' y ISOLEUCINE      ? 'C6 H13 N O2'    131.173 
LEU 'L-peptide linking' y LEUCINE         ? 'C6 H13 N O2'    131.173 
LYS 'L-peptide linking' y LYSINE          ? 'C6 H15 N2 O2 1' 147.195 
MET 'L-peptide linking' y METHIONINE      ? 'C5 H11 N O2 S'  149.211 
PHE 'L-peptide linking' y PHENYLALANINE   ? 'C9 H11 N O2'    165.189 
PRO 'L-peptide linking' y PROLINE         ? 'C5 H9 N O2'     115.130 
SER 'L-peptide linking' y SERINE          ? 'C3 H7 N O3'     105.093 
THR 'L-peptide linking' y THREONINE       ? 'C4 H9 N O3'     119.119 
TRP 'L-peptide linking' y TRYPTOPHAN      ? 'C11 H12 N2 O2'  204.225 
TYR 'L-peptide linking' y TYROSINE        ? 'C9 H11 N O3'    181.189 
VAL 'L-peptide linking' y VALINE          ? 'C5 H11 N O2'    117.146 
# 
_exptl.crystals_number   1 
_exptl.entry_id          3ISW 
_exptl.method            'X-RAY DIFFRACTION' 
# 
_exptl_crystal.id                    1 
_exptl_crystal.density_Matthews      5.13 
_exptl_crystal.density_meas          ? 
_exptl_crystal.density_percent_sol   76.02 
_exptl_crystal.description           ? 
_exptl_crystal.F_000                 ? 
_exptl_crystal.preparation           ? 
# 
_exptl_crystal_grow.crystal_id      1 
_exptl_crystal_grow.method          'VAPOR DIFFUSION, HANGING DROP' 
_exptl_crystal_grow.pH              7.0 
_exptl_crystal_grow.temp            293 
_exptl_crystal_grow.temp_details    ? 
_exptl_crystal_grow.pdbx_details    '0.1M Bis-Tris Propane pH 7.0, 60% Tacsimate, VAPOR DIFFUSION, HANGING DROP, temperature 293K' 
_exptl_crystal_grow.pdbx_pH_range   ? 
# 
_diffrn.id                     1 
_diffrn.ambient_temp           100 
_diffrn.ambient_temp_details   ? 
_diffrn.crystal_id             1 
# 
_diffrn_detector.diffrn_id              1 
_diffrn_detector.detector               CCD 
_diffrn_detector.type                   NOIR-1 
_diffrn_detector.pdbx_collection_date   2007-07-01 
_diffrn_detector.details                
'ROSENBAUM-ROCK MONOCHROMATOR FOR SAGITAL FOCUSING, ROSENBAUM-ROCK VERTICAL FOCUSING MIRROR' 
# 
_diffrn_radiation.diffrn_id                        1 
_diffrn_radiation.wavelength_id                    1 
_diffrn_radiation.pdbx_diffrn_protocol             'SINGLE WAVELENGTH' 
_diffrn_radiation.monochromator                    'double crystal' 
_diffrn_radiation.pdbx_monochromatic_or_laue_m_l   M 
_diffrn_radiation.pdbx_scattering_type             x-ray 
# 
_diffrn_radiation_wavelength.id           1 
_diffrn_radiation_wavelength.wavelength   1.0000 
_diffrn_radiation_wavelength.wt           1.0 
# 
_diffrn_source.diffrn_id                   1 
_diffrn_source.source                      SYNCHROTRON 
_diffrn_source.type                        'ALS BEAMLINE 4.2.2' 
_diffrn_source.pdbx_wavelength             ? 
_diffrn_source.pdbx_wavelength_list        1.0000 
_diffrn_source.pdbx_synchrotron_site       ALS 
_diffrn_source.pdbx_synchrotron_beamline   4.2.2 
# 
_reflns.entry_id                     3ISW 
_reflns.d_resolution_high            2.80 
_reflns.d_resolution_low             42.97 
_reflns.number_obs                   12452 
_reflns.pdbx_scaling_rejects         3169 
_reflns.pdbx_Rmerge_I_obs            0.071 
_reflns.pdbx_netI_over_sigmaI        13.800 
_reflns.pdbx_chi_squared             0.940 
_reflns.pdbx_redundancy              8.530 
_reflns.percent_possible_obs         96.600 
_reflns.observed_criterion_sigma_F   0.0 
_reflns.observed_criterion_sigma_I   5.0 
_reflns.number_all                   13108 
_reflns.pdbx_Rsym_value              0.071 
_reflns.B_iso_Wilson_estimate        75.7 
_reflns.R_free_details               ? 
_reflns.limit_h_max                  ? 
_reflns.limit_h_min                  ? 
_reflns.limit_k_max                  ? 
_reflns.limit_k_min                  ? 
_reflns.limit_l_max                  ? 
_reflns.limit_l_min                  ? 
_reflns.observed_criterion_F_max     ? 
_reflns.observed_criterion_F_min     ? 
_reflns.pdbx_diffrn_id               1 
_reflns.pdbx_ordinal                 1 
# 
_reflns_shell.d_res_high             2.80 
_reflns_shell.d_res_low              2.90 
_reflns_shell.number_measured_obs    ? 
_reflns_shell.number_measured_all    ? 
_reflns_shell.number_unique_obs      ? 
_reflns_shell.Rmerge_I_obs           0.472 
_reflns_shell.meanI_over_sigI_obs    3.3 
_reflns_shell.pdbx_Rsym_value        0.472 
_reflns_shell.pdbx_chi_squared       1.340 
_reflns_shell.pdbx_redundancy        10.41 
_reflns_shell.percent_possible_obs   ? 
_reflns_shell.number_unique_all      1177 
_reflns_shell.percent_possible_all   98.50 
_reflns_shell.pdbx_diffrn_id         ? 
_reflns_shell.pdbx_ordinal           1 
# 
_refine.entry_id                                 3ISW 
_refine.ls_d_res_high                            2.80 
_refine.ls_d_res_low                             34.73 
_refine.pdbx_ls_sigma_F                          0.00 
_refine.pdbx_data_cutoff_high_absF               ? 
_refine.pdbx_data_cutoff_low_absF                ? 
_refine.ls_percent_reflns_obs                    96.400 
_refine.ls_number_reflns_obs                     12007 
_refine.ls_number_reflns_all                     12007 
_refine.pdbx_ls_cross_valid_method               THROUGHOUT 
_refine.pdbx_R_Free_selection_details            RANDOM 
_refine.details                                  'HYDROGENS HAVE BEEN ADDED IN THE RIDING POSITIONS' 
_refine.ls_R_factor_all                          0.264 
_refine.ls_R_factor_obs                          0.264 
_refine.ls_R_factor_R_work                       0.263 
_refine.ls_wR_factor_R_work                      ? 
_refine.ls_R_factor_R_free                       0.298 
_refine.ls_wR_factor_R_free                      ? 
_refine.ls_percent_reflns_R_free                 4.800 
_refine.ls_number_reflns_R_free                  580 
_refine.ls_R_factor_R_free_error                 ? 
_refine.B_iso_mean                               69.191 
_refine.solvent_model_param_bsol                 ? 
_refine.solvent_model_param_ksol                 ? 
_refine.pdbx_isotropic_thermal_model             isotropic 
_refine.aniso_B[1][1]                            4.720 
_refine.aniso_B[2][2]                            4.720 
_refine.aniso_B[3][3]                            -7.080 
_refine.aniso_B[1][2]                            2.360 
_refine.aniso_B[1][3]                            0.000 
_refine.aniso_B[2][3]                            0.000 
_refine.correlation_coeff_Fo_to_Fc               0.919 
_refine.correlation_coeff_Fo_to_Fc_free          0.907 
_refine.overall_SU_R_Cruickshank_DPI             ? 
_refine.overall_SU_R_free                        ? 
_refine.pdbx_overall_ESU_R                       0.403 
_refine.pdbx_overall_ESU_R_Free                  0.313 
_refine.overall_SU_ML                            0.277 
_refine.overall_SU_B                             14.066 
_refine.solvent_model_details                    MASK 
_refine.pdbx_solvent_vdw_probe_radii             1.400 
_refine.pdbx_solvent_ion_probe_radii             0.800 
_refine.pdbx_solvent_shrinkage_radii             0.800 
_refine.ls_number_parameters                     ? 
_refine.ls_number_restraints                     ? 
_refine.pdbx_starting_model                      'PDB entry 2BRQ' 
_refine.pdbx_method_to_determine_struct          'MOLECULAR REPLACEMENT' 
_refine.pdbx_stereochemistry_target_values       'MAXIMUM LIKELIHOOD' 
_refine.pdbx_stereochem_target_val_spec_case     ? 
_refine.overall_FOM_work_R_set                   ? 
_refine.B_iso_max                                104.74 
_refine.B_iso_min                                37.96 
_refine.occupancy_max                            1.00 
_refine.occupancy_min                            1.00 
_refine.pdbx_ls_sigma_I                          0.00 
_refine.ls_redundancy_reflns_obs                 ? 
_refine.ls_R_factor_R_free_error_details         ? 
_refine.pdbx_data_cutoff_high_rms_absF           ? 
_refine.overall_FOM_free_R_set                   ? 
_refine.pdbx_overall_phase_error                 ? 
_refine.pdbx_refine_id                           'X-RAY DIFFRACTION' 
_refine.pdbx_diffrn_id                           1 
_refine.pdbx_TLS_residual_ADP_flag               ? 
_refine.pdbx_overall_SU_R_free_Cruickshank_DPI   ? 
_refine.pdbx_overall_SU_R_Blow_DPI               ? 
_refine.pdbx_overall_SU_R_free_Blow_DPI          ? 
# 
_refine_hist.pdbx_refine_id                   'X-RAY DIFFRACTION' 
_refine_hist.cycle_id                         LAST 
_refine_hist.pdbx_number_atoms_protein        1504 
_refine_hist.pdbx_number_atoms_nucleic_acid   0 
_refine_hist.pdbx_number_atoms_ligand         0 
_refine_hist.number_atoms_solvent             14 
_refine_hist.number_atoms_total               1518 
_refine_hist.d_res_high                       2.80 
_refine_hist.d_res_low                        34.73 
# 
loop_
_refine_ls_restr.type 
_refine_ls_restr.number 
_refine_ls_restr.dev_ideal 
_refine_ls_restr.dev_ideal_target 
_refine_ls_restr.weight 
_refine_ls_restr.pdbx_refine_id 
_refine_ls_restr.pdbx_restraint_function 
r_bond_refined_d         1543 0.015  0.022  ? 'X-RAY DIFFRACTION' ? 
r_angle_refined_deg      2095 1.644  1.960  ? 'X-RAY DIFFRACTION' ? 
r_dihedral_angle_1_deg   202  7.589  5.000  ? 'X-RAY DIFFRACTION' ? 
r_dihedral_angle_2_deg   64   38.121 24.219 ? 'X-RAY DIFFRACTION' ? 
r_dihedral_angle_3_deg   220  20.376 15.000 ? 'X-RAY DIFFRACTION' ? 
r_dihedral_angle_4_deg   8    25.752 15.000 ? 'X-RAY DIFFRACTION' ? 
r_chiral_restr           220  0.107  0.200  ? 'X-RAY DIFFRACTION' ? 
r_gen_planes_refined     1212 0.005  0.020  ? 'X-RAY DIFFRACTION' ? 
r_nbd_refined            552  0.240  0.200  ? 'X-RAY DIFFRACTION' ? 
r_nbtor_refined          1025 0.318  0.200  ? 'X-RAY DIFFRACTION' ? 
r_xyhbond_nbd_refined    42   0.180  0.200  ? 'X-RAY DIFFRACTION' ? 
r_symmetry_vdw_refined   34   0.261  0.200  ? 'X-RAY DIFFRACTION' ? 
r_symmetry_hbond_refined 2    0.164  0.200  ? 'X-RAY DIFFRACTION' ? 
r_mcbond_it              1029 1.030  1.500  ? 'X-RAY DIFFRACTION' ? 
r_mcangle_it             1615 1.853  2.000  ? 'X-RAY DIFFRACTION' ? 
r_scbond_it              574  1.994  3.000  ? 'X-RAY DIFFRACTION' ? 
r_scangle_it             480  3.519  4.500  ? 'X-RAY DIFFRACTION' ? 
# 
_refine_ls_shell.d_res_high                       2.800 
_refine_ls_shell.d_res_low                        2.873 
_refine_ls_shell.pdbx_total_number_of_bins_used   20 
_refine_ls_shell.percent_reflns_obs               98.430 
_refine_ls_shell.number_reflns_R_work             829 
_refine_ls_shell.R_factor_all                     ? 
_refine_ls_shell.R_factor_R_work                  0.379 
_refine_ls_shell.R_factor_R_free                  0.408 
_refine_ls_shell.percent_reflns_R_free            ? 
_refine_ls_shell.number_reflns_R_free             46 
_refine_ls_shell.R_factor_R_free_error            ? 
_refine_ls_shell.number_reflns_all                875 
_refine_ls_shell.number_reflns_obs                829 
_refine_ls_shell.redundancy_reflns_obs            ? 
_refine_ls_shell.pdbx_refine_id                   'X-RAY DIFFRACTION' 
# 
_struct.entry_id                  3ISW 
_struct.title                     
'Crystal structure of filamin-A immunoglobulin-like repeat 21 bound to an N-terminal peptide of CFTR' 
_struct.pdbx_model_details        ? 
_struct.pdbx_CASP_flag            ? 
_struct.pdbx_model_type_details   ? 
# 
_struct_keywords.entry_id        3ISW 
_struct_keywords.pdbx_keywords   'STRUCTURAL PROTEIN' 
_struct_keywords.text            
;protein-peptide complex, Acetylation, Actin-binding, Alternative splicing, Cytoplasm, Cytoskeleton, Disease mutation, Phosphoprotein, Polymorphism, ATP-binding, Chloride, Chloride channel, Glycoprotein, Hydrolase, Ion transport, Ionic channel, Membrane, Nucleotide-binding, Transmembrane, Transport, STRUCTURAL PROTEIN
;
# 
loop_
_struct_asym.id 
_struct_asym.pdbx_blank_PDB_chainid_flag 
_struct_asym.pdbx_modified 
_struct_asym.entity_id 
_struct_asym.details 
A N N 1 ? 
B N N 1 ? 
C N N 2 ? 
D N N 3 ? 
E N N 3 ? 
F N N 3 ? 
# 
_struct_biol.id        1 
_struct_biol.details   
;THE BIOLOGICAL ASSEMBLY IS THE DIMERIC COMPLEX OF THE PROTEIN WITH THE PEPTIDE, REPRESENTED BY THE ENTIRE CONTENTS OF THE ASYMMETRIC UNIT. THE SOFTWARE-GENERATED WORD 'TRIMERIC' IN REMARK 350 IS A POLYMERIC COUNT.
;
# 
loop_
_struct_conf.conf_type_id 
_struct_conf.id 
_struct_conf.pdbx_PDB_helix_id 
_struct_conf.beg_label_comp_id 
_struct_conf.beg_label_asym_id 
_struct_conf.beg_label_seq_id 
_struct_conf.pdbx_beg_PDB_ins_code 
_struct_conf.end_label_comp_id 
_struct_conf.end_label_asym_id 
_struct_conf.end_label_seq_id 
_struct_conf.pdbx_end_PDB_ins_code 
_struct_conf.beg_auth_comp_id 
_struct_conf.beg_auth_asym_id 
_struct_conf.beg_auth_seq_id 
_struct_conf.end_auth_comp_id 
_struct_conf.end_auth_asym_id 
_struct_conf.end_auth_seq_id 
_struct_conf.pdbx_PDB_helix_class 
_struct_conf.details 
_struct_conf.pdbx_PDB_helix_length 
HELX_P HELX_P1 1 GLY A 7  ? VAL A 11 ? GLY A 2237 VAL A 2241 5 ? 5 
HELX_P HELX_P2 2 GLY A 15 ? GLU A 19 ? GLY A 2245 GLU A 2249 5 ? 5 
HELX_P HELX_P3 3 GLY B 7  ? VAL B 11 ? GLY B 2237 VAL B 2241 5 ? 5 
HELX_P HELX_P4 4 GLY B 15 ? GLU B 19 ? GLY B 2245 GLU B 2249 5 ? 5 
# 
_struct_conf_type.id          HELX_P 
_struct_conf_type.criteria    ? 
_struct_conf_type.reference   ? 
# 
loop_
_struct_mon_prot_cis.pdbx_id 
_struct_mon_prot_cis.label_comp_id 
_struct_mon_prot_cis.label_seq_id 
_struct_mon_prot_cis.label_asym_id 
_struct_mon_prot_cis.label_alt_id 
_struct_mon_prot_cis.pdbx_PDB_ins_code 
_struct_mon_prot_cis.auth_comp_id 
_struct_mon_prot_cis.auth_seq_id 
_struct_mon_prot_cis.auth_asym_id 
_struct_mon_prot_cis.pdbx_label_comp_id_2 
_struct_mon_prot_cis.pdbx_label_seq_id_2 
_struct_mon_prot_cis.pdbx_label_asym_id_2 
_struct_mon_prot_cis.pdbx_PDB_ins_code_2 
_struct_mon_prot_cis.pdbx_auth_comp_id_2 
_struct_mon_prot_cis.pdbx_auth_seq_id_2 
_struct_mon_prot_cis.pdbx_auth_asym_id_2 
_struct_mon_prot_cis.pdbx_PDB_model_num 
_struct_mon_prot_cis.pdbx_omega_angle 
1 SER 89 A . ? SER 2319 A PRO 90 A ? PRO 2320 A 1 2.95  
2 SER 89 B . ? SER 2319 B PRO 90 B ? PRO 2320 B 1 -0.86 
# 
loop_
_struct_sheet.id 
_struct_sheet.type 
_struct_sheet.number_strands 
_struct_sheet.details 
A ? 4 ? 
B ? 9 ? 
C ? 7 ? 
D ? 4 ? 
# 
loop_
_struct_sheet_order.sheet_id 
_struct_sheet_order.range_id_1 
_struct_sheet_order.range_id_2 
_struct_sheet_order.offset 
_struct_sheet_order.sense 
A 1 2 ? anti-parallel 
A 2 3 ? anti-parallel 
A 3 4 ? anti-parallel 
B 1 2 ? parallel      
B 2 3 ? anti-parallel 
B 3 4 ? anti-parallel 
B 4 5 ? anti-parallel 
B 5 6 ? anti-parallel 
B 6 7 ? anti-parallel 
B 7 8 ? anti-parallel 
B 8 9 ? parallel      
C 1 2 ? anti-parallel 
C 2 3 ? anti-parallel 
C 3 4 ? anti-parallel 
C 4 5 ? anti-parallel 
C 5 6 ? anti-parallel 
C 6 7 ? anti-parallel 
D 1 2 ? anti-parallel 
D 2 3 ? anti-parallel 
D 3 4 ? anti-parallel 
# 
loop_
_struct_sheet_range.sheet_id 
_struct_sheet_range.id 
_struct_sheet_range.beg_label_comp_id 
_struct_sheet_range.beg_label_asym_id 
_struct_sheet_range.beg_label_seq_id 
_struct_sheet_range.pdbx_beg_PDB_ins_code 
_struct_sheet_range.end_label_comp_id 
_struct_sheet_range.end_label_asym_id 
_struct_sheet_range.end_label_seq_id 
_struct_sheet_range.pdbx_end_PDB_ins_code 
_struct_sheet_range.beg_auth_comp_id 
_struct_sheet_range.beg_auth_asym_id 
_struct_sheet_range.beg_auth_seq_id 
_struct_sheet_range.end_auth_comp_id 
_struct_sheet_range.end_auth_asym_id 
_struct_sheet_range.end_auth_seq_id 
A 1 ARG A 12 ? GLY A 14 ? ARG A 2242 GLY A 2244 
A 2 ALA A 27 ? TRP A 32 ? ALA A 2257 TRP A 2262 
A 3 CYS A 63 ? VAL A 69 ? CYS A 2293 VAL A 2299 
A 4 ALA A 51 ? ASP A 57 ? ALA A 2281 ASP A 2287 
B 1 ALA A 21 ? GLU A 22 ? ALA A 2251 GLU A 2252 
B 2 PHE A 91 ? ALA A 96 ? PHE A 2321 ALA A 2326 
B 3 GLY A 73 ? PHE A 81 ? GLY A 2303 PHE A 2311 
B 4 GLY A 39 ? GLY A 47 ? GLY A 2269 GLY A 2277 
B 5 VAL C 7  ? TRP C 15 ? VAL C 11   TRP C 19   
B 6 LEU B 41 ? GLY B 47 ? LEU B 2271 GLY B 2277 
B 7 GLY B 73 ? PHE B 81 ? GLY B 2303 PHE B 2311 
B 8 PHE B 91 ? ALA B 96 ? PHE B 2321 ALA B 2326 
B 9 ALA B 21 ? GLU B 22 ? ALA B 2251 GLU B 2252 
C 1 GLU A 84 ? HIS A 85 ? GLU A 2314 HIS A 2315 
C 2 GLY A 73 ? PHE A 81 ? GLY A 2303 PHE A 2311 
C 3 GLY A 39 ? GLY A 47 ? GLY A 2269 GLY A 2277 
C 4 VAL C 7  ? TRP C 15 ? VAL C 11   TRP C 19   
C 5 LEU B 41 ? GLY B 47 ? LEU B 2271 GLY B 2277 
C 6 GLY B 73 ? PHE B 81 ? GLY B 2303 PHE B 2311 
C 7 GLU B 84 ? HIS B 85 ? GLU B 2314 HIS B 2315 
D 1 ARG B 12 ? GLY B 14 ? ARG B 2242 GLY B 2244 
D 2 ALA B 27 ? TRP B 32 ? ALA B 2257 TRP B 2262 
D 3 SER B 62 ? VAL B 69 ? SER B 2292 VAL B 2299 
D 4 ALA B 51 ? ARG B 58 ? ALA B 2281 ARG B 2288 
# 
loop_
_pdbx_struct_sheet_hbond.sheet_id 
_pdbx_struct_sheet_hbond.range_id_1 
_pdbx_struct_sheet_hbond.range_id_2 
_pdbx_struct_sheet_hbond.range_1_label_atom_id 
_pdbx_struct_sheet_hbond.range_1_label_comp_id 
_pdbx_struct_sheet_hbond.range_1_label_asym_id 
_pdbx_struct_sheet_hbond.range_1_label_seq_id 
_pdbx_struct_sheet_hbond.range_1_PDB_ins_code 
_pdbx_struct_sheet_hbond.range_1_auth_atom_id 
_pdbx_struct_sheet_hbond.range_1_auth_comp_id 
_pdbx_struct_sheet_hbond.range_1_auth_asym_id 
_pdbx_struct_sheet_hbond.range_1_auth_seq_id 
_pdbx_struct_sheet_hbond.range_2_label_atom_id 
_pdbx_struct_sheet_hbond.range_2_label_comp_id 
_pdbx_struct_sheet_hbond.range_2_label_asym_id 
_pdbx_struct_sheet_hbond.range_2_label_seq_id 
_pdbx_struct_sheet_hbond.range_2_PDB_ins_code 
_pdbx_struct_sheet_hbond.range_2_auth_atom_id 
_pdbx_struct_sheet_hbond.range_2_auth_comp_id 
_pdbx_struct_sheet_hbond.range_2_auth_asym_id 
_pdbx_struct_sheet_hbond.range_2_auth_seq_id 
A 1 2 N ARG A 12 ? N ARG A 2242 O TRP A 32 ? O TRP A 2262 
A 2 3 N ILE A 31 ? N ILE A 2261 O CYS A 63 ? O CYS A 2293 
A 3 4 O GLY A 64 ? O GLY A 2294 N GLU A 56 ? N GLU A 2286 
B 1 2 N ALA A 21 ? N ALA A 2251 O ALA A 96 ? O ALA A 2326 
B 2 3 O VAL A 95 ? O VAL A 2325 N GLY A 73 ? N GLY A 2303 
B 3 4 O SER A 78 ? O SER A 2308 N ALA A 44 ? N ALA A 2274 
B 4 5 N GLY A 47 ? N GLY A 2277 O VAL C 7  ? O VAL C 11   
B 5 6 O SER C 14 ? O SER C 18   N VAL B 45 ? N VAL B 2275 
B 6 7 N ALA B 44 ? N ALA B 2274 O SER B 78 ? O SER B 2308 
B 7 8 N VAL B 77 ? N VAL B 2307 O PHE B 91 ? O PHE B 2321 
B 8 9 O PRO B 94 ? O PRO B 2324 N ALA B 21 ? N ALA B 2251 
C 1 2 O GLU A 84 ? O GLU A 2314 N PHE A 81 ? N PHE A 2311 
C 2 3 O SER A 78 ? O SER A 2308 N ALA A 44 ? N ALA A 2274 
C 3 4 N GLY A 47 ? N GLY A 2277 O VAL C 7  ? O VAL C 11   
C 4 5 O SER C 14 ? O SER C 18   N VAL B 45 ? N VAL B 2275 
C 5 6 N ALA B 44 ? N ALA B 2274 O SER B 78 ? O SER B 2308 
C 6 7 N PHE B 81 ? N PHE B 2311 O GLU B 84 ? O GLU B 2314 
D 1 2 N ARG B 12 ? N ARG B 2242 O TRP B 32 ? O TRP B 2262 
D 2 3 N ILE B 31 ? N ILE B 2261 O CYS B 63 ? O CYS B 2293 
D 3 4 O ALA B 66 ? O ALA B 2296 N SER B 54 ? N SER B 2284 
# 
_atom_sites.entry_id                    3ISW 
_atom_sites.fract_transf_matrix[1][1]   0.00787993 
_atom_sites.fract_transf_matrix[1][2]   -0.00765366 
_atom_sites.fract_transf_matrix[1][3]   0.01103731 
_atom_sites.fract_transf_matrix[2][1]   0.00420461 
_atom_sites.fract_transf_matrix[2][2]   -0.01481742 
_atom_sites.fract_transf_matrix[2][3]   -0.00229186 
_atom_sites.fract_transf_matrix[3][1]   0.00298268 
_atom_sites.fract_transf_matrix[3][2]   0.00106185 
_atom_sites.fract_transf_matrix[3][3]   -0.00139312 
_atom_sites.fract_transf_vector[1]      -0.417821 
_atom_sites.fract_transf_vector[2]      -0.018524 
_atom_sites.fract_transf_vector[3]      0.051876 
# 
loop_
_atom_type.symbol 
C 
N 
O 
S 
# 
loop_
_atom_site.group_PDB 
_atom_site.id 
_atom_site.type_symbol 
_atom_site.label_atom_id 
_atom_site.label_alt_id 
_atom_site.label_comp_id 
_atom_site.label_asym_id 
_atom_site.label_entity_id 
_atom_site.label_seq_id 
_atom_site.pdbx_PDB_ins_code 
_atom_site.Cartn_x 
_atom_site.Cartn_y 
_atom_site.Cartn_z 
_atom_site.occupancy 
_atom_site.B_iso_or_equiv 
_atom_site.pdbx_formal_charge 
_atom_site.auth_seq_id 
_atom_site.auth_comp_id 
_atom_site.auth_asym_id 
_atom_site.auth_atom_id 
_atom_site.pdbx_PDB_model_num 
ATOM   1    N N   . GLY A 1 6  ? 8.468   1.079   15.224  1.00 89.91  ? 2236 GLY A N   1 
ATOM   2    C CA  . GLY A 1 6  ? 7.516   0.519   16.239  1.00 90.10  ? 2236 GLY A CA  1 
ATOM   3    C C   . GLY A 1 6  ? 6.035   0.605   15.854  1.00 89.97  ? 2236 GLY A C   1 
ATOM   4    O O   . GLY A 1 6  ? 5.655   1.349   14.925  1.00 89.98  ? 2236 GLY A O   1 
ATOM   5    N N   . GLY A 1 7  ? 5.199   -0.154  16.576  1.00 89.39  ? 2237 GLY A N   1 
ATOM   6    C CA  . GLY A 1 7  ? 3.739   -0.148  16.383  1.00 88.11  ? 2237 GLY A CA  1 
ATOM   7    C C   . GLY A 1 7  ? 3.137   -1.438  15.826  1.00 87.39  ? 2237 GLY A C   1 
ATOM   8    O O   . GLY A 1 7  ? 1.946   -1.689  16.002  1.00 87.30  ? 2237 GLY A O   1 
ATOM   9    N N   . ALA A 1 8  ? 3.960   -2.261  15.166  1.00 86.50  ? 2238 ALA A N   1 
ATOM   10   C CA  . ALA A 1 8  ? 3.508   -3.479  14.464  1.00 85.61  ? 2238 ALA A CA  1 
ATOM   11   C C   . ALA A 1 8  ? 2.724   -4.498  15.299  1.00 85.15  ? 2238 ALA A C   1 
ATOM   12   O O   . ALA A 1 8  ? 1.978   -5.313  14.750  1.00 85.36  ? 2238 ALA A O   1 
ATOM   13   C CB  . ALA A 1 8  ? 4.691   -4.170  13.778  1.00 85.53  ? 2238 ALA A CB  1 
ATOM   14   N N   . HIS A 1 9  ? 2.895   -4.461  16.614  1.00 84.31  ? 2239 HIS A N   1 
ATOM   15   C CA  . HIS A 1 9  ? 2.266   -5.434  17.478  1.00 83.57  ? 2239 HIS A CA  1 
ATOM   16   C C   . HIS A 1 9  ? 0.759   -5.190  17.604  1.00 82.35  ? 2239 HIS A C   1 
ATOM   17   O O   . HIS A 1 9  ? 0.027   -6.063  18.073  1.00 82.76  ? 2239 HIS A O   1 
ATOM   18   C CB  . HIS A 1 9  ? 2.962   -5.479  18.848  1.00 84.16  ? 2239 HIS A CB  1 
ATOM   19   C CG  . HIS A 1 9  ? 2.858   -4.204  19.635  1.00 86.69  ? 2239 HIS A CG  1 
ATOM   20   N ND1 . HIS A 1 9  ? 3.813   -3.205  19.571  1.00 89.11  ? 2239 HIS A ND1 1 
ATOM   21   C CD2 . HIS A 1 9  ? 1.923   -3.775  20.519  1.00 87.86  ? 2239 HIS A CD2 1 
ATOM   22   C CE1 . HIS A 1 9  ? 3.463   -2.212  20.374  1.00 89.37  ? 2239 HIS A CE1 1 
ATOM   23   N NE2 . HIS A 1 9  ? 2.323   -2.536  20.964  1.00 89.36  ? 2239 HIS A NE2 1 
ATOM   24   N N   . LYS A 1 10 ? 0.297   -4.021  17.163  1.00 80.59  ? 2240 LYS A N   1 
ATOM   25   C CA  . LYS A 1 10 ? -1.125  -3.647  17.230  1.00 78.83  ? 2240 LYS A CA  1 
ATOM   26   C C   . LYS A 1 10 ? -1.875  -3.934  15.928  1.00 77.46  ? 2240 LYS A C   1 
ATOM   27   O O   . LYS A 1 10 ? -3.017  -3.498  15.731  1.00 77.96  ? 2240 LYS A O   1 
ATOM   28   C CB  . LYS A 1 10 ? -1.263  -2.172  17.603  1.00 79.04  ? 2240 LYS A CB  1 
ATOM   29   C CG  . LYS A 1 10 ? -0.599  -1.824  18.934  1.00 80.60  ? 2240 LYS A CG  1 
ATOM   30   C CD  . LYS A 1 10 ? -0.982  -0.433  19.420  1.00 83.14  ? 2240 LYS A CD  1 
ATOM   31   C CE  . LYS A 1 10 ? -0.523  -0.205  20.861  1.00 84.68  ? 2240 LYS A CE  1 
ATOM   32   N NZ  . LYS A 1 10 ? -0.966  1.129   21.371  1.00 86.15  ? 2240 LYS A NZ  1 
ATOM   33   N N   . VAL A 1 11 ? -1.228  -4.671  15.039  1.00 75.20  ? 2241 VAL A N   1 
ATOM   34   C CA  . VAL A 1 11 ? -1.784  -4.971  13.741  1.00 73.20  ? 2241 VAL A CA  1 
ATOM   35   C C   . VAL A 1 11 ? -2.130  -6.455  13.686  1.00 72.38  ? 2241 VAL A C   1 
ATOM   36   O O   . VAL A 1 11 ? -1.352  -7.293  14.118  1.00 72.64  ? 2241 VAL A O   1 
ATOM   37   C CB  . VAL A 1 11 ? -0.746  -4.633  12.662  1.00 73.16  ? 2241 VAL A CB  1 
ATOM   38   C CG1 . VAL A 1 11 ? -1.249  -4.984  11.274  1.00 71.98  ? 2241 VAL A CG1 1 
ATOM   39   C CG2 . VAL A 1 11 ? -0.383  -3.179  12.741  1.00 72.43  ? 2241 VAL A CG2 1 
ATOM   40   N N   . ARG A 1 12 ? -3.295  -6.788  13.156  1.00 71.17  ? 2242 ARG A N   1 
ATOM   41   C CA  . ARG A 1 12 ? -3.710  -8.187  13.079  1.00 69.85  ? 2242 ARG A CA  1 
ATOM   42   C C   . ARG A 1 12 ? -4.031  -8.567  11.661  1.00 68.45  ? 2242 ARG A C   1 
ATOM   43   O O   . ARG A 1 12 ? -4.455  -7.737  10.880  1.00 68.57  ? 2242 ARG A O   1 
ATOM   44   C CB  . ARG A 1 12 ? -4.945  -8.419  13.946  1.00 69.81  ? 2242 ARG A CB  1 
ATOM   45   C CG  . ARG A 1 12 ? -4.735  -8.137  15.404  1.00 70.75  ? 2242 ARG A CG  1 
ATOM   46   C CD  . ARG A 1 12 ? -3.871  -9.203  16.106  1.00 73.85  ? 2242 ARG A CD  1 
ATOM   47   N NE  . ARG A 1 12 ? -3.847  -8.930  17.547  1.00 75.84  ? 2242 ARG A NE  1 
ATOM   48   C CZ  . ARG A 1 12 ? -2.951  -8.153  18.157  1.00 76.71  ? 2242 ARG A CZ  1 
ATOM   49   N NH1 . ARG A 1 12 ? -1.960  -7.599  17.464  1.00 77.28  ? 2242 ARG A NH1 1 
ATOM   50   N NH2 . ARG A 1 12 ? -3.036  -7.937  19.467  1.00 75.84  ? 2242 ARG A NH2 1 
ATOM   51   N N   . ALA A 1 13 ? -3.854  -9.826  11.317  1.00 66.93  ? 2243 ALA A N   1 
ATOM   52   C CA  . ALA A 1 13 ? -4.283  -10.253 10.003  1.00 65.63  ? 2243 ALA A CA  1 
ATOM   53   C C   . ALA A 1 13 ? -4.941  -11.606 10.090  1.00 65.05  ? 2243 ALA A C   1 
ATOM   54   O O   . ALA A 1 13 ? -4.646  -12.381 11.002  1.00 64.87  ? 2243 ALA A O   1 
ATOM   55   C CB  . ALA A 1 13 ? -3.113  -10.300 9.060   1.00 65.41  ? 2243 ALA A CB  1 
ATOM   56   N N   . GLY A 1 14 ? -5.824  -11.900 9.143   1.00 64.09  ? 2244 GLY A N   1 
ATOM   57   C CA  . GLY A 1 14 ? -6.412  -13.212 9.090   1.00 63.83  ? 2244 GLY A CA  1 
ATOM   58   C C   . GLY A 1 14 ? -7.206  -13.455 7.841   1.00 63.97  ? 2244 GLY A C   1 
ATOM   59   O O   . GLY A 1 14 ? -7.502  -12.527 7.081   1.00 64.21  ? 2244 GLY A O   1 
ATOM   60   N N   . GLY A 1 15 ? -7.574  -14.708 7.628   1.00 63.60  ? 2245 GLY A N   1 
ATOM   61   C CA  . GLY A 1 15 ? -8.362  -15.019 6.469   1.00 63.82  ? 2245 GLY A CA  1 
ATOM   62   C C   . GLY A 1 15 ? -7.765  -16.180 5.730   1.00 64.05  ? 2245 GLY A C   1 
ATOM   63   O O   . GLY A 1 15 ? -6.605  -16.518 5.967   1.00 64.17  ? 2245 GLY A O   1 
ATOM   64   N N   . PRO A 1 16 ? -8.562  -16.805 4.843   1.00 64.35  ? 2246 PRO A N   1 
ATOM   65   C CA  . PRO A 1 16 ? -8.191  -18.055 4.160   1.00 64.99  ? 2246 PRO A CA  1 
ATOM   66   C C   . PRO A 1 16 ? -6.875  -18.011 3.380   1.00 65.21  ? 2246 PRO A C   1 
ATOM   67   O O   . PRO A 1 16 ? -6.250  -19.049 3.190   1.00 65.55  ? 2246 PRO A O   1 
ATOM   68   C CB  . PRO A 1 16 ? -9.373  -18.333 3.207   1.00 64.97  ? 2246 PRO A CB  1 
ATOM   69   C CG  . PRO A 1 16 ? -10.217 -17.138 3.228   1.00 64.78  ? 2246 PRO A CG  1 
ATOM   70   C CD  . PRO A 1 16 ? -9.907  -16.343 4.463   1.00 63.96  ? 2246 PRO A CD  1 
ATOM   71   N N   . GLY A 1 17 ? -6.465  -16.823 2.943   1.00 65.48  ? 2247 GLY A N   1 
ATOM   72   C CA  . GLY A 1 17 ? -5.229  -16.647 2.176   1.00 65.50  ? 2247 GLY A CA  1 
ATOM   73   C C   . GLY A 1 17 ? -3.984  -16.722 3.042   1.00 65.84  ? 2247 GLY A C   1 
ATOM   74   O O   . GLY A 1 17 ? -2.846  -16.707 2.536   1.00 65.67  ? 2247 GLY A O   1 
ATOM   75   N N   . LEU A 1 18 ? -4.192  -16.805 4.349   1.00 65.87  ? 2248 LEU A N   1 
ATOM   76   C CA  . LEU A 1 18 ? -3.089  -16.920 5.267   1.00 66.12  ? 2248 LEU A CA  1 
ATOM   77   C C   . LEU A 1 18 ? -3.025  -18.334 5.814   1.00 66.82  ? 2248 LEU A C   1 
ATOM   78   O O   . LEU A 1 18 ? -2.359  -18.605 6.826   1.00 66.78  ? 2248 LEU A O   1 
ATOM   79   C CB  . LEU A 1 18 ? -3.244  -15.896 6.379   1.00 65.67  ? 2248 LEU A CB  1 
ATOM   80   C CG  . LEU A 1 18 ? -2.945  -14.502 5.857   1.00 65.50  ? 2248 LEU A CG  1 
ATOM   81   C CD1 . LEU A 1 18 ? -2.975  -13.519 6.999   1.00 66.51  ? 2248 LEU A CD1 1 
ATOM   82   C CD2 . LEU A 1 18 ? -1.600  -14.470 5.164   1.00 64.42  ? 2248 LEU A CD2 1 
ATOM   83   N N   . GLU A 1 19 ? -3.721  -19.242 5.137   1.00 67.49  ? 2249 GLU A N   1 
ATOM   84   C CA  . GLU A 1 19 ? -3.816  -20.603 5.617   1.00 68.62  ? 2249 GLU A CA  1 
ATOM   85   C C   . GLU A 1 19 ? -3.610  -21.656 4.555   1.00 68.18  ? 2249 GLU A C   1 
ATOM   86   O O   . GLU A 1 19 ? -2.901  -22.621 4.785   1.00 68.11  ? 2249 GLU A O   1 
ATOM   87   C CB  . GLU A 1 19 ? -5.129  -20.798 6.353   1.00 69.09  ? 2249 GLU A CB  1 
ATOM   88   C CG  . GLU A 1 19 ? -5.008  -20.388 7.808   1.00 73.76  ? 2249 GLU A CG  1 
ATOM   89   C CD  . GLU A 1 19 ? -6.305  -20.552 8.558   1.00 80.24  ? 2249 GLU A CD  1 
ATOM   90   O OE1 . GLU A 1 19 ? -7.200  -19.687 8.358   1.00 82.05  ? 2249 GLU A OE1 1 
ATOM   91   O OE2 . GLU A 1 19 ? -6.424  -21.544 9.334   1.00 82.45  ? 2249 GLU A OE2 1 
ATOM   92   N N   . ARG A 1 20 ? -4.242  -21.473 3.408   1.00 68.44  ? 2250 ARG A N   1 
ATOM   93   C CA  . ARG A 1 20 ? -3.997  -22.313 2.242   1.00 69.01  ? 2250 ARG A CA  1 
ATOM   94   C C   . ARG A 1 20 ? -4.358  -21.485 1.008   1.00 69.24  ? 2250 ARG A C   1 
ATOM   95   O O   . ARG A 1 20 ? -5.007  -20.454 1.133   1.00 69.33  ? 2250 ARG A O   1 
ATOM   96   C CB  . ARG A 1 20 ? -4.760  -23.669 2.338   1.00 68.99  ? 2250 ARG A CB  1 
ATOM   97   C CG  . ARG A 1 20 ? -6.071  -23.896 1.488   1.00 69.49  ? 2250 ARG A CG  1 
ATOM   98   C CD  . ARG A 1 20 ? -7.413  -23.707 2.258   1.00 69.50  ? 2250 ARG A CD  1 
ATOM   99   N NE  . ARG A 1 20 ? -7.307  -24.095 3.672   1.00 69.56  ? 2250 ARG A NE  1 
ATOM   100  C CZ  . ARG A 1 20 ? -7.967  -23.506 4.672   1.00 68.75  ? 2250 ARG A CZ  1 
ATOM   101  N NH1 . ARG A 1 20 ? -8.807  -22.493 4.434   1.00 67.26  ? 2250 ARG A NH1 1 
ATOM   102  N NH2 . ARG A 1 20 ? -7.770  -23.922 5.919   1.00 67.15  ? 2250 ARG A NH2 1 
ATOM   103  N N   . ALA A 1 21 ? -3.907  -21.904 -0.169  1.00 69.67  ? 2251 ALA A N   1 
ATOM   104  C CA  . ALA A 1 21 ? -4.324  -21.279 -1.423  1.00 70.40  ? 2251 ALA A CA  1 
ATOM   105  C C   . ALA A 1 21 ? -4.209  -22.304 -2.527  1.00 71.08  ? 2251 ALA A C   1 
ATOM   106  O O   . ALA A 1 21 ? -3.799  -23.439 -2.282  1.00 71.10  ? 2251 ALA A O   1 
ATOM   107  C CB  . ALA A 1 21 ? -3.469  -20.060 -1.738  1.00 70.18  ? 2251 ALA A CB  1 
ATOM   108  N N   . GLU A 1 22 ? -4.552  -21.912 -3.742  1.00 71.87  ? 2252 GLU A N   1 
ATOM   109  C CA  . GLU A 1 22 ? -4.488  -22.852 -4.842  1.00 73.84  ? 2252 GLU A CA  1 
ATOM   110  C C   . GLU A 1 22 ? -4.031  -22.155 -6.123  1.00 73.19  ? 2252 GLU A C   1 
ATOM   111  O O   . GLU A 1 22 ? -4.428  -21.018 -6.399  1.00 73.05  ? 2252 GLU A O   1 
ATOM   112  C CB  . GLU A 1 22 ? -5.834  -23.608 -4.974  1.00 73.75  ? 2252 GLU A CB  1 
ATOM   113  C CG  . GLU A 1 22 ? -6.400  -23.808 -6.404  1.00 76.22  ? 2252 GLU A CG  1 
ATOM   114  C CD  . GLU A 1 22 ? -7.793  -24.482 -6.410  1.00 77.34  ? 2252 GLU A CD  1 
ATOM   115  O OE1 . GLU A 1 22 ? -8.551  -24.303 -5.419  1.00 82.55  ? 2252 GLU A OE1 1 
ATOM   116  O OE2 . GLU A 1 22 ? -8.137  -25.185 -7.406  1.00 81.13  ? 2252 GLU A OE2 1 
ATOM   117  N N   . ALA A 1 23 ? -3.186  -22.847 -6.882  1.00 73.10  ? 2253 ALA A N   1 
ATOM   118  C CA  . ALA A 1 23 ? -2.546  -22.283 -8.064  1.00 73.34  ? 2253 ALA A CA  1 
ATOM   119  C C   . ALA A 1 23 ? -3.546  -21.732 -9.076  1.00 73.37  ? 2253 ALA A C   1 
ATOM   120  O O   . ALA A 1 23 ? -4.531  -22.393 -9.410  1.00 73.70  ? 2253 ALA A O   1 
ATOM   121  C CB  . ALA A 1 23 ? -1.644  -23.316 -8.715  1.00 73.66  ? 2253 ALA A CB  1 
ATOM   122  N N   . GLY A 1 24 ? -3.286  -20.513 -9.550  1.00 73.19  ? 2254 GLY A N   1 
ATOM   123  C CA  . GLY A 1 24 ? -4.158  -19.835 -10.513 1.00 72.68  ? 2254 GLY A CA  1 
ATOM   124  C C   . GLY A 1 24 ? -5.393  -19.221 -9.867  1.00 72.37  ? 2254 GLY A C   1 
ATOM   125  O O   . GLY A 1 24 ? -6.120  -18.452 -10.506 1.00 72.41  ? 2254 GLY A O   1 
ATOM   126  N N   . VAL A 1 25 ? -5.623  -19.541 -8.596  1.00 71.48  ? 2255 VAL A N   1 
ATOM   127  C CA  . VAL A 1 25 ? -6.820  -19.077 -7.894  1.00 70.99  ? 2255 VAL A CA  1 
ATOM   128  C C   . VAL A 1 25 ? -6.488  -17.994 -6.868  1.00 69.86  ? 2255 VAL A C   1 
ATOM   129  O O   . VAL A 1 25 ? -5.796  -18.259 -5.874  1.00 69.90  ? 2255 VAL A O   1 
ATOM   130  C CB  . VAL A 1 25 ? -7.621  -20.276 -7.231  1.00 71.52  ? 2255 VAL A CB  1 
ATOM   131  C CG1 . VAL A 1 25 ? -8.625  -19.788 -6.191  1.00 70.14  ? 2255 VAL A CG1 1 
ATOM   132  C CG2 . VAL A 1 25 ? -8.315  -21.112 -8.303  1.00 71.76  ? 2255 VAL A CG2 1 
ATOM   133  N N   . PRO A 1 26 ? -6.997  -16.772 -7.100  1.00 68.82  ? 2256 PRO A N   1 
ATOM   134  C CA  . PRO A 1 26 ? -6.863  -15.646 -6.159  1.00 67.72  ? 2256 PRO A CA  1 
ATOM   135  C C   . PRO A 1 26 ? -7.175  -16.050 -4.728  1.00 66.68  ? 2256 PRO A C   1 
ATOM   136  O O   . PRO A 1 26 ? -8.149  -16.753 -4.474  1.00 67.05  ? 2256 PRO A O   1 
ATOM   137  C CB  . PRO A 1 26 ? -7.886  -14.638 -6.673  1.00 67.12  ? 2256 PRO A CB  1 
ATOM   138  C CG  . PRO A 1 26 ? -7.893  -14.874 -8.156  1.00 68.51  ? 2256 PRO A CG  1 
ATOM   139  C CD  . PRO A 1 26 ? -7.726  -16.381 -8.324  1.00 68.90  ? 2256 PRO A CD  1 
ATOM   140  N N   . ALA A 1 27 ? -6.333  -15.617 -3.811  1.00 65.39  ? 2257 ALA A N   1 
ATOM   141  C CA  . ALA A 1 27 ? -6.431  -16.013 -2.427  1.00 64.56  ? 2257 ALA A CA  1 
ATOM   142  C C   . ALA A 1 27 ? -6.477  -14.729 -1.612  1.00 63.95  ? 2257 ALA A C   1 
ATOM   143  O O   . ALA A 1 27 ? -5.749  -13.787 -1.923  1.00 64.71  ? 2257 ALA A O   1 
ATOM   144  C CB  . ALA A 1 27 ? -5.224  -16.864 -2.047  1.00 64.20  ? 2257 ALA A CB  1 
ATOM   145  N N   . GLU A 1 28 ? -7.326  -14.684 -0.579  1.00 62.54  ? 2258 GLU A N   1 
ATOM   146  C CA  . GLU A 1 28 ? -7.666  -13.422 0.099   1.00 60.44  ? 2258 GLU A CA  1 
ATOM   147  C C   . GLU A 1 28 ? -7.453  -13.483 1.569   1.00 58.52  ? 2258 GLU A C   1 
ATOM   148  O O   . GLU A 1 28 ? -7.672  -14.492 2.183   1.00 58.58  ? 2258 GLU A O   1 
ATOM   149  C CB  . GLU A 1 28 ? -9.124  -13.080 -0.151  1.00 60.32  ? 2258 GLU A CB  1 
ATOM   150  C CG  . GLU A 1 28 ? -9.346  -12.629 -1.565  1.00 63.62  ? 2258 GLU A CG  1 
ATOM   151  C CD  . GLU A 1 28 ? -10.722 -12.931 -2.082  1.00 67.24  ? 2258 GLU A CD  1 
ATOM   152  O OE1 . GLU A 1 28 ? -11.119 -14.131 -2.144  1.00 67.53  ? 2258 GLU A OE1 1 
ATOM   153  O OE2 . GLU A 1 28 ? -11.405 -11.947 -2.439  1.00 69.25  ? 2258 GLU A OE2 1 
ATOM   154  N N   . PHE A 1 29 ? -7.013  -12.389 2.138   1.00 57.07  ? 2259 PHE A N   1 
ATOM   155  C CA  . PHE A 1 29 ? -6.997  -12.261 3.549   1.00 56.28  ? 2259 PHE A CA  1 
ATOM   156  C C   . PHE A 1 29 ? -7.127  -10.810 3.830   1.00 56.62  ? 2259 PHE A C   1 
ATOM   157  O O   . PHE A 1 29 ? -7.226  -10.033 2.884   1.00 56.71  ? 2259 PHE A O   1 
ATOM   158  C CB  . PHE A 1 29 ? -5.747  -12.862 4.150   1.00 56.47  ? 2259 PHE A CB  1 
ATOM   159  C CG  . PHE A 1 29 ? -4.467  -12.150 3.818   1.00 55.74  ? 2259 PHE A CG  1 
ATOM   160  C CD1 . PHE A 1 29 ? -3.663  -12.598 2.787   1.00 55.69  ? 2259 PHE A CD1 1 
ATOM   161  C CD2 . PHE A 1 29 ? -4.014  -11.102 4.599   1.00 57.84  ? 2259 PHE A CD2 1 
ATOM   162  C CE1 . PHE A 1 29 ? -2.448  -11.988 2.499   1.00 56.05  ? 2259 PHE A CE1 1 
ATOM   163  C CE2 . PHE A 1 29 ? -2.791  -10.471 4.317   1.00 57.99  ? 2259 PHE A CE2 1 
ATOM   164  C CZ  . PHE A 1 29 ? -2.010  -10.922 3.273   1.00 56.11  ? 2259 PHE A CZ  1 
ATOM   165  N N   . SER A 1 30 ? -7.177  -10.433 5.105   1.00 56.95  ? 2260 SER A N   1 
ATOM   166  C CA  . SER A 1 30 ? -7.404  -9.039  5.458   1.00 57.88  ? 2260 SER A CA  1 
ATOM   167  C C   . SER A 1 30 ? -6.558  -8.629  6.647   1.00 57.53  ? 2260 SER A C   1 
ATOM   168  O O   . SER A 1 30 ? -6.057  -9.488  7.354   1.00 58.05  ? 2260 SER A O   1 
ATOM   169  C CB  . SER A 1 30 ? -8.883  -8.812  5.757   1.00 58.54  ? 2260 SER A CB  1 
ATOM   170  O OG  . SER A 1 30 ? -9.181  -9.228  7.081   1.00 61.01  ? 2260 SER A OG  1 
ATOM   171  N N   . ILE A 1 31 ? -6.409  -7.322  6.861   1.00 57.33  ? 2261 ILE A N   1 
ATOM   172  C CA  . ILE A 1 31 ? -5.494  -6.768  7.861   1.00 57.23  ? 2261 ILE A CA  1 
ATOM   173  C C   . ILE A 1 31 ? -6.190  -5.652  8.616   1.00 58.23  ? 2261 ILE A C   1 
ATOM   174  O O   . ILE A 1 31 ? -6.885  -4.833  8.026   1.00 58.31  ? 2261 ILE A O   1 
ATOM   175  C CB  . ILE A 1 31 ? -4.193  -6.184  7.206   1.00 56.99  ? 2261 ILE A CB  1 
ATOM   176  C CG1 . ILE A 1 31 ? -3.537  -7.200  6.273   1.00 56.11  ? 2261 ILE A CG1 1 
ATOM   177  C CG2 . ILE A 1 31 ? -3.169  -5.752  8.260   1.00 55.65  ? 2261 ILE A CG2 1 
ATOM   178  C CD1 . ILE A 1 31 ? -2.565  -6.615  5.310   1.00 54.85  ? 2261 ILE A CD1 1 
ATOM   179  N N   . TRP A 1 32 ? -5.997  -5.604  9.921   1.00 59.54  ? 2262 TRP A N   1 
ATOM   180  C CA  . TRP A 1 32 ? -6.615  -4.579  10.716  1.00 60.80  ? 2262 TRP A CA  1 
ATOM   181  C C   . TRP A 1 32 ? -5.542  -3.633  11.190  1.00 62.94  ? 2262 TRP A C   1 
ATOM   182  O O   . TRP A 1 32 ? -4.633  -4.027  11.914  1.00 63.38  ? 2262 TRP A O   1 
ATOM   183  C CB  . TRP A 1 32 ? -7.316  -5.212  11.891  1.00 59.72  ? 2262 TRP A CB  1 
ATOM   184  C CG  . TRP A 1 32 ? -8.062  -4.254  12.711  1.00 58.51  ? 2262 TRP A CG  1 
ATOM   185  C CD1 . TRP A 1 32 ? -7.644  -3.684  13.872  1.00 57.96  ? 2262 TRP A CD1 1 
ATOM   186  C CD2 . TRP A 1 32 ? -9.380  -3.748  12.458  1.00 55.54  ? 2262 TRP A CD2 1 
ATOM   187  N NE1 . TRP A 1 32 ? -8.617  -2.839  14.350  1.00 57.71  ? 2262 TRP A NE1 1 
ATOM   188  C CE2 . TRP A 1 32 ? -9.692  -2.865  13.504  1.00 56.12  ? 2262 TRP A CE2 1 
ATOM   189  C CE3 . TRP A 1 32 ? -10.318 -3.956  11.450  1.00 55.93  ? 2262 TRP A CE3 1 
ATOM   190  C CZ2 . TRP A 1 32 ? -10.908 -2.193  13.580  1.00 57.75  ? 2262 TRP A CZ2 1 
ATOM   191  C CZ3 . TRP A 1 32 ? -11.527 -3.280  11.513  1.00 57.71  ? 2262 TRP A CZ3 1 
ATOM   192  C CH2 . TRP A 1 32 ? -11.813 -2.408  12.571  1.00 58.35  ? 2262 TRP A CH2 1 
ATOM   193  N N   . THR A 1 33 ? -5.677  -2.373  10.793  1.00 65.64  ? 2263 THR A N   1 
ATOM   194  C CA  . THR A 1 33 ? -4.643  -1.357  10.982  1.00 68.09  ? 2263 THR A CA  1 
ATOM   195  C C   . THR A 1 33 ? -5.090  -0.202  11.851  1.00 69.90  ? 2263 THR A C   1 
ATOM   196  O O   . THR A 1 33 ? -4.258  0.552   12.383  1.00 71.31  ? 2263 THR A O   1 
ATOM   197  C CB  . THR A 1 33 ? -4.283  -0.745  9.646   1.00 67.83  ? 2263 THR A CB  1 
ATOM   198  O OG1 . THR A 1 33 ? -5.450  -0.730  8.815   1.00 67.92  ? 2263 THR A OG1 1 
ATOM   199  C CG2 . THR A 1 33 ? -3.229  -1.578  8.969   1.00 68.83  ? 2263 THR A CG2 1 
ATOM   200  N N   . ARG A 1 34 ? -6.405  -0.053  11.977  1.00 71.44  ? 2264 ARG A N   1 
ATOM   201  C CA  . ARG A 1 34 ? -7.031  1.083   12.665  1.00 72.53  ? 2264 ARG A CA  1 
ATOM   202  C C   . ARG A 1 34 ? -6.593  1.251   14.116  1.00 73.34  ? 2264 ARG A C   1 
ATOM   203  O O   . ARG A 1 34 ? -7.020  2.175   14.781  1.00 73.94  ? 2264 ARG A O   1 
ATOM   204  C CB  . ARG A 1 34 ? -8.554  0.959   12.584  1.00 72.28  ? 2264 ARG A CB  1 
ATOM   205  C CG  . ARG A 1 34 ? -9.002  0.295   11.283  1.00 72.68  ? 2264 ARG A CG  1 
ATOM   206  C CD  . ARG A 1 34 ? -10.435 0.621   10.942  1.00 73.97  ? 2264 ARG A CD  1 
ATOM   207  N NE  . ARG A 1 34 ? -10.571 1.899   10.244  1.00 74.16  ? 2264 ARG A NE  1 
ATOM   208  C CZ  . ARG A 1 34 ? -10.829 3.064   10.839  1.00 75.14  ? 2264 ARG A CZ  1 
ATOM   209  N NH1 . ARG A 1 34 ? -10.966 3.153   12.171  1.00 74.83  ? 2264 ARG A NH1 1 
ATOM   210  N NH2 . ARG A 1 34 ? -10.949 4.150   10.089  1.00 75.53  ? 2264 ARG A NH2 1 
ATOM   211  N N   . GLU A 1 35 ? -5.745  0.363   14.612  1.00 74.65  ? 2265 GLU A N   1 
ATOM   212  C CA  . GLU A 1 35 ? -5.296  0.470   15.990  1.00 75.94  ? 2265 GLU A CA  1 
ATOM   213  C C   . GLU A 1 35 ? -3.790  0.731   16.030  1.00 76.20  ? 2265 GLU A C   1 
ATOM   214  O O   . GLU A 1 35 ? -3.165  0.671   17.086  1.00 76.41  ? 2265 GLU A O   1 
ATOM   215  C CB  . GLU A 1 35 ? -5.734  -0.771  16.804  1.00 76.22  ? 2265 GLU A CB  1 
ATOM   216  C CG  . GLU A 1 35 ? -7.001  -0.559  17.719  1.00 78.17  ? 2265 GLU A CG  1 
ATOM   217  C CD  . GLU A 1 35 ? -8.355  -0.377  16.971  1.00 81.10  ? 2265 GLU A CD  1 
ATOM   218  O OE1 . GLU A 1 35 ? -8.638  -1.149  16.027  1.00 81.53  ? 2265 GLU A OE1 1 
ATOM   219  O OE2 . GLU A 1 35 ? -9.160  0.529   17.344  1.00 81.69  ? 2265 GLU A OE2 1 
ATOM   220  N N   . ALA A 1 36 ? -3.220  1.043   14.868  1.00 76.48  ? 2266 ALA A N   1 
ATOM   221  C CA  . ALA A 1 36 ? -1.800  1.378   14.769  1.00 77.12  ? 2266 ALA A CA  1 
ATOM   222  C C   . ALA A 1 36 ? -1.520  2.725   14.066  1.00 77.46  ? 2266 ALA A C   1 
ATOM   223  O O   . ALA A 1 36 ? -0.371  3.192   14.037  1.00 77.95  ? 2266 ALA A O   1 
ATOM   224  C CB  . ALA A 1 36 ? -1.024  0.245   14.108  1.00 76.86  ? 2266 ALA A CB  1 
ATOM   225  N N   . GLY A 1 37 ? -2.558  3.348   13.506  1.00 77.10  ? 2267 GLY A N   1 
ATOM   226  C CA  . GLY A 1 37 ? -2.419  4.687   12.930  1.00 76.18  ? 2267 GLY A CA  1 
ATOM   227  C C   . GLY A 1 37 ? -1.648  4.698   11.618  1.00 75.46  ? 2267 GLY A C   1 
ATOM   228  O O   . GLY A 1 37 ? -1.749  3.746   10.826  1.00 75.98  ? 2267 GLY A O   1 
ATOM   229  N N   . ALA A 1 38 ? -0.884  5.777   11.391  1.00 73.79  ? 2268 ALA A N   1 
ATOM   230  C CA  . ALA A 1 38 ? -0.105  5.987   10.152  1.00 71.42  ? 2268 ALA A CA  1 
ATOM   231  C C   . ALA A 1 38 ? 1.095   5.050   10.085  1.00 69.45  ? 2268 ALA A C   1 
ATOM   232  O O   . ALA A 1 38 ? 1.623   4.667   11.122  1.00 69.52  ? 2268 ALA A O   1 
ATOM   233  C CB  . ALA A 1 38 ? 0.367   7.445   10.079  1.00 71.92  ? 2268 ALA A CB  1 
ATOM   234  N N   . GLY A 1 39 ? 1.522   4.680   8.882   1.00 66.74  ? 2269 GLY A N   1 
ATOM   235  C CA  . GLY A 1 39 ? 2.673   3.803   8.730   1.00 64.11  ? 2269 GLY A CA  1 
ATOM   236  C C   . GLY A 1 39 ? 2.737   3.103   7.389   1.00 62.61  ? 2269 GLY A C   1 
ATOM   237  O O   . GLY A 1 39 ? 2.060   3.494   6.452   1.00 62.34  ? 2269 GLY A O   1 
ATOM   238  N N   . GLY A 1 40 ? 3.553   2.057   7.292   1.00 61.42  ? 2270 GLY A N   1 
ATOM   239  C CA  . GLY A 1 40 ? 3.688   1.304   6.052   1.00 60.07  ? 2270 GLY A CA  1 
ATOM   240  C C   . GLY A 1 40 ? 3.484   -0.184  6.230   1.00 59.32  ? 2270 GLY A C   1 
ATOM   241  O O   . GLY A 1 40 ? 4.052   -0.786  7.125   1.00 60.09  ? 2270 GLY A O   1 
ATOM   242  N N   . LEU A 1 41 ? 2.655   -0.778  5.388   1.00 57.97  ? 2271 LEU A N   1 
ATOM   243  C CA  . LEU A 1 41 ? 2.544   -2.207  5.331   1.00 56.50  ? 2271 LEU A CA  1 
ATOM   244  C C   . LEU A 1 41 ? 3.468   -2.668  4.268   1.00 56.14  ? 2271 LEU A C   1 
ATOM   245  O O   . LEU A 1 41 ? 3.629   -1.992  3.268   1.00 57.21  ? 2271 LEU A O   1 
ATOM   246  C CB  . LEU A 1 41 ? 1.134   -2.637  4.917   1.00 56.51  ? 2271 LEU A CB  1 
ATOM   247  C CG  . LEU A 1 41 ? 0.126   -3.070  5.969   1.00 54.83  ? 2271 LEU A CG  1 
ATOM   248  C CD1 . LEU A 1 41 ? 0.779   -3.842  7.085   1.00 51.50  ? 2271 LEU A CD1 1 
ATOM   249  C CD2 . LEU A 1 41 ? -0.447  -1.846  6.543   1.00 55.47  ? 2271 LEU A CD2 1 
ATOM   250  N N   . ALA A 1 42 ? 4.040   -3.842  4.457   1.00 55.50  ? 2272 ALA A N   1 
ATOM   251  C CA  . ALA A 1 42 ? 4.774   -4.514  3.415   1.00 55.22  ? 2272 ALA A CA  1 
ATOM   252  C C   . ALA A 1 42 ? 4.283   -5.992  3.330   1.00 55.86  ? 2272 ALA A C   1 
ATOM   253  O O   . ALA A 1 42 ? 4.037   -6.663  4.344   1.00 56.25  ? 2272 ALA A O   1 
ATOM   254  C CB  . ALA A 1 42 ? 6.255   -4.423  3.696   1.00 53.94  ? 2272 ALA A CB  1 
ATOM   255  N N   . ILE A 1 43 ? 4.105   -6.481  2.121   1.00 55.74  ? 2273 ILE A N   1 
ATOM   256  C CA  . ILE A 1 43 ? 3.652   -7.819  1.939   1.00 56.32  ? 2273 ILE A CA  1 
ATOM   257  C C   . ILE A 1 43 ? 4.673   -8.464  1.032   1.00 57.16  ? 2273 ILE A C   1 
ATOM   258  O O   . ILE A 1 43 ? 5.002   -7.916  -0.037  1.00 57.86  ? 2273 ILE A O   1 
ATOM   259  C CB  . ILE A 1 43 ? 2.221   -7.874  1.312   1.00 56.28  ? 2273 ILE A CB  1 
ATOM   260  C CG1 . ILE A 1 43 ? 1.146   -7.744  2.376   1.00 56.33  ? 2273 ILE A CG1 1 
ATOM   261  C CG2 . ILE A 1 43 ? 1.949   -9.205  0.688   1.00 55.59  ? 2273 ILE A CG2 1 
ATOM   262  C CD1 . ILE A 1 43 ? 0.975   -6.373  2.900   1.00 58.20  ? 2273 ILE A CD1 1 
ATOM   263  N N   . ALA A 1 44 ? 5.194   -9.612  1.470   1.00 57.31  ? 2274 ALA A N   1 
ATOM   264  C CA  . ALA A 1 44 ? 6.123   -10.395 0.680   1.00 57.04  ? 2274 ALA A CA  1 
ATOM   265  C C   . ALA A 1 44 ? 5.574   -11.799 0.562   1.00 57.50  ? 2274 ALA A C   1 
ATOM   266  O O   . ALA A 1 44 ? 4.991   -12.327 1.516   1.00 58.72  ? 2274 ALA A O   1 
ATOM   267  C CB  . ALA A 1 44 ? 7.456   -10.406 1.337   1.00 56.42  ? 2274 ALA A CB  1 
ATOM   268  N N   . VAL A 1 45 ? 5.762   -12.406 -0.597  1.00 57.43  ? 2275 VAL A N   1 
ATOM   269  C CA  . VAL A 1 45 ? 5.319   -13.761 -0.853  1.00 57.69  ? 2275 VAL A CA  1 
ATOM   270  C C   . VAL A 1 45 ? 6.522   -14.525 -1.405  1.00 58.73  ? 2275 VAL A C   1 
ATOM   271  O O   . VAL A 1 45 ? 7.001   -14.243 -2.516  1.00 58.23  ? 2275 VAL A O   1 
ATOM   272  C CB  . VAL A 1 45 ? 4.165   -13.762 -1.865  1.00 57.55  ? 2275 VAL A CB  1 
ATOM   273  C CG1 . VAL A 1 45 ? 3.794   -15.172 -2.343  1.00 56.62  ? 2275 VAL A CG1 1 
ATOM   274  C CG2 . VAL A 1 45 ? 2.991   -13.097 -1.258  1.00 57.75  ? 2275 VAL A CG2 1 
ATOM   275  N N   . GLU A 1 46 ? 6.996   -15.499 -0.624  1.00 59.77  ? 2276 GLU A N   1 
ATOM   276  C CA  . GLU A 1 46 ? 8.194   -16.278 -0.959  1.00 60.90  ? 2276 GLU A CA  1 
ATOM   277  C C   . GLU A 1 46 ? 7.883   -17.733 -1.386  1.00 60.72  ? 2276 GLU A C   1 
ATOM   278  O O   . GLU A 1 46 ? 7.087   -18.393 -0.733  1.00 61.56  ? 2276 GLU A O   1 
ATOM   279  C CB  . GLU A 1 46 ? 9.123   -16.257 0.247   1.00 61.01  ? 2276 GLU A CB  1 
ATOM   280  C CG  . GLU A 1 46 ? 10.568  -16.250 -0.128  1.00 64.26  ? 2276 GLU A CG  1 
ATOM   281  C CD  . GLU A 1 46 ? 11.466  -16.534 1.050   1.00 70.43  ? 2276 GLU A CD  1 
ATOM   282  O OE1 . GLU A 1 46 ? 12.135  -17.595 0.995   1.00 73.78  ? 2276 GLU A OE1 1 
ATOM   283  O OE2 . GLU A 1 46 ? 11.499  -15.725 2.023   1.00 70.67  ? 2276 GLU A OE2 1 
ATOM   284  N N   . GLY A 1 47 ? 8.497   -18.230 -2.459  1.00 60.13  ? 2277 GLY A N   1 
ATOM   285  C CA  . GLY A 1 47 ? 8.240   -19.590 -2.902  1.00 60.13  ? 2277 GLY A CA  1 
ATOM   286  C C   . GLY A 1 47 ? 8.526   -19.855 -4.373  1.00 61.17  ? 2277 GLY A C   1 
ATOM   287  O O   . GLY A 1 47 ? 9.170   -19.069 -5.050  1.00 61.43  ? 2277 GLY A O   1 
ATOM   288  N N   . PRO A 1 48 ? 8.059   -20.989 -4.880  1.00 61.97  ? 2278 PRO A N   1 
ATOM   289  C CA  . PRO A 1 48 ? 8.382   -21.487 -6.218  1.00 62.80  ? 2278 PRO A CA  1 
ATOM   290  C C   . PRO A 1 48 ? 8.109   -20.597 -7.424  1.00 63.72  ? 2278 PRO A C   1 
ATOM   291  O O   . PRO A 1 48 ? 8.768   -20.764 -8.437  1.00 64.15  ? 2278 PRO A O   1 
ATOM   292  C CB  . PRO A 1 48 ? 7.531   -22.759 -6.324  1.00 63.04  ? 2278 PRO A CB  1 
ATOM   293  C CG  . PRO A 1 48 ? 7.358   -23.201 -4.919  1.00 62.59  ? 2278 PRO A CG  1 
ATOM   294  C CD  . PRO A 1 48 ? 7.229   -21.944 -4.125  1.00 62.04  ? 2278 PRO A CD  1 
ATOM   295  N N   . SER A 1 49 ? 7.121   -19.708 -7.368  1.00 64.94  ? 2279 SER A N   1 
ATOM   296  C CA  . SER A 1 49 ? 6.871   -18.776 -8.498  1.00 65.39  ? 2279 SER A CA  1 
ATOM   297  C C   . SER A 1 49 ? 6.510   -17.394 -8.012  1.00 65.52  ? 2279 SER A C   1 
ATOM   298  O O   . SER A 1 49 ? 6.365   -17.175 -6.811  1.00 64.92  ? 2279 SER A O   1 
ATOM   299  C CB  . SER A 1 49 ? 5.801   -19.295 -9.461  1.00 65.49  ? 2279 SER A CB  1 
ATOM   300  O OG  . SER A 1 49 ? 4.578   -19.543 -8.789  1.00 66.58  ? 2279 SER A OG  1 
ATOM   301  N N   . LYS A 1 50 ? 6.393   -16.459 -8.953  1.00 66.29  ? 2280 LYS A N   1 
ATOM   302  C CA  . LYS A 1 50 ? 6.008   -15.090 -8.622  1.00 67.18  ? 2280 LYS A CA  1 
ATOM   303  C C   . LYS A 1 50 ? 4.544   -15.013 -8.228  1.00 66.72  ? 2280 LYS A C   1 
ATOM   304  O O   . LYS A 1 50 ? 3.704   -15.819 -8.706  1.00 66.57  ? 2280 LYS A O   1 
ATOM   305  C CB  . LYS A 1 50 ? 6.251   -14.154 -9.803  1.00 67.18  ? 2280 LYS A CB  1 
ATOM   306  C CG  . LYS A 1 50 ? 5.596   -14.605 -11.095 1.00 68.95  ? 2280 LYS A CG  1 
ATOM   307  C CD  . LYS A 1 50 ? 5.781   -13.578 -12.210 1.00 69.84  ? 2280 LYS A CD  1 
ATOM   308  C CE  . LYS A 1 50 ? 5.268   -14.158 -13.551 1.00 74.95  ? 2280 LYS A CE  1 
ATOM   309  N NZ  . LYS A 1 50 ? 5.939   -13.552 -14.764 1.00 75.72  ? 2280 LYS A NZ  1 
ATOM   310  N N   . ALA A 1 51 ? 4.263   -14.040 -7.358  1.00 66.10  ? 2281 ALA A N   1 
ATOM   311  C CA  . ALA A 1 51 ? 2.898   -13.627 -7.006  1.00 65.48  ? 2281 ALA A CA  1 
ATOM   312  C C   . ALA A 1 51 ? 2.480   -12.242 -7.556  1.00 65.46  ? 2281 ALA A C   1 
ATOM   313  O O   . ALA A 1 51 ? 3.247   -11.261 -7.518  1.00 65.03  ? 2281 ALA A O   1 
ATOM   314  C CB  . ALA A 1 51 ? 2.737   -13.638 -5.502  1.00 65.20  ? 2281 ALA A CB  1 
ATOM   315  N N   . GLU A 1 52 ? 1.248   -12.176 -8.056  1.00 65.35  ? 2282 GLU A N   1 
ATOM   316  C CA  . GLU A 1 52 ? 0.542   -10.909 -8.214  1.00 64.84  ? 2282 GLU A CA  1 
ATOM   317  C C   . GLU A 1 52 ? -0.199  -10.623 -6.921  1.00 63.53  ? 2282 GLU A C   1 
ATOM   318  O O   . GLU A 1 52 ? -0.891  -11.490 -6.409  1.00 63.46  ? 2282 GLU A O   1 
ATOM   319  C CB  . GLU A 1 52 ? -0.462  -10.994 -9.339  1.00 65.59  ? 2282 GLU A CB  1 
ATOM   320  C CG  . GLU A 1 52 ? 0.018   -11.829 -10.502 1.00 70.28  ? 2282 GLU A CG  1 
ATOM   321  C CD  . GLU A 1 52 ? -0.473  -11.291 -11.836 1.00 75.71  ? 2282 GLU A CD  1 
ATOM   322  O OE1 . GLU A 1 52 ? 0.397   -10.829 -12.629 1.00 76.98  ? 2282 GLU A OE1 1 
ATOM   323  O OE2 . GLU A 1 52 ? -1.719  -11.318 -12.072 1.00 77.35  ? 2282 GLU A OE2 1 
ATOM   324  N N   . ILE A 1 53 ? -0.045  -9.402  -6.423  1.00 62.04  ? 2283 ILE A N   1 
ATOM   325  C CA  . ILE A 1 53 ? -0.601  -8.932  -5.172  1.00 60.86  ? 2283 ILE A CA  1 
ATOM   326  C C   . ILE A 1 53 ? -1.289  -7.584  -5.430  1.00 61.33  ? 2283 ILE A C   1 
ATOM   327  O O   . ILE A 1 53 ? -0.851  -6.824  -6.284  1.00 61.17  ? 2283 ILE A O   1 
ATOM   328  C CB  . ILE A 1 53 ? 0.528   -8.701  -4.171  1.00 60.16  ? 2283 ILE A CB  1 
ATOM   329  C CG1 . ILE A 1 53 ? 1.449   -9.915  -4.151  1.00 59.50  ? 2283 ILE A CG1 1 
ATOM   330  C CG2 . ILE A 1 53 ? 0.003   -8.329  -2.777  1.00 58.00  ? 2283 ILE A CG2 1 
ATOM   331  C CD1 . ILE A 1 53 ? 2.814   -9.674  -3.494  1.00 57.30  ? 2283 ILE A CD1 1 
ATOM   332  N N   . SER A 1 54 ? -2.371  -7.301  -4.709  1.00 61.70  ? 2284 SER A N   1 
ATOM   333  C CA  . SER A 1 54 ? -2.930  -5.947  -4.661  1.00 62.38  ? 2284 SER A CA  1 
ATOM   334  C C   . SER A 1 54 ? -3.655  -5.744  -3.370  1.00 62.42  ? 2284 SER A C   1 
ATOM   335  O O   . SER A 1 54 ? -4.150  -6.701  -2.791  1.00 63.01  ? 2284 SER A O   1 
ATOM   336  C CB  . SER A 1 54 ? -3.898  -5.701  -5.801  1.00 62.52  ? 2284 SER A CB  1 
ATOM   337  O OG  . SER A 1 54 ? -4.760  -6.807  -5.886  1.00 64.08  ? 2284 SER A OG  1 
ATOM   338  N N   . PHE A 1 55 ? -3.681  -4.501  -2.908  1.00 63.02  ? 2285 PHE A N   1 
ATOM   339  C CA  . PHE A 1 55 ? -4.480  -4.112  -1.767  1.00 64.06  ? 2285 PHE A CA  1 
ATOM   340  C C   . PHE A 1 55 ? -5.855  -3.745  -2.236  1.00 65.00  ? 2285 PHE A C   1 
ATOM   341  O O   . PHE A 1 55 ? -6.059  -3.383  -3.400  1.00 65.77  ? 2285 PHE A O   1 
ATOM   342  C CB  . PHE A 1 55 ? -3.877  -2.915  -1.053  1.00 63.56  ? 2285 PHE A CB  1 
ATOM   343  C CG  . PHE A 1 55 ? -2.630  -3.238  -0.302  1.00 64.15  ? 2285 PHE A CG  1 
ATOM   344  C CD1 . PHE A 1 55 ? -2.662  -3.428  1.067   1.00 63.05  ? 2285 PHE A CD1 1 
ATOM   345  C CD2 . PHE A 1 55 ? -1.414  -3.372  -0.969  1.00 66.06  ? 2285 PHE A CD2 1 
ATOM   346  C CE1 . PHE A 1 55 ? -1.509  -3.741  1.764   1.00 63.58  ? 2285 PHE A CE1 1 
ATOM   347  C CE2 . PHE A 1 55 ? -0.231  -3.681  -0.272  1.00 66.08  ? 2285 PHE A CE2 1 
ATOM   348  C CZ  . PHE A 1 55 ? -0.284  -3.872  1.095   1.00 64.24  ? 2285 PHE A CZ  1 
ATOM   349  N N   . GLU A 1 56 ? -6.808  -3.856  -1.325  1.00 66.14  ? 2286 GLU A N   1 
ATOM   350  C CA  . GLU A 1 56 ? -8.096  -3.249  -1.522  1.00 66.89  ? 2286 GLU A CA  1 
ATOM   351  C C   . GLU A 1 56 ? -8.389  -2.456  -0.274  1.00 66.93  ? 2286 GLU A C   1 
ATOM   352  O O   . GLU A 1 56 ? -8.603  -3.014  0.775   1.00 67.40  ? 2286 GLU A O   1 
ATOM   353  C CB  . GLU A 1 56 ? -9.151  -4.295  -1.812  1.00 66.82  ? 2286 GLU A CB  1 
ATOM   354  C CG  . GLU A 1 56 ? -10.136 -3.788  -2.840  1.00 69.46  ? 2286 GLU A CG  1 
ATOM   355  C CD  . GLU A 1 56 ? -11.161 -4.823  -3.234  1.00 73.16  ? 2286 GLU A CD  1 
ATOM   356  O OE1 . GLU A 1 56 ? -11.208 -5.169  -4.444  1.00 75.82  ? 2286 GLU A OE1 1 
ATOM   357  O OE2 . GLU A 1 56 ? -11.931 -5.280  -2.348  1.00 72.91  ? 2286 GLU A OE2 1 
ATOM   358  N N   . ASP A 1 57 ? -8.326  -1.145  -0.386  1.00 67.61  ? 2287 ASP A N   1 
ATOM   359  C CA  . ASP A 1 57 ? -8.531  -0.264  0.743   1.00 68.62  ? 2287 ASP A CA  1 
ATOM   360  C C   . ASP A 1 57 ? -9.880  0.408   0.529   1.00 68.53  ? 2287 ASP A C   1 
ATOM   361  O O   . ASP A 1 57 ? -9.977  1.316   -0.280  1.00 68.28  ? 2287 ASP A O   1 
ATOM   362  C CB  . ASP A 1 57 ? -7.405  0.780   0.793   1.00 68.92  ? 2287 ASP A CB  1 
ATOM   363  C CG  . ASP A 1 57 ? -7.709  1.946   1.741   1.00 71.79  ? 2287 ASP A CG  1 
ATOM   364  O OD1 . ASP A 1 57 ? -7.137  3.049   1.538   1.00 73.46  ? 2287 ASP A OD1 1 
ATOM   365  O OD2 . ASP A 1 57 ? -8.523  1.773   2.692   1.00 75.88  ? 2287 ASP A OD2 1 
ATOM   366  N N   . ARG A 1 58 ? -10.911 -0.029  1.254   1.00 68.85  ? 2288 ARG A N   1 
ATOM   367  C CA  . ARG A 1 58 ? -12.289 0.388   0.936   1.00 69.15  ? 2288 ARG A CA  1 
ATOM   368  C C   . ARG A 1 58 ? -12.928 1.342   1.974   1.00 69.89  ? 2288 ARG A C   1 
ATOM   369  O O   . ARG A 1 58 ? -12.312 1.656   3.004   1.00 69.97  ? 2288 ARG A O   1 
ATOM   370  C CB  . ARG A 1 58 ? -13.148 -0.837  0.656   1.00 68.69  ? 2288 ARG A CB  1 
ATOM   371  C CG  . ARG A 1 58 ? -12.776 -1.998  1.553   1.00 67.48  ? 2288 ARG A CG  1 
ATOM   372  C CD  . ARG A 1 58 ? -13.222 -3.358  1.014   1.00 66.66  ? 2288 ARG A CD  1 
ATOM   373  N NE  . ARG A 1 58 ? -12.633 -4.435  1.818   1.00 66.16  ? 2288 ARG A NE  1 
ATOM   374  C CZ  . ARG A 1 58 ? -12.389 -5.665  1.369   1.00 65.38  ? 2288 ARG A CZ  1 
ATOM   375  N NH1 . ARG A 1 58 ? -12.684 -5.987  0.125   1.00 66.97  ? 2288 ARG A NH1 1 
ATOM   376  N NH2 . ARG A 1 58 ? -11.837 -6.573  2.153   1.00 63.53  ? 2288 ARG A NH2 1 
ATOM   377  N N   . LYS A 1 59 ? -14.153 1.801   1.695   1.00 70.68  ? 2289 LYS A N   1 
ATOM   378  C CA  . LYS A 1 59 ? -14.783 2.857   2.498   1.00 71.74  ? 2289 LYS A CA  1 
ATOM   379  C C   . LYS A 1 59 ? -15.263 2.425   3.883   1.00 72.45  ? 2289 LYS A C   1 
ATOM   380  O O   . LYS A 1 59 ? -15.783 3.248   4.625   1.00 73.09  ? 2289 LYS A O   1 
ATOM   381  C CB  . LYS A 1 59 ? -15.947 3.542   1.776   1.00 71.77  ? 2289 LYS A CB  1 
ATOM   382  C CG  . LYS A 1 59 ? -15.769 3.833   0.289   1.00 73.85  ? 2289 LYS A CG  1 
ATOM   383  C CD  . LYS A 1 59 ? -16.076 2.594   -0.586  1.00 77.21  ? 2289 LYS A CD  1 
ATOM   384  C CE  . LYS A 1 59 ? -16.573 2.993   -1.981  1.00 79.23  ? 2289 LYS A CE  1 
ATOM   385  N NZ  . LYS A 1 59 ? -17.869 3.748   -1.934  1.00 79.47  ? 2289 LYS A NZ  1 
ATOM   386  N N   . ASP A 1 60 ? -15.109 1.158   4.246   1.00 72.90  ? 2290 ASP A N   1 
ATOM   387  C CA  . ASP A 1 60 ? -15.319 0.759   5.632   1.00 72.99  ? 2290 ASP A CA  1 
ATOM   388  C C   . ASP A 1 60 ? -14.142 1.193   6.424   1.00 72.86  ? 2290 ASP A C   1 
ATOM   389  O O   . ASP A 1 60 ? -14.265 1.407   7.630   1.00 73.26  ? 2290 ASP A O   1 
ATOM   390  C CB  . ASP A 1 60 ? -15.335 -0.741  5.765   1.00 73.54  ? 2290 ASP A CB  1 
ATOM   391  C CG  . ASP A 1 60 ? -16.153 -1.384  4.726   1.00 76.18  ? 2290 ASP A CG  1 
ATOM   392  O OD1 . ASP A 1 60 ? -16.703 -2.471  5.024   1.00 79.93  ? 2290 ASP A OD1 1 
ATOM   393  O OD2 . ASP A 1 60 ? -16.262 -0.792  3.620   1.00 78.31  ? 2290 ASP A OD2 1 
ATOM   394  N N   . GLY A 1 61 ? -12.992 1.281   5.751   1.00 72.35  ? 2291 GLY A N   1 
ATOM   395  C CA  . GLY A 1 61 ? -11.699 1.356   6.429   1.00 71.87  ? 2291 GLY A CA  1 
ATOM   396  C C   . GLY A 1 61 ? -11.212 -0.042  6.775   1.00 71.22  ? 2291 GLY A C   1 
ATOM   397  O O   . GLY A 1 61 ? -10.517 -0.265  7.767   1.00 71.49  ? 2291 GLY A O   1 
ATOM   398  N N   . SER A 1 62 ? -11.617 -1.003  5.968   1.00 70.44  ? 2292 SER A N   1 
ATOM   399  C CA  . SER A 1 62 ? -11.044 -2.323  6.052   1.00 69.74  ? 2292 SER A CA  1 
ATOM   400  C C   . SER A 1 62 ? -9.933  -2.350  5.036   1.00 69.11  ? 2292 SER A C   1 
ATOM   401  O O   . SER A 1 62 ? -9.976  -1.634  4.025   1.00 69.16  ? 2292 SER A O   1 
ATOM   402  C CB  . SER A 1 62 ? -12.090 -3.388  5.713   1.00 69.88  ? 2292 SER A CB  1 
ATOM   403  O OG  . SER A 1 62 ? -12.958 -2.937  4.685   1.00 70.59  ? 2292 SER A OG  1 
ATOM   404  N N   . CYS A 1 63 ? -8.932  -3.170  5.310   1.00 68.54  ? 2293 CYS A N   1 
ATOM   405  C CA  . CYS A 1 63 ? -7.840  -3.346  4.391   1.00 67.20  ? 2293 CYS A CA  1 
ATOM   406  C C   . CYS A 1 63 ? -7.775  -4.791  3.947   1.00 66.08  ? 2293 CYS A C   1 
ATOM   407  O O   . CYS A 1 63 ? -7.658  -5.704  4.770   1.00 66.45  ? 2293 CYS A O   1 
ATOM   408  C CB  . CYS A 1 63 ? -6.522  -2.902  5.032   1.00 67.19  ? 2293 CYS A CB  1 
ATOM   409  S SG  . CYS A 1 63 ? -5.238  -2.530  3.791   1.00 70.41  ? 2293 CYS A SG  1 
ATOM   410  N N   . GLY A 1 64 ? -7.861  -5.007  2.641   1.00 64.78  ? 2294 GLY A N   1 
ATOM   411  C CA  . GLY A 1 64 ? -7.764  -6.358  2.092   1.00 63.42  ? 2294 GLY A CA  1 
ATOM   412  C C   . GLY A 1 64 ? -6.549  -6.595  1.215   1.00 62.18  ? 2294 GLY A C   1 
ATOM   413  O O   . GLY A 1 64 ? -6.104  -5.689  0.513   1.00 61.96  ? 2294 GLY A O   1 
ATOM   414  N N   . VAL A 1 65 ? -6.017  -7.816  1.260   1.00 60.70  ? 2295 VAL A N   1 
ATOM   415  C CA  . VAL A 1 65 ? -4.970  -8.242  0.342   1.00 59.30  ? 2295 VAL A CA  1 
ATOM   416  C C   . VAL A 1 65 ? -5.439  -9.452  -0.449  1.00 58.82  ? 2295 VAL A C   1 
ATOM   417  O O   . VAL A 1 65 ? -6.138  -10.305 0.065   1.00 58.25  ? 2295 VAL A O   1 
ATOM   418  C CB  . VAL A 1 65 ? -3.670  -8.596  1.090   1.00 59.38  ? 2295 VAL A CB  1 
ATOM   419  C CG1 . VAL A 1 65 ? -2.583  -8.976  0.123   1.00 58.02  ? 2295 VAL A CG1 1 
ATOM   420  C CG2 . VAL A 1 65 ? -3.207  -7.438  1.945   1.00 58.64  ? 2295 VAL A CG2 1 
ATOM   421  N N   . ALA A 1 66 ? -5.062  -9.511  -1.711  1.00 58.74  ? 2296 ALA A N   1 
ATOM   422  C CA  . ALA A 1 66 ? -5.352  -10.673 -2.542  1.00 58.89  ? 2296 ALA A CA  1 
ATOM   423  C C   . ALA A 1 66 ? -4.096  -10.976 -3.332  1.00 59.06  ? 2296 ALA A C   1 
ATOM   424  O O   . ALA A 1 66 ? -3.398  -10.040 -3.740  1.00 59.38  ? 2296 ALA A O   1 
ATOM   425  C CB  . ALA A 1 66 ? -6.481  -10.369 -3.489  1.00 58.45  ? 2296 ALA A CB  1 
ATOM   426  N N   . TYR A 1 67 ? -3.812  -12.256 -3.557  1.00 59.03  ? 2297 TYR A N   1 
ATOM   427  C CA  . TYR A 1 67 ? -2.653  -12.649 -4.363  1.00 59.87  ? 2297 TYR A CA  1 
ATOM   428  C C   . TYR A 1 67 ? -2.881  -13.914 -5.184  1.00 60.56  ? 2297 TYR A C   1 
ATOM   429  O O   . TYR A 1 67 ? -3.708  -14.737 -4.830  1.00 60.89  ? 2297 TYR A O   1 
ATOM   430  C CB  . TYR A 1 67 ? -1.402  -12.807 -3.489  1.00 59.20  ? 2297 TYR A CB  1 
ATOM   431  C CG  . TYR A 1 67 ? -1.485  -13.959 -2.532  1.00 59.15  ? 2297 TYR A CG  1 
ATOM   432  C CD1 . TYR A 1 67 ? -1.912  -13.759 -1.220  1.00 59.85  ? 2297 TYR A CD1 1 
ATOM   433  C CD2 . TYR A 1 67 ? -1.151  -15.255 -2.928  1.00 58.06  ? 2297 TYR A CD2 1 
ATOM   434  C CE1 . TYR A 1 67 ? -2.000  -14.814 -0.325  1.00 58.62  ? 2297 TYR A CE1 1 
ATOM   435  C CE2 . TYR A 1 67 ? -1.242  -16.322 -2.034  1.00 57.12  ? 2297 TYR A CE2 1 
ATOM   436  C CZ  . TYR A 1 67 ? -1.670  -16.089 -0.743  1.00 57.46  ? 2297 TYR A CZ  1 
ATOM   437  O OH  . TYR A 1 67 ? -1.770  -17.109 0.154   1.00 57.45  ? 2297 TYR A OH  1 
ATOM   438  N N   . VAL A 1 68 ? -2.131  -14.071 -6.273  1.00 61.57  ? 2298 VAL A N   1 
ATOM   439  C CA  . VAL A 1 68 ? -2.295  -15.207 -7.172  1.00 62.53  ? 2298 VAL A CA  1 
ATOM   440  C C   . VAL A 1 68 ? -0.932  -15.715 -7.566  1.00 63.22  ? 2298 VAL A C   1 
ATOM   441  O O   . VAL A 1 68 ? -0.147  -14.985 -8.167  1.00 64.00  ? 2298 VAL A O   1 
ATOM   442  C CB  . VAL A 1 68 ? -2.988  -14.795 -8.460  1.00 62.43  ? 2298 VAL A CB  1 
ATOM   443  C CG1 . VAL A 1 68 ? -3.334  -16.012 -9.288  1.00 61.98  ? 2298 VAL A CG1 1 
ATOM   444  C CG2 . VAL A 1 68 ? -4.229  -13.985 -8.143  1.00 64.92  ? 2298 VAL A CG2 1 
ATOM   445  N N   . VAL A 1 69 ? -0.653  -16.963 -7.232  1.00 64.02  ? 2299 VAL A N   1 
ATOM   446  C CA  . VAL A 1 69 ? 0.583   -17.613 -7.627  1.00 64.69  ? 2299 VAL A CA  1 
ATOM   447  C C   . VAL A 1 69 ? 0.228   -18.707 -8.602  1.00 65.81  ? 2299 VAL A C   1 
ATOM   448  O O   . VAL A 1 69 ? -0.879  -19.232 -8.545  1.00 66.68  ? 2299 VAL A O   1 
ATOM   449  C CB  . VAL A 1 69 ? 1.280   -18.217 -6.427  1.00 64.61  ? 2299 VAL A CB  1 
ATOM   450  C CG1 . VAL A 1 69 ? 1.508   -17.145 -5.389  1.00 64.61  ? 2299 VAL A CG1 1 
ATOM   451  C CG2 . VAL A 1 69 ? 0.459   -19.354 -5.824  1.00 64.14  ? 2299 VAL A CG2 1 
ATOM   452  N N   . GLN A 1 70 ? 1.145   -19.067 -9.499  1.00 66.97  ? 2300 GLN A N   1 
ATOM   453  C CA  . GLN A 1 70 ? 0.806   -20.063 -10.520 1.00 67.63  ? 2300 GLN A CA  1 
ATOM   454  C C   . GLN A 1 70 ? 1.348   -21.469 -10.287 1.00 68.01  ? 2300 GLN A C   1 
ATOM   455  O O   . GLN A 1 70 ? 1.056   -22.365 -11.079 1.00 68.77  ? 2300 GLN A O   1 
ATOM   456  C CB  . GLN A 1 70 ? 1.210   -19.580 -11.903 1.00 67.80  ? 2300 GLN A CB  1 
ATOM   457  C CG  . GLN A 1 70 ? 0.640   -18.212 -12.300 1.00 70.37  ? 2300 GLN A CG  1 
ATOM   458  C CD  . GLN A 1 70 ? -0.852  -18.225 -12.698 1.00 72.18  ? 2300 GLN A CD  1 
ATOM   459  O OE1 . GLN A 1 70 ? -1.407  -19.246 -13.122 1.00 72.12  ? 2300 GLN A OE1 1 
ATOM   460  N NE2 . GLN A 1 70 ? -1.494  -17.066 -12.569 1.00 72.90  ? 2300 GLN A NE2 1 
ATOM   461  N N   . GLU A 1 71 ? 2.099   -21.681 -9.204  1.00 68.16  ? 2301 GLU A N   1 
ATOM   462  C CA  . GLU A 1 71 ? 2.794   -22.952 -8.984  1.00 68.49  ? 2301 GLU A CA  1 
ATOM   463  C C   . GLU A 1 71 ? 2.536   -23.548 -7.609  1.00 67.83  ? 2301 GLU A C   1 
ATOM   464  O O   . GLU A 1 71 ? 2.765   -22.878 -6.604  1.00 67.85  ? 2301 GLU A O   1 
ATOM   465  C CB  . GLU A 1 71 ? 4.315   -22.757 -9.156  1.00 69.43  ? 2301 GLU A CB  1 
ATOM   466  C CG  . GLU A 1 71 ? 4.771   -22.445 -10.591 1.00 72.32  ? 2301 GLU A CG  1 
ATOM   467  C CD  . GLU A 1 71 ? 4.561   -23.625 -11.504 1.00 78.11  ? 2301 GLU A CD  1 
ATOM   468  O OE1 . GLU A 1 71 ? 5.323   -24.614 -11.343 1.00 81.01  ? 2301 GLU A OE1 1 
ATOM   469  O OE2 . GLU A 1 71 ? 3.626   -23.579 -12.355 1.00 79.44  ? 2301 GLU A OE2 1 
ATOM   470  N N   . PRO A 1 72 ? 2.058   -24.809 -7.552  1.00 67.35  ? 2302 PRO A N   1 
ATOM   471  C CA  . PRO A 1 72 ? 2.008   -25.602 -6.299  1.00 66.74  ? 2302 PRO A CA  1 
ATOM   472  C C   . PRO A 1 72 ? 3.266   -25.460 -5.443  1.00 66.53  ? 2302 PRO A C   1 
ATOM   473  O O   . PRO A 1 72 ? 4.330   -25.147 -5.979  1.00 67.07  ? 2302 PRO A O   1 
ATOM   474  C CB  . PRO A 1 72 ? 1.900   -27.035 -6.804  1.00 66.55  ? 2302 PRO A CB  1 
ATOM   475  C CG  . PRO A 1 72 ? 1.174   -26.912 -8.127  1.00 66.92  ? 2302 PRO A CG  1 
ATOM   476  C CD  . PRO A 1 72 ? 1.455   -25.532 -8.690  1.00 67.13  ? 2302 PRO A CD  1 
ATOM   477  N N   . GLY A 1 73 ? 3.165   -25.674 -4.138  1.00 65.71  ? 2303 GLY A N   1 
ATOM   478  C CA  . GLY A 1 73 ? 4.365   -25.699 -3.319  1.00 65.98  ? 2303 GLY A CA  1 
ATOM   479  C C   . GLY A 1 73 ? 4.172   -25.011 -1.991  1.00 66.73  ? 2303 GLY A C   1 
ATOM   480  O O   . GLY A 1 73 ? 3.068   -24.632 -1.636  1.00 67.49  ? 2303 GLY A O   1 
ATOM   481  N N   . ASP A 1 74 ? 5.244   -24.842 -1.238  1.00 67.07  ? 2304 ASP A N   1 
ATOM   482  C CA  . ASP A 1 74 ? 5.135   -24.147 0.035   1.00 67.71  ? 2304 ASP A CA  1 
ATOM   483  C C   . ASP A 1 74 ? 5.702   -22.728 0.012   1.00 66.80  ? 2304 ASP A C   1 
ATOM   484  O O   . ASP A 1 74 ? 6.918   -22.502 -0.138  1.00 67.03  ? 2304 ASP A O   1 
ATOM   485  C CB  . ASP A 1 74 ? 5.714   -24.984 1.175   1.00 68.76  ? 2304 ASP A CB  1 
ATOM   486  C CG  . ASP A 1 74 ? 4.686   -25.973 1.730   1.00 73.13  ? 2304 ASP A CG  1 
ATOM   487  O OD1 . ASP A 1 74 ? 4.267   -25.807 2.921   1.00 75.62  ? 2304 ASP A OD1 1 
ATOM   488  O OD2 . ASP A 1 74 ? 4.261   -26.878 0.949   1.00 76.12  ? 2304 ASP A OD2 1 
ATOM   489  N N   . TYR A 1 75 ? 4.784   -21.776 0.137   1.00 65.24  ? 2305 TYR A N   1 
ATOM   490  C CA  . TYR A 1 75 ? 5.109   -20.365 0.077   1.00 62.86  ? 2305 TYR A CA  1 
ATOM   491  C C   . TYR A 1 75 ? 4.996   -19.822 1.456   1.00 62.92  ? 2305 TYR A C   1 
ATOM   492  O O   . TYR A 1 75 ? 4.518   -20.514 2.346   1.00 63.28  ? 2305 TYR A O   1 
ATOM   493  C CB  . TYR A 1 75 ? 4.124   -19.629 -0.801  1.00 60.81  ? 2305 TYR A CB  1 
ATOM   494  C CG  . TYR A 1 75 ? 4.159   -19.959 -2.261  1.00 57.30  ? 2305 TYR A CG  1 
ATOM   495  C CD1 . TYR A 1 75 ? 3.684   -21.171 -2.738  1.00 55.14  ? 2305 TYR A CD1 1 
ATOM   496  C CD2 . TYR A 1 75 ? 4.620   -19.034 -3.177  1.00 54.82  ? 2305 TYR A CD2 1 
ATOM   497  C CE1 . TYR A 1 75 ? 3.679   -21.448 -4.105  1.00 54.79  ? 2305 TYR A CE1 1 
ATOM   498  C CE2 . TYR A 1 75 ? 4.625   -19.305 -4.538  1.00 53.39  ? 2305 TYR A CE2 1 
ATOM   499  C CZ  . TYR A 1 75 ? 4.153   -20.500 -4.990  1.00 54.82  ? 2305 TYR A CZ  1 
ATOM   500  O OH  . TYR A 1 75 ? 4.170   -20.742 -6.331  1.00 56.62  ? 2305 TYR A OH  1 
ATOM   501  N N   . GLU A 1 76 ? 5.438   -18.585 1.632   1.00 63.27  ? 2306 GLU A N   1 
ATOM   502  C CA  . GLU A 1 76 ? 5.361   -17.913 2.920   1.00 64.06  ? 2306 GLU A CA  1 
ATOM   503  C C   . GLU A 1 76 ? 4.976   -16.464 2.724   1.00 63.51  ? 2306 GLU A C   1 
ATOM   504  O O   . GLU A 1 76 ? 5.579   -15.752 1.921   1.00 64.79  ? 2306 GLU A O   1 
ATOM   505  C CB  . GLU A 1 76 ? 6.691   -17.980 3.636   1.00 64.27  ? 2306 GLU A CB  1 
ATOM   506  C CG  . GLU A 1 76 ? 7.041   -19.365 4.098   1.00 69.21  ? 2306 GLU A CG  1 
ATOM   507  C CD  . GLU A 1 76 ? 8.287   -19.381 4.961   1.00 75.42  ? 2306 GLU A CD  1 
ATOM   508  O OE1 . GLU A 1 76 ? 8.752   -18.266 5.316   1.00 77.74  ? 2306 GLU A OE1 1 
ATOM   509  O OE2 . GLU A 1 76 ? 8.787   -20.496 5.291   1.00 77.42  ? 2306 GLU A OE2 1 
ATOM   510  N N   . VAL A 1 77 ? 3.983   -16.013 3.465   1.00 62.29  ? 2307 VAL A N   1 
ATOM   511  C CA  . VAL A 1 77 ? 3.482   -14.687 3.275   1.00 61.12  ? 2307 VAL A CA  1 
ATOM   512  C C   . VAL A 1 77 ? 3.916   -13.875 4.447   1.00 61.30  ? 2307 VAL A C   1 
ATOM   513  O O   . VAL A 1 77 ? 3.558   -14.193 5.588   1.00 61.39  ? 2307 VAL A O   1 
ATOM   514  C CB  . VAL A 1 77 ? 1.975   -14.702 3.207   1.00 60.81  ? 2307 VAL A CB  1 
ATOM   515  C CG1 . VAL A 1 77 ? 1.466   -13.318 2.950   1.00 60.35  ? 2307 VAL A CG1 1 
ATOM   516  C CG2 . VAL A 1 77 ? 1.534   -15.632 2.091   1.00 60.49  ? 2307 VAL A CG2 1 
ATOM   517  N N   . SER A 1 78 ? 4.702   -12.832 4.186   1.00 60.89  ? 2308 SER A N   1 
ATOM   518  C CA  . SER A 1 78 ? 5.138   -11.963 5.280   1.00 60.46  ? 2308 SER A CA  1 
ATOM   519  C C   . SER A 1 78 ? 4.265   -10.751 5.304   1.00 59.59  ? 2308 SER A C   1 
ATOM   520  O O   . SER A 1 78 ? 3.920   -10.220 4.257   1.00 59.58  ? 2308 SER A O   1 
ATOM   521  C CB  . SER A 1 78 ? 6.583   -11.508 5.089   1.00 60.82  ? 2308 SER A CB  1 
ATOM   522  O OG  . SER A 1 78 ? 7.456   -12.606 4.906   1.00 62.83  ? 2308 SER A OG  1 
ATOM   523  N N   . VAL A 1 79 ? 3.929   -10.290 6.495   1.00 58.70  ? 2309 VAL A N   1 
ATOM   524  C CA  . VAL A 1 79 ? 3.248   -9.026  6.623   1.00 57.62  ? 2309 VAL A CA  1 
ATOM   525  C C   . VAL A 1 79 ? 3.962   -8.265  7.677   1.00 57.88  ? 2309 VAL A C   1 
ATOM   526  O O   . VAL A 1 79 ? 3.896   -8.641  8.840   1.00 57.70  ? 2309 VAL A O   1 
ATOM   527  C CB  . VAL A 1 79 ? 1.806   -9.190  7.085   1.00 57.23  ? 2309 VAL A CB  1 
ATOM   528  C CG1 . VAL A 1 79 ? 1.191   -7.831  7.298   1.00 56.44  ? 2309 VAL A CG1 1 
ATOM   529  C CG2 . VAL A 1 79 ? 1.018   -9.964  6.078   1.00 55.76  ? 2309 VAL A CG2 1 
ATOM   530  N N   . LYS A 1 80 ? 4.662   -7.201  7.288   1.00 58.73  ? 2310 LYS A N   1 
ATOM   531  C CA  . LYS A 1 80 ? 5.299   -6.344  8.295   1.00 59.04  ? 2310 LYS A CA  1 
ATOM   532  C C   . LYS A 1 80 ? 4.765   -4.941  8.222   1.00 59.08  ? 2310 LYS A C   1 
ATOM   533  O O   . LYS A 1 80 ? 4.314   -4.525  7.178   1.00 58.79  ? 2310 LYS A O   1 
ATOM   534  C CB  . LYS A 1 80 ? 6.819   -6.377  8.212   1.00 58.84  ? 2310 LYS A CB  1 
ATOM   535  C CG  . LYS A 1 80 ? 7.369   -6.725  6.865   1.00 60.13  ? 2310 LYS A CG  1 
ATOM   536  C CD  . LYS A 1 80 ? 8.881   -6.795  6.943   1.00 62.23  ? 2310 LYS A CD  1 
ATOM   537  C CE  . LYS A 1 80 ? 9.355   -8.202  7.258   1.00 64.26  ? 2310 LYS A CE  1 
ATOM   538  N NZ  . LYS A 1 80 ? 10.786  -8.419  6.839   1.00 65.61  ? 2310 LYS A NZ  1 
ATOM   539  N N   . PHE A 1 81 ? 4.771   -4.264  9.366   1.00 59.90  ? 2311 PHE A N   1 
ATOM   540  C CA  . PHE A 1 81 ? 4.343   -2.884  9.520   1.00 61.05  ? 2311 PHE A CA  1 
ATOM   541  C C   . PHE A 1 81 ? 5.548   -2.155  10.061  1.00 62.99  ? 2311 PHE A C   1 
ATOM   542  O O   . PHE A 1 81 ? 6.071   -2.543  11.128  1.00 63.32  ? 2311 PHE A O   1 
ATOM   543  C CB  . PHE A 1 81 ? 3.229   -2.788  10.552  1.00 60.32  ? 2311 PHE A CB  1 
ATOM   544  C CG  . PHE A 1 81 ? 2.739   -1.381  10.826  1.00 58.90  ? 2311 PHE A CG  1 
ATOM   545  C CD1 . PHE A 1 81 ? 1.887   -0.735  9.943   1.00 56.96  ? 2311 PHE A CD1 1 
ATOM   546  C CD2 . PHE A 1 81 ? 3.077   -0.730  12.001  1.00 59.54  ? 2311 PHE A CD2 1 
ATOM   547  C CE1 . PHE A 1 81 ? 1.400   0.549   10.204  1.00 56.23  ? 2311 PHE A CE1 1 
ATOM   548  C CE2 . PHE A 1 81 ? 2.592   0.566   12.277  1.00 58.99  ? 2311 PHE A CE2 1 
ATOM   549  C CZ  . PHE A 1 81 ? 1.755   1.202   11.363  1.00 58.38  ? 2311 PHE A CZ  1 
ATOM   550  N N   . ASN A 1 82 ? 5.986   -1.116  9.326   1.00 64.51  ? 2312 ASN A N   1 
ATOM   551  C CA  . ASN A 1 82 ? 7.174   -0.332  9.656   1.00 65.70  ? 2312 ASN A CA  1 
ATOM   552  C C   . ASN A 1 82 ? 8.377   -1.236  9.841   1.00 66.98  ? 2312 ASN A C   1 
ATOM   553  O O   . ASN A 1 82 ? 9.115   -1.152  10.827  1.00 66.84  ? 2312 ASN A O   1 
ATOM   554  C CB  . ASN A 1 82 ? 6.924   0.567   10.867  1.00 65.46  ? 2312 ASN A CB  1 
ATOM   555  C CG  . ASN A 1 82 ? 5.999   1.727   10.533  1.00 66.11  ? 2312 ASN A CG  1 
ATOM   556  O OD1 . ASN A 1 82 ? 5.924   2.151   9.385   1.00 67.58  ? 2312 ASN A OD1 1 
ATOM   557  N ND2 . ASN A 1 82 ? 5.293   2.242   11.527  1.00 66.03  ? 2312 ASN A ND2 1 
ATOM   558  N N   . GLU A 1 83 ? 8.524   -2.120  8.864   1.00 68.67  ? 2313 GLU A N   1 
ATOM   559  C CA  . GLU A 1 83 ? 9.592   -3.113  8.795   1.00 70.66  ? 2313 GLU A CA  1 
ATOM   560  C C   . GLU A 1 83 ? 9.570   -4.262  9.819   1.00 70.66  ? 2313 GLU A C   1 
ATOM   561  O O   . GLU A 1 83 ? 10.075  -5.341  9.519   1.00 70.82  ? 2313 GLU A O   1 
ATOM   562  C CB  . GLU A 1 83 ? 10.955  -2.441  8.677   1.00 71.31  ? 2313 GLU A CB  1 
ATOM   563  C CG  . GLU A 1 83 ? 11.398  -2.311  7.217   1.00 75.40  ? 2313 GLU A CG  1 
ATOM   564  C CD  . GLU A 1 83 ? 11.924  -0.907  6.875   1.00 81.19  ? 2313 GLU A CD  1 
ATOM   565  O OE1 . GLU A 1 83 ? 11.458  0.089   7.507   1.00 82.48  ? 2313 GLU A OE1 1 
ATOM   566  O OE2 . GLU A 1 83 ? 12.784  -0.800  5.955   1.00 82.26  ? 2313 GLU A OE2 1 
ATOM   567  N N   . GLU A 1 84 ? 8.949   -4.056  10.981  1.00 71.01  ? 2314 GLU A N   1 
ATOM   568  C CA  . GLU A 1 84 ? 8.730   -5.142  11.969  1.00 71.51  ? 2314 GLU A CA  1 
ATOM   569  C C   . GLU A 1 84 ? 7.614   -6.096  11.525  1.00 70.71  ? 2314 GLU A C   1 
ATOM   570  O O   . GLU A 1 84 ? 6.587   -5.648  10.993  1.00 71.33  ? 2314 GLU A O   1 
ATOM   571  C CB  . GLU A 1 84 ? 8.312   -4.586  13.347  1.00 72.10  ? 2314 GLU A CB  1 
ATOM   572  C CG  . GLU A 1 84 ? 9.012   -3.310  13.842  1.00 75.68  ? 2314 GLU A CG  1 
ATOM   573  C CD  . GLU A 1 84 ? 10.330  -3.586  14.543  1.00 81.09  ? 2314 GLU A CD  1 
ATOM   574  O OE1 . GLU A 1 84 ? 11.070  -4.525  14.137  1.00 85.20  ? 2314 GLU A OE1 1 
ATOM   575  O OE2 . GLU A 1 84 ? 10.634  -2.863  15.514  1.00 82.96  ? 2314 GLU A OE2 1 
ATOM   576  N N   . HIS A 1 85 ? 7.803   -7.395  11.771  1.00 69.29  ? 2315 HIS A N   1 
ATOM   577  C CA  . HIS A 1 85 ? 6.757   -8.414  11.561  1.00 67.52  ? 2315 HIS A CA  1 
ATOM   578  C C   . HIS A 1 85 ? 5.551   -8.230  12.450  1.00 67.04  ? 2315 HIS A C   1 
ATOM   579  O O   . HIS A 1 85 ? 5.692   -7.865  13.615  1.00 67.20  ? 2315 HIS A O   1 
ATOM   580  C CB  . HIS A 1 85 ? 7.301   -9.791  11.840  1.00 66.61  ? 2315 HIS A CB  1 
ATOM   581  C CG  . HIS A 1 85 ? 7.939   -10.432 10.657  1.00 64.82  ? 2315 HIS A CG  1 
ATOM   582  N ND1 . HIS A 1 85 ? 7.206   -10.968 9.621   1.00 62.11  ? 2315 HIS A ND1 1 
ATOM   583  C CD2 . HIS A 1 85 ? 9.242   -10.647 10.352  1.00 62.88  ? 2315 HIS A CD2 1 
ATOM   584  C CE1 . HIS A 1 85 ? 8.030   -11.489 8.727   1.00 62.57  ? 2315 HIS A CE1 1 
ATOM   585  N NE2 . HIS A 1 85 ? 9.270   -11.309 9.148   1.00 62.47  ? 2315 HIS A NE2 1 
ATOM   586  N N   . ILE A 1 86 ? 4.363   -8.490  11.914  1.00 66.21  ? 2316 ILE A N   1 
ATOM   587  C CA  . ILE A 1 86 ? 3.155   -8.425  12.740  1.00 65.67  ? 2316 ILE A CA  1 
ATOM   588  C C   . ILE A 1 86 ? 2.975   -9.777  13.454  1.00 66.13  ? 2316 ILE A C   1 
ATOM   589  O O   . ILE A 1 86 ? 3.599   -10.767 13.054  1.00 66.07  ? 2316 ILE A O   1 
ATOM   590  C CB  . ILE A 1 86 ? 1.891   -8.003  11.933  1.00 64.83  ? 2316 ILE A CB  1 
ATOM   591  C CG1 . ILE A 1 86 ? 1.514   -9.073  10.931  1.00 63.37  ? 2316 ILE A CG1 1 
ATOM   592  C CG2 . ILE A 1 86 ? 2.124   -6.705  11.200  1.00 64.20  ? 2316 ILE A CG2 1 
ATOM   593  C CD1 . ILE A 1 86 ? 0.066   -9.152  10.655  1.00 60.11  ? 2316 ILE A CD1 1 
ATOM   594  N N   . PRO A 1 87 ? 2.157   -9.825  14.525  1.00 66.63  ? 2317 PRO A N   1 
ATOM   595  C CA  . PRO A 1 87 ? 1.955   -11.106 15.185  1.00 67.26  ? 2317 PRO A CA  1 
ATOM   596  C C   . PRO A 1 87 ? 1.626   -12.244 14.202  1.00 68.12  ? 2317 PRO A C   1 
ATOM   597  O O   . PRO A 1 87 ? 0.755   -12.089 13.322  1.00 68.08  ? 2317 PRO A O   1 
ATOM   598  C CB  . PRO A 1 87 ? 0.794   -10.822 16.132  1.00 66.94  ? 2317 PRO A CB  1 
ATOM   599  C CG  . PRO A 1 87 ? 0.986   -9.392  16.499  1.00 66.66  ? 2317 PRO A CG  1 
ATOM   600  C CD  . PRO A 1 87 ? 1.410   -8.750  15.205  1.00 66.87  ? 2317 PRO A CD  1 
ATOM   601  N N   . ASP A 1 88 ? 2.361   -13.354 14.353  1.00 68.37  ? 2318 ASP A N   1 
ATOM   602  C CA  . ASP A 1 88 ? 2.230   -14.565 13.529  1.00 68.71  ? 2318 ASP A CA  1 
ATOM   603  C C   . ASP A 1 88 ? 2.756   -14.455 12.105  1.00 68.15  ? 2318 ASP A C   1 
ATOM   604  O O   . ASP A 1 88 ? 2.415   -15.289 11.267  1.00 68.96  ? 2318 ASP A O   1 
ATOM   605  C CB  . ASP A 1 88 ? 0.789   -15.102 13.504  1.00 69.42  ? 2318 ASP A CB  1 
ATOM   606  C CG  . ASP A 1 88 ? 0.231   -15.392 14.904  1.00 72.58  ? 2318 ASP A CG  1 
ATOM   607  O OD1 . ASP A 1 88 ? 0.879   -16.107 15.719  1.00 75.88  ? 2318 ASP A OD1 1 
ATOM   608  O OD2 . ASP A 1 88 ? -0.883  -14.902 15.186  1.00 75.27  ? 2318 ASP A OD2 1 
ATOM   609  N N   . SER A 1 89 ? 3.591   -13.463 11.816  1.00 67.01  ? 2319 SER A N   1 
ATOM   610  C CA  . SER A 1 89 ? 4.194   -13.380 10.483  1.00 65.63  ? 2319 SER A CA  1 
ATOM   611  C C   . SER A 1 89 ? 5.618   -13.862 10.617  1.00 64.48  ? 2319 SER A C   1 
ATOM   612  O O   . SER A 1 89 ? 6.297   -13.514 11.588  1.00 64.28  ? 2319 SER A O   1 
ATOM   613  C CB  . SER A 1 89 ? 4.158   -11.937 9.957   1.00 66.09  ? 2319 SER A CB  1 
ATOM   614  O OG  . SER A 1 89 ? 4.596   -11.846 8.611   1.00 66.31  ? 2319 SER A OG  1 
ATOM   615  N N   . PRO A 1 90 ? 6.105   -14.637 9.643   1.00 63.45  ? 2320 PRO A N   1 
ATOM   616  C CA  . PRO A 1 90 ? 5.506   -15.076 8.398   1.00 63.70  ? 2320 PRO A CA  1 
ATOM   617  C C   . PRO A 1 90 ? 4.514   -16.209 8.564   1.00 64.09  ? 2320 PRO A C   1 
ATOM   618  O O   . PRO A 1 90 ? 4.446   -16.795 9.647   1.00 64.77  ? 2320 PRO A O   1 
ATOM   619  C CB  . PRO A 1 90 ? 6.712   -15.556 7.588   1.00 63.45  ? 2320 PRO A CB  1 
ATOM   620  C CG  . PRO A 1 90 ? 7.665   -15.973 8.575   1.00 63.02  ? 2320 PRO A CG  1 
ATOM   621  C CD  . PRO A 1 90 ? 7.490   -15.103 9.771   1.00 63.01  ? 2320 PRO A CD  1 
ATOM   622  N N   . PHE A 1 91 ? 3.793   -16.518 7.482   1.00 63.58  ? 2321 PHE A N   1 
ATOM   623  C CA  . PHE A 1 91 ? 2.677   -17.433 7.497   1.00 63.76  ? 2321 PHE A CA  1 
ATOM   624  C C   . PHE A 1 91 ? 2.936   -18.559 6.515   1.00 64.46  ? 2321 PHE A C   1 
ATOM   625  O O   . PHE A 1 91 ? 3.206   -18.324 5.343   1.00 64.55  ? 2321 PHE A O   1 
ATOM   626  C CB  . PHE A 1 91 ? 1.395   -16.740 7.038   1.00 63.51  ? 2321 PHE A CB  1 
ATOM   627  C CG  . PHE A 1 91 ? 0.864   -15.704 7.983   1.00 63.31  ? 2321 PHE A CG  1 
ATOM   628  C CD1 . PHE A 1 91 ? 1.332   -14.395 7.945   1.00 63.90  ? 2321 PHE A CD1 1 
ATOM   629  C CD2 . PHE A 1 91 ? -0.163  -16.014 8.863   1.00 63.01  ? 2321 PHE A CD2 1 
ATOM   630  C CE1 . PHE A 1 91 ? 0.815   -13.426 8.807   1.00 63.88  ? 2321 PHE A CE1 1 
ATOM   631  C CE2 . PHE A 1 91 ? -0.687  -15.050 9.740   1.00 62.31  ? 2321 PHE A CE2 1 
ATOM   632  C CZ  . PHE A 1 91 ? -0.199  -13.762 9.715   1.00 63.21  ? 2321 PHE A CZ  1 
ATOM   633  N N   . VAL A 1 92 ? 2.796   -19.799 6.960   1.00 65.20  ? 2322 VAL A N   1 
ATOM   634  C CA  . VAL A 1 92 ? 3.135   -20.905 6.077   1.00 65.33  ? 2322 VAL A CA  1 
ATOM   635  C C   . VAL A 1 92 ? 1.942   -21.282 5.222   1.00 65.58  ? 2322 VAL A C   1 
ATOM   636  O O   . VAL A 1 92 ? 0.896   -21.663 5.724   1.00 66.24  ? 2322 VAL A O   1 
ATOM   637  C CB  . VAL A 1 92 ? 3.680   -22.077 6.870   1.00 65.27  ? 2322 VAL A CB  1 
ATOM   638  C CG1 . VAL A 1 92 ? 4.477   -23.001 5.944   1.00 65.46  ? 2322 VAL A CG1 1 
ATOM   639  C CG2 . VAL A 1 92 ? 4.559   -21.543 8.057   1.00 65.53  ? 2322 VAL A CG2 1 
ATOM   640  N N   . VAL A 1 93 ? 2.072   -21.152 3.922   1.00 65.52  ? 2323 VAL A N   1 
ATOM   641  C CA  . VAL A 1 93 ? 0.887   -21.261 3.119   1.00 66.03  ? 2323 VAL A CA  1 
ATOM   642  C C   . VAL A 1 93 ? 1.099   -22.344 2.063   1.00 67.41  ? 2323 VAL A C   1 
ATOM   643  O O   . VAL A 1 93 ? 1.825   -22.136 1.086   1.00 67.79  ? 2323 VAL A O   1 
ATOM   644  C CB  . VAL A 1 93 ? 0.472   -19.859 2.540   1.00 65.58  ? 2323 VAL A CB  1 
ATOM   645  C CG1 . VAL A 1 93 ? -0.703  -19.947 1.597   1.00 64.25  ? 2323 VAL A CG1 1 
ATOM   646  C CG2 . VAL A 1 93 ? 0.152   -18.917 3.659   1.00 65.01  ? 2323 VAL A CG2 1 
ATOM   647  N N   . PRO A 1 94 ? 0.495   -23.522 2.284   1.00 68.47  ? 2324 PRO A N   1 
ATOM   648  C CA  . PRO A 1 94 ? 0.445   -24.649 1.345   1.00 69.50  ? 2324 PRO A CA  1 
ATOM   649  C C   . PRO A 1 94 ? -0.356  -24.314 0.107   1.00 70.52  ? 2324 PRO A C   1 
ATOM   650  O O   . PRO A 1 94 ? -1.533  -24.017 0.218   1.00 71.32  ? 2324 PRO A O   1 
ATOM   651  C CB  . PRO A 1 94 ? -0.288  -25.737 2.146   1.00 69.40  ? 2324 PRO A CB  1 
ATOM   652  C CG  . PRO A 1 94 ? -0.177  -25.327 3.581   1.00 69.21  ? 2324 PRO A CG  1 
ATOM   653  C CD  . PRO A 1 94 ? -0.158  -23.840 3.565   1.00 68.82  ? 2324 PRO A CD  1 
ATOM   654  N N   . VAL A 1 95 ? 0.244   -24.357 -1.068  1.00 71.90  ? 2325 VAL A N   1 
ATOM   655  C CA  . VAL A 1 95 ? -0.497  -23.960 -2.259  1.00 73.59  ? 2325 VAL A CA  1 
ATOM   656  C C   . VAL A 1 95 ? -0.737  -25.151 -3.156  1.00 75.59  ? 2325 VAL A C   1 
ATOM   657  O O   . VAL A 1 95 ? 0.194   -25.677 -3.742  1.00 76.64  ? 2325 VAL A O   1 
ATOM   658  C CB  . VAL A 1 95 ? 0.214   -22.850 -3.034  1.00 72.93  ? 2325 VAL A CB  1 
ATOM   659  C CG1 . VAL A 1 95 ? -0.526  -22.554 -4.352  1.00 72.43  ? 2325 VAL A CG1 1 
ATOM   660  C CG2 . VAL A 1 95 ? 0.302   -21.625 -2.177  1.00 72.14  ? 2325 VAL A CG2 1 
ATOM   661  N N   . ALA A 1 96 ? -1.983  -25.572 -3.280  1.00 77.91  ? 2326 ALA A N   1 
ATOM   662  C CA  . ALA A 1 96 ? -2.261  -26.864 -3.906  1.00 80.34  ? 2326 ALA A CA  1 
ATOM   663  C C   . ALA A 1 96 ? -2.671  -26.771 -5.386  1.00 81.97  ? 2326 ALA A C   1 
ATOM   664  O O   . ALA A 1 96 ? -2.992  -25.687 -5.880  1.00 82.53  ? 2326 ALA A O   1 
ATOM   665  C CB  . ALA A 1 96 ? -3.287  -27.648 -3.073  1.00 80.15  ? 2326 ALA A CB  1 
ATOM   666  N N   . SER A 1 97 ? -2.640  -27.910 -6.082  1.00 83.84  ? 2327 SER A N   1 
ATOM   667  C CA  . SER A 1 97 ? -2.869  -27.963 -7.530  1.00 85.75  ? 2327 SER A CA  1 
ATOM   668  C C   . SER A 1 97 ? -4.324  -27.746 -7.940  1.00 86.87  ? 2327 SER A C   1 
ATOM   669  O O   . SER A 1 97 ? -5.243  -28.049 -7.169  1.00 87.25  ? 2327 SER A O   1 
ATOM   670  C CB  . SER A 1 97 ? -2.384  -29.303 -8.086  1.00 85.92  ? 2327 SER A CB  1 
ATOM   671  O OG  . SER A 1 97 ? -0.975  -29.296 -8.244  1.00 87.20  ? 2327 SER A OG  1 
ATOM   672  N N   . PRO A 1 98 ? -4.543  -27.225 -9.167  1.00 87.90  ? 2328 PRO A N   1 
ATOM   673  C CA  . PRO A 1 98 ? -5.916  -27.033 -9.677  1.00 88.41  ? 2328 PRO A CA  1 
ATOM   674  C C   . PRO A 1 98 ? -6.462  -28.259 -10.439 1.00 88.81  ? 2328 PRO A C   1 
ATOM   675  O O   . PRO A 1 98 ? -7.610  -28.671 -10.221 1.00 89.22  ? 2328 PRO A O   1 
ATOM   676  C CB  . PRO A 1 98 ? -5.774  -25.826 -10.615 1.00 88.25  ? 2328 PRO A CB  1 
ATOM   677  C CG  . PRO A 1 98 ? -4.296  -25.840 -11.068 1.00 88.25  ? 2328 PRO A CG  1 
ATOM   678  C CD  . PRO A 1 98 ? -3.522  -26.778 -10.140 1.00 88.03  ? 2328 PRO A CD  1 
ATOM   679  N N   . GLY B 1 6  ? -21.464 13.399  -1.347  1.00 88.38  ? 2236 GLY B N   1 
ATOM   680  C CA  . GLY B 1 6  ? -21.058 14.733  -0.794  1.00 88.65  ? 2236 GLY B CA  1 
ATOM   681  C C   . GLY B 1 6  ? -19.687 14.688  -0.123  1.00 88.45  ? 2236 GLY B C   1 
ATOM   682  O O   . GLY B 1 6  ? -19.228 13.610  0.271   1.00 88.48  ? 2236 GLY B O   1 
ATOM   683  N N   . GLY B 1 7  ? -19.031 15.849  -0.004  1.00 87.98  ? 2237 GLY B N   1 
ATOM   684  C CA  . GLY B 1 7  ? -17.701 15.951  0.633   1.00 87.13  ? 2237 GLY B CA  1 
ATOM   685  C C   . GLY B 1 7  ? -16.474 15.825  -0.283  1.00 86.17  ? 2237 GLY B C   1 
ATOM   686  O O   . GLY B 1 7  ? -15.869 16.832  -0.666  1.00 86.04  ? 2237 GLY B O   1 
ATOM   687  N N   . ALA B 1 8  ? -16.110 14.587  -0.619  1.00 85.06  ? 2238 ALA B N   1 
ATOM   688  C CA  . ALA B 1 8  ? -14.904 14.285  -1.397  1.00 83.99  ? 2238 ALA B CA  1 
ATOM   689  C C   . ALA B 1 8  ? -14.890 14.909  -2.794  1.00 83.36  ? 2238 ALA B C   1 
ATOM   690  O O   . ALA B 1 8  ? -13.869 15.446  -3.218  1.00 83.27  ? 2238 ALA B O   1 
ATOM   691  C CB  . ALA B 1 8  ? -14.686 12.769  -1.489  1.00 83.77  ? 2238 ALA B CB  1 
ATOM   692  N N   . HIS B 1 9  ? -16.016 14.844  -3.500  1.00 82.47  ? 2239 HIS B N   1 
ATOM   693  C CA  . HIS B 1 9  ? -16.090 15.324  -4.888  1.00 81.86  ? 2239 HIS B CA  1 
ATOM   694  C C   . HIS B 1 9  ? -15.728 16.833  -5.026  1.00 80.23  ? 2239 HIS B C   1 
ATOM   695  O O   . HIS B 1 9  ? -15.393 17.314  -6.120  1.00 79.82  ? 2239 HIS B O   1 
ATOM   696  C CB  . HIS B 1 9  ? -17.472 14.980  -5.511  1.00 82.73  ? 2239 HIS B CB  1 
ATOM   697  C CG  . HIS B 1 9  ? -18.604 15.837  -5.006  1.00 86.01  ? 2239 HIS B CG  1 
ATOM   698  N ND1 . HIS B 1 9  ? -19.000 15.855  -3.682  1.00 88.12  ? 2239 HIS B ND1 1 
ATOM   699  C CD2 . HIS B 1 9  ? -19.405 16.725  -5.647  1.00 87.78  ? 2239 HIS B CD2 1 
ATOM   700  C CE1 . HIS B 1 9  ? -19.991 16.717  -3.529  1.00 88.55  ? 2239 HIS B CE1 1 
ATOM   701  N NE2 . HIS B 1 9  ? -20.255 17.259  -4.705  1.00 89.60  ? 2239 HIS B NE2 1 
ATOM   702  N N   . LYS B 1 10 ? -15.776 17.549  -3.900  1.00 78.29  ? 2240 LYS B N   1 
ATOM   703  C CA  . LYS B 1 10 ? -15.503 18.985  -3.836  1.00 76.86  ? 2240 LYS B CA  1 
ATOM   704  C C   . LYS B 1 10 ? -14.013 19.312  -3.642  1.00 74.76  ? 2240 LYS B C   1 
ATOM   705  O O   . LYS B 1 10 ? -13.595 20.478  -3.668  1.00 74.73  ? 2240 LYS B O   1 
ATOM   706  C CB  . LYS B 1 10 ? -16.321 19.618  -2.706  1.00 77.21  ? 2240 LYS B CB  1 
ATOM   707  C CG  . LYS B 1 10 ? -17.846 19.709  -2.962  1.00 78.59  ? 2240 LYS B CG  1 
ATOM   708  C CD  . LYS B 1 10 ? -18.536 20.535  -1.848  1.00 78.96  ? 2240 LYS B CD  1 
ATOM   709  C CE  . LYS B 1 10 ? -20.025 20.863  -2.127  1.00 81.68  ? 2240 LYS B CE  1 
ATOM   710  N NZ  . LYS B 1 10 ? -20.996 19.963  -1.393  1.00 82.99  ? 2240 LYS B NZ  1 
ATOM   711  N N   . VAL B 1 11 ? -13.205 18.277  -3.450  1.00 72.06  ? 2241 VAL B N   1 
ATOM   712  C CA  . VAL B 1 11 ? -11.778 18.461  -3.231  1.00 68.78  ? 2241 VAL B CA  1 
ATOM   713  C C   . VAL B 1 11 ? -10.969 18.366  -4.525  1.00 66.59  ? 2241 VAL B C   1 
ATOM   714  O O   . VAL B 1 11 ? -11.362 17.657  -5.469  1.00 65.94  ? 2241 VAL B O   1 
ATOM   715  C CB  . VAL B 1 11 ? -11.296 17.493  -2.166  1.00 69.01  ? 2241 VAL B CB  1 
ATOM   716  C CG1 . VAL B 1 11 ? -9.771  17.491  -2.057  1.00 68.83  ? 2241 VAL B CG1 1 
ATOM   717  C CG2 . VAL B 1 11 ? -11.915 17.875  -0.852  1.00 68.35  ? 2241 VAL B CG2 1 
ATOM   718  N N   . ARG B 1 12 ? -9.866  19.125  -4.561  1.00 64.23  ? 2242 ARG B N   1 
ATOM   719  C CA  . ARG B 1 12 ? -8.980  19.241  -5.736  1.00 61.90  ? 2242 ARG B CA  1 
ATOM   720  C C   . ARG B 1 12 ? -7.508  19.080  -5.350  1.00 60.23  ? 2242 ARG B C   1 
ATOM   721  O O   . ARG B 1 12 ? -7.026  19.635  -4.332  1.00 58.52  ? 2242 ARG B O   1 
ATOM   722  C CB  . ARG B 1 12 ? -9.199  20.594  -6.450  1.00 62.12  ? 2242 ARG B CB  1 
ATOM   723  C CG  . ARG B 1 12 ? -10.573 20.809  -7.139  1.00 62.22  ? 2242 ARG B CG  1 
ATOM   724  C CD  . ARG B 1 12 ? -10.790 19.744  -8.214  1.00 67.09  ? 2242 ARG B CD  1 
ATOM   725  N NE  . ARG B 1 12 ? -12.075 19.816  -8.928  1.00 70.92  ? 2242 ARG B NE  1 
ATOM   726  C CZ  . ARG B 1 12 ? -13.269 19.506  -8.408  1.00 73.04  ? 2242 ARG B CZ  1 
ATOM   727  N NH1 . ARG B 1 12 ? -13.378 19.126  -7.129  1.00 74.79  ? 2242 ARG B NH1 1 
ATOM   728  N NH2 . ARG B 1 12 ? -14.363 19.589  -9.162  1.00 70.11  ? 2242 ARG B NH2 1 
ATOM   729  N N   . ALA B 1 13 ? -6.790  18.306  -6.158  1.00 58.94  ? 2243 ALA B N   1 
ATOM   730  C CA  . ALA B 1 13 ? -5.342  18.183  -5.954  1.00 58.15  ? 2243 ALA B CA  1 
ATOM   731  C C   . ALA B 1 13 ? -4.579  18.374  -7.231  1.00 57.73  ? 2243 ALA B C   1 
ATOM   732  O O   . ALA B 1 13 ? -5.103  18.105  -8.312  1.00 57.78  ? 2243 ALA B O   1 
ATOM   733  C CB  . ALA B 1 13 ? -4.988  16.856  -5.362  1.00 57.87  ? 2243 ALA B CB  1 
ATOM   734  N N   . GLY B 1 14 ? -3.326  18.809  -7.099  1.00 57.48  ? 2244 GLY B N   1 
ATOM   735  C CA  . GLY B 1 14 ? -2.414  18.913  -8.256  1.00 56.50  ? 2244 GLY B CA  1 
ATOM   736  C C   . GLY B 1 14 ? -0.940  19.112  -7.921  1.00 55.78  ? 2244 GLY B C   1 
ATOM   737  O O   . GLY B 1 14 ? -0.595  19.669  -6.877  1.00 55.32  ? 2244 GLY B O   1 
ATOM   738  N N   . GLY B 1 15 ? -0.078  18.655  -8.825  1.00 55.40  ? 2245 GLY B N   1 
ATOM   739  C CA  . GLY B 1 15 ? 1.360   18.736  -8.649  1.00 55.67  ? 2245 GLY B CA  1 
ATOM   740  C C   . GLY B 1 15 ? 2.078   17.778  -9.579  1.00 56.25  ? 2245 GLY B C   1 
ATOM   741  O O   . GLY B 1 15 ? 1.433   16.924  -10.230 1.00 56.33  ? 2245 GLY B O   1 
ATOM   742  N N   . PRO B 1 16 ? 3.421   17.910  -9.660  1.00 56.18  ? 2246 PRO B N   1 
ATOM   743  C CA  . PRO B 1 16 ? 4.307   17.027  -10.422 1.00 56.29  ? 2246 PRO B CA  1 
ATOM   744  C C   . PRO B 1 16 ? 4.214   15.640  -9.816  1.00 56.75  ? 2246 PRO B C   1 
ATOM   745  O O   . PRO B 1 16 ? 4.110   14.637  -10.547 1.00 56.67  ? 2246 PRO B O   1 
ATOM   746  C CB  . PRO B 1 16 ? 5.708   17.583  -10.142 1.00 55.83  ? 2246 PRO B CB  1 
ATOM   747  C CG  . PRO B 1 16 ? 5.524   18.877  -9.499  1.00 55.41  ? 2246 PRO B CG  1 
ATOM   748  C CD  . PRO B 1 16 ? 4.159   18.959  -8.945  1.00 56.36  ? 2246 PRO B CD  1 
ATOM   749  N N   . GLY B 1 17 ? 4.223   15.616  -8.480  1.00 56.65  ? 2247 GLY B N   1 
ATOM   750  C CA  . GLY B 1 17 ? 4.058   14.413  -7.713  1.00 57.96  ? 2247 GLY B CA  1 
ATOM   751  C C   . GLY B 1 17 ? 2.877   13.520  -8.056  1.00 59.00  ? 2247 GLY B C   1 
ATOM   752  O O   . GLY B 1 17 ? 2.838   12.383  -7.585  1.00 59.34  ? 2247 GLY B O   1 
ATOM   753  N N   . LEU B 1 18 ? 1.917   14.007  -8.855  1.00 59.90  ? 2248 LEU B N   1 
ATOM   754  C CA  . LEU B 1 18 ? 0.750   13.210  -9.245  1.00 60.68  ? 2248 LEU B CA  1 
ATOM   755  C C   . LEU B 1 18 ? 0.745   12.857  -10.715 1.00 62.46  ? 2248 LEU B C   1 
ATOM   756  O O   . LEU B 1 18 ? -0.291  12.487  -11.280 1.00 62.66  ? 2248 LEU B O   1 
ATOM   757  C CB  . LEU B 1 18 ? -0.540  13.924  -8.895  1.00 60.10  ? 2248 LEU B CB  1 
ATOM   758  C CG  . LEU B 1 18 ? -0.695  14.393  -7.450  1.00 59.83  ? 2248 LEU B CG  1 
ATOM   759  C CD1 . LEU B 1 18 ? -1.746  15.451  -7.345  1.00 58.88  ? 2248 LEU B CD1 1 
ATOM   760  C CD2 . LEU B 1 18 ? -1.020  13.253  -6.528  1.00 58.78  ? 2248 LEU B CD2 1 
ATOM   761  N N   . GLU B 1 19 ? 1.902   12.953  -11.353 1.00 64.59  ? 2249 GLU B N   1 
ATOM   762  C CA  . GLU B 1 19 ? 1.967   12.656  -12.773 1.00 67.19  ? 2249 GLU B CA  1 
ATOM   763  C C   . GLU B 1 19 ? 3.230   11.901  -13.135 1.00 67.47  ? 2249 GLU B C   1 
ATOM   764  O O   . GLU B 1 19 ? 3.161   10.993  -13.987 1.00 68.17  ? 2249 GLU B O   1 
ATOM   765  C CB  . GLU B 1 19 ? 1.750   13.914  -13.633 1.00 67.07  ? 2249 GLU B CB  1 
ATOM   766  C CG  . GLU B 1 19 ? 2.186   15.220  -12.978 1.00 69.52  ? 2249 GLU B CG  1 
ATOM   767  C CD  . GLU B 1 19 ? 1.597   16.445  -13.683 1.00 70.70  ? 2249 GLU B CD  1 
ATOM   768  O OE1 . GLU B 1 19 ? 2.327   17.133  -14.469 1.00 74.56  ? 2249 GLU B OE1 1 
ATOM   769  O OE2 . GLU B 1 19 ? 0.396   16.712  -13.450 1.00 74.59  ? 2249 GLU B OE2 1 
ATOM   770  N N   . ARG B 1 20 ? 4.357   12.275  -12.505 1.00 67.93  ? 2250 ARG B N   1 
ATOM   771  C CA  . ARG B 1 20 ? 5.587   11.458  -12.480 1.00 68.67  ? 2250 ARG B CA  1 
ATOM   772  C C   . ARG B 1 20 ? 6.588   11.794  -11.370 1.00 68.73  ? 2250 ARG B C   1 
ATOM   773  O O   . ARG B 1 20 ? 6.571   12.898  -10.788 1.00 68.56  ? 2250 ARG B O   1 
ATOM   774  C CB  . ARG B 1 20 ? 6.307   11.331  -13.849 1.00 69.59  ? 2250 ARG B CB  1 
ATOM   775  C CG  . ARG B 1 20 ? 6.241   12.495  -14.873 1.00 73.00  ? 2250 ARG B CG  1 
ATOM   776  C CD  . ARG B 1 20 ? 7.295   13.603  -14.648 1.00 79.44  ? 2250 ARG B CD  1 
ATOM   777  N NE  . ARG B 1 20 ? 6.729   14.933  -14.966 1.00 84.36  ? 2250 ARG B NE  1 
ATOM   778  C CZ  . ARG B 1 20 ? 6.685   15.981  -14.131 1.00 86.29  ? 2250 ARG B CZ  1 
ATOM   779  N NH1 . ARG B 1 20 ? 7.223   15.916  -12.908 1.00 86.47  ? 2250 ARG B NH1 1 
ATOM   780  N NH2 . ARG B 1 20 ? 6.116   17.117  -14.529 1.00 88.05  ? 2250 ARG B NH2 1 
ATOM   781  N N   . ALA B 1 21 ? 7.451   10.822  -11.067 1.00 68.80  ? 2251 ALA B N   1 
ATOM   782  C CA  . ALA B 1 21 ? 8.505   11.015  -10.067 1.00 69.41  ? 2251 ALA B CA  1 
ATOM   783  C C   . ALA B 1 21 ? 9.824   10.317  -10.394 1.00 69.89  ? 2251 ALA B C   1 
ATOM   784  O O   . ALA B 1 21 ? 9.905   9.475   -11.294 1.00 69.95  ? 2251 ALA B O   1 
ATOM   785  C CB  . ALA B 1 21 ? 8.024   10.603  -8.697  1.00 69.18  ? 2251 ALA B CB  1 
ATOM   786  N N   . GLU B 1 22 ? 10.856  10.685  -9.643  1.00 70.52  ? 2252 GLU B N   1 
ATOM   787  C CA  . GLU B 1 22 ? 12.167  10.048  -9.721  1.00 72.02  ? 2252 GLU B CA  1 
ATOM   788  C C   . GLU B 1 22 ? 12.447  9.348   -8.422  1.00 70.52  ? 2252 GLU B C   1 
ATOM   789  O O   . GLU B 1 22 ? 12.223  9.918   -7.336  1.00 71.06  ? 2252 GLU B O   1 
ATOM   790  C CB  . GLU B 1 22 ? 13.281  11.088  -9.898  1.00 72.11  ? 2252 GLU B CB  1 
ATOM   791  C CG  . GLU B 1 22 ? 13.502  11.622  -11.327 1.00 75.43  ? 2252 GLU B CG  1 
ATOM   792  C CD  . GLU B 1 22 ? 14.774  12.479  -11.401 1.00 76.42  ? 2252 GLU B CD  1 
ATOM   793  O OE1 . GLU B 1 22 ? 14.704  13.591  -11.979 1.00 79.54  ? 2252 GLU B OE1 1 
ATOM   794  O OE2 . GLU B 1 22 ? 15.837  12.037  -10.853 1.00 82.90  ? 2252 GLU B OE2 1 
ATOM   795  N N   . ALA B 1 23 ? 12.980  8.138   -8.530  1.00 69.02  ? 2253 ALA B N   1 
ATOM   796  C CA  . ALA B 1 23 ? 13.433  7.404   -7.371  1.00 67.67  ? 2253 ALA B CA  1 
ATOM   797  C C   . ALA B 1 23 ? 14.369  8.255   -6.508  1.00 67.00  ? 2253 ALA B C   1 
ATOM   798  O O   . ALA B 1 23 ? 15.363  8.761   -6.983  1.00 67.18  ? 2253 ALA B O   1 
ATOM   799  C CB  . ALA B 1 23 ? 14.124  6.159   -7.831  1.00 67.70  ? 2253 ALA B CB  1 
ATOM   800  N N   . GLY B 1 24 ? 14.045  8.443   -5.246  1.00 66.50  ? 2254 GLY B N   1 
ATOM   801  C CA  . GLY B 1 24 ? 14.971  9.092   -4.347  1.00 66.72  ? 2254 GLY B CA  1 
ATOM   802  C C   . GLY B 1 24 ? 14.713  10.567  -4.171  1.00 67.13  ? 2254 GLY B C   1 
ATOM   803  O O   . GLY B 1 24 ? 15.064  11.148  -3.152  1.00 67.06  ? 2254 GLY B O   1 
ATOM   804  N N   . VAL B 1 25 ? 14.075  11.182  -5.153  1.00 67.53  ? 2255 VAL B N   1 
ATOM   805  C CA  . VAL B 1 25 ? 13.844  12.620  -5.094  1.00 67.81  ? 2255 VAL B CA  1 
ATOM   806  C C   . VAL B 1 25 ? 12.368  12.927  -4.787  1.00 67.71  ? 2255 VAL B C   1 
ATOM   807  O O   . VAL B 1 25 ? 11.492  12.316  -5.386  1.00 67.42  ? 2255 VAL B O   1 
ATOM   808  C CB  . VAL B 1 25 ? 14.380  13.304  -6.386  1.00 67.96  ? 2255 VAL B CB  1 
ATOM   809  C CG1 . VAL B 1 25 ? 13.591  14.546  -6.747  1.00 68.24  ? 2255 VAL B CG1 1 
ATOM   810  C CG2 . VAL B 1 25 ? 15.876  13.637  -6.218  1.00 68.28  ? 2255 VAL B CG2 1 
ATOM   811  N N   . PRO B 1 26 ? 12.106  13.850  -3.830  1.00 67.71  ? 2256 PRO B N   1 
ATOM   812  C CA  . PRO B 1 26 ? 10.773  14.206  -3.373  1.00 68.10  ? 2256 PRO B CA  1 
ATOM   813  C C   . PRO B 1 26 ? 9.839   14.440  -4.517  1.00 68.37  ? 2256 PRO B C   1 
ATOM   814  O O   . PRO B 1 26 ? 10.239  15.015  -5.517  1.00 68.77  ? 2256 PRO B O   1 
ATOM   815  C CB  . PRO B 1 26 ? 11.003  15.527  -2.647  1.00 67.96  ? 2256 PRO B CB  1 
ATOM   816  C CG  . PRO B 1 26 ? 12.310  15.342  -2.031  1.00 68.08  ? 2256 PRO B CG  1 
ATOM   817  C CD  . PRO B 1 26 ? 13.122  14.617  -3.091  1.00 67.77  ? 2256 PRO B CD  1 
ATOM   818  N N   . ALA B 1 27 ? 8.607   13.970  -4.387  1.00 68.72  ? 2257 ALA B N   1 
ATOM   819  C CA  . ALA B 1 27 ? 7.585   14.266  -5.385  1.00 68.89  ? 2257 ALA B CA  1 
ATOM   820  C C   . ALA B 1 27 ? 6.474   15.035  -4.680  1.00 68.93  ? 2257 ALA B C   1 
ATOM   821  O O   . ALA B 1 27 ? 5.839   14.527  -3.742  1.00 69.36  ? 2257 ALA B O   1 
ATOM   822  C CB  . ALA B 1 27 ? 7.076   13.016  -6.022  1.00 68.52  ? 2257 ALA B CB  1 
ATOM   823  N N   . GLU B 1 28 ? 6.273   16.278  -5.113  1.00 68.50  ? 2258 GLU B N   1 
ATOM   824  C CA  . GLU B 1 28 ? 5.404   17.190  -4.401  1.00 67.84  ? 2258 GLU B CA  1 
ATOM   825  C C   . GLU B 1 28 ? 4.088   17.379  -5.136  1.00 66.89  ? 2258 GLU B C   1 
ATOM   826  O O   . GLU B 1 28 ? 3.990   17.197  -6.365  1.00 66.41  ? 2258 GLU B O   1 
ATOM   827  C CB  . GLU B 1 28 ? 6.095   18.532  -4.149  1.00 68.45  ? 2258 GLU B CB  1 
ATOM   828  C CG  . GLU B 1 28 ? 7.629   18.468  -4.039  1.00 71.03  ? 2258 GLU B CG  1 
ATOM   829  C CD  . GLU B 1 28 ? 8.374   18.824  -5.370  1.00 75.31  ? 2258 GLU B CD  1 
ATOM   830  O OE1 . GLU B 1 28 ? 8.194   18.140  -6.427  1.00 75.46  ? 2258 GLU B OE1 1 
ATOM   831  O OE2 . GLU B 1 28 ? 9.166   19.799  -5.343  1.00 76.37  ? 2258 GLU B OE2 1 
ATOM   832  N N   . PHE B 1 29 ? 3.067   17.698  -4.345  1.00 65.82  ? 2259 PHE B N   1 
ATOM   833  C CA  . PHE B 1 29 ? 1.788   18.153  -4.866  1.00 65.11  ? 2259 PHE B CA  1 
ATOM   834  C C   . PHE B 1 29 ? 1.010   18.875  -3.779  1.00 64.14  ? 2259 PHE B C   1 
ATOM   835  O O   . PHE B 1 29 ? 1.459   18.955  -2.630  1.00 63.23  ? 2259 PHE B O   1 
ATOM   836  C CB  . PHE B 1 29 ? 0.984   17.015  -5.501  1.00 65.26  ? 2259 PHE B CB  1 
ATOM   837  C CG  . PHE B 1 29 ? 0.553   15.950  -4.533  1.00 66.64  ? 2259 PHE B CG  1 
ATOM   838  C CD1 . PHE B 1 29 ? 1.464   15.003  -4.053  1.00 67.34  ? 2259 PHE B CD1 1 
ATOM   839  C CD2 . PHE B 1 29 ? -0.775  15.864  -4.119  1.00 66.40  ? 2259 PHE B CD2 1 
ATOM   840  C CE1 . PHE B 1 29 ? 1.053   14.013  -3.168  1.00 66.20  ? 2259 PHE B CE1 1 
ATOM   841  C CE2 . PHE B 1 29 ? -1.185  14.878  -3.239  1.00 65.83  ? 2259 PHE B CE2 1 
ATOM   842  C CZ  . PHE B 1 29 ? -0.272  13.952  -2.765  1.00 65.67  ? 2259 PHE B CZ  1 
ATOM   843  N N   . SER B 1 30 ? -0.137  19.419  -4.167  1.00 63.82  ? 2260 SER B N   1 
ATOM   844  C CA  . SER B 1 30 ? -1.005  20.165  -3.258  1.00 63.83  ? 2260 SER B CA  1 
ATOM   845  C C   . SER B 1 30 ? -2.450  19.658  -3.262  1.00 63.77  ? 2260 SER B C   1 
ATOM   846  O O   . SER B 1 30 ? -2.928  19.056  -4.235  1.00 62.56  ? 2260 SER B O   1 
ATOM   847  C CB  . SER B 1 30 ? -0.995  21.650  -3.634  1.00 63.88  ? 2260 SER B CB  1 
ATOM   848  O OG  . SER B 1 30 ? 0.061   22.363  -3.009  1.00 63.64  ? 2260 SER B OG  1 
ATOM   849  N N   . ILE B 1 31 ? -3.141  19.918  -2.166  1.00 64.41  ? 2261 ILE B N   1 
ATOM   850  C CA  . ILE B 1 31 ? -4.545  19.628  -2.106  1.00 66.10  ? 2261 ILE B CA  1 
ATOM   851  C C   . ILE B 1 31 ? -5.251  20.862  -1.613  1.00 67.37  ? 2261 ILE B C   1 
ATOM   852  O O   . ILE B 1 31 ? -4.789  21.510  -0.659  1.00 67.19  ? 2261 ILE B O   1 
ATOM   853  C CB  . ILE B 1 31 ? -4.879  18.486  -1.102  1.00 66.19  ? 2261 ILE B CB  1 
ATOM   854  C CG1 . ILE B 1 31 ? -4.132  17.190  -1.411  1.00 64.79  ? 2261 ILE B CG1 1 
ATOM   855  C CG2 . ILE B 1 31 ? -6.355  18.195  -1.125  1.00 66.69  ? 2261 ILE B CG2 1 
ATOM   856  C CD1 . ILE B 1 31 ? -3.160  16.831  -0.368  1.00 61.98  ? 2261 ILE B CD1 1 
ATOM   857  N N   . TRP B 1 32 ? -6.378  21.165  -2.254  1.00 69.33  ? 2262 TRP B N   1 
ATOM   858  C CA  . TRP B 1 32 ? -7.296  22.214  -1.789  1.00 71.68  ? 2262 TRP B CA  1 
ATOM   859  C C   . TRP B 1 32 ? -8.663  21.632  -1.431  1.00 73.44  ? 2262 TRP B C   1 
ATOM   860  O O   . TRP B 1 32 ? -9.341  21.029  -2.268  1.00 72.71  ? 2262 TRP B O   1 
ATOM   861  C CB  . TRP B 1 32 ? -7.448  23.335  -2.834  1.00 71.31  ? 2262 TRP B CB  1 
ATOM   862  C CG  . TRP B 1 32 ? -6.137  23.964  -3.207  1.00 71.56  ? 2262 TRP B CG  1 
ATOM   863  C CD1 . TRP B 1 32 ? -5.526  25.028  -2.596  1.00 71.58  ? 2262 TRP B CD1 1 
ATOM   864  C CD2 . TRP B 1 32 ? -5.257  23.553  -4.263  1.00 70.86  ? 2262 TRP B CD2 1 
ATOM   865  N NE1 . TRP B 1 32 ? -4.324  25.305  -3.213  1.00 71.23  ? 2262 TRP B NE1 1 
ATOM   866  C CE2 . TRP B 1 32 ? -4.138  24.414  -4.236  1.00 71.01  ? 2262 TRP B CE2 1 
ATOM   867  C CE3 . TRP B 1 32 ? -5.306  22.539  -5.223  1.00 69.91  ? 2262 TRP B CE3 1 
ATOM   868  C CZ2 . TRP B 1 32 ? -3.081  24.286  -5.132  1.00 71.15  ? 2262 TRP B CZ2 1 
ATOM   869  C CZ3 . TRP B 1 32 ? -4.260  22.417  -6.110  1.00 70.58  ? 2262 TRP B CZ3 1 
ATOM   870  C CH2 . TRP B 1 32 ? -3.166  23.286  -6.064  1.00 71.32  ? 2262 TRP B CH2 1 
ATOM   871  N N   . THR B 1 33 ? -9.049  21.830  -0.175  1.00 76.69  ? 2263 THR B N   1 
ATOM   872  C CA  . THR B 1 33 ? -10.298 21.300  0.377   1.00 80.04  ? 2263 THR B CA  1 
ATOM   873  C C   . THR B 1 33 ? -11.438 22.285  0.206   1.00 82.71  ? 2263 THR B C   1 
ATOM   874  O O   . THR B 1 33 ? -12.532 21.891  -0.210  1.00 83.21  ? 2263 THR B O   1 
ATOM   875  C CB  . THR B 1 33 ? -10.193 21.019  1.900   1.00 79.73  ? 2263 THR B CB  1 
ATOM   876  O OG1 . THR B 1 33 ? -9.685  22.170  2.594   1.00 79.52  ? 2263 THR B OG1 1 
ATOM   877  C CG2 . THR B 1 33 ? -9.287  19.872  2.164   1.00 80.04  ? 2263 THR B CG2 1 
ATOM   878  N N   . ARG B 1 34 ? -11.152 23.555  0.532   1.00 85.94  ? 2264 ARG B N   1 
ATOM   879  C CA  . ARG B 1 34 ? -12.144 24.643  0.680   1.00 88.85  ? 2264 ARG B CA  1 
ATOM   880  C C   . ARG B 1 34 ? -13.267 24.435  -0.305  1.00 89.69  ? 2264 ARG B C   1 
ATOM   881  O O   . ARG B 1 34 ? -13.002 24.226  -1.500  1.00 89.83  ? 2264 ARG B O   1 
ATOM   882  C CB  . ARG B 1 34 ? -11.522 26.042  0.435   1.00 89.57  ? 2264 ARG B CB  1 
ATOM   883  C CG  . ARG B 1 34 ? -9.996  26.172  0.645   1.00 92.62  ? 2264 ARG B CG  1 
ATOM   884  C CD  . ARG B 1 34 ? -9.351  26.978  -0.517  1.00 97.72  ? 2264 ARG B CD  1 
ATOM   885  N NE  . ARG B 1 34 ? -7.990  27.460  -0.216  1.00 100.42 ? 2264 ARG B NE  1 
ATOM   886  C CZ  . ARG B 1 34 ? -7.185  28.117  -1.066  1.00 100.78 ? 2264 ARG B CZ  1 
ATOM   887  N NH1 . ARG B 1 34 ? -7.569  28.390  -2.313  1.00 99.77  ? 2264 ARG B NH1 1 
ATOM   888  N NH2 . ARG B 1 34 ? -5.977  28.502  -0.658  1.00 101.14 ? 2264 ARG B NH2 1 
ATOM   889  N N   . GLU B 1 35 ? -14.497 24.502  0.215   1.00 90.75  ? 2265 GLU B N   1 
ATOM   890  C CA  . GLU B 1 35 ? -15.759 24.163  -0.488  1.00 91.95  ? 2265 GLU B CA  1 
ATOM   891  C C   . GLU B 1 35 ? -16.317 22.777  -0.053  1.00 92.09  ? 2265 GLU B C   1 
ATOM   892  O O   . GLU B 1 35 ? -17.518 22.512  -0.186  1.00 92.36  ? 2265 GLU B O   1 
ATOM   893  C CB  . GLU B 1 35 ? -15.683 24.342  -2.035  1.00 91.69  ? 2265 GLU B CB  1 
ATOM   894  C CG  . GLU B 1 35 ? -15.425 23.062  -2.845  1.00 92.63  ? 2265 GLU B CG  1 
ATOM   895  C CD  . GLU B 1 35 ? -14.721 23.273  -4.208  1.00 93.40  ? 2265 GLU B CD  1 
ATOM   896  O OE1 . GLU B 1 35 ? -15.354 22.929  -5.233  1.00 95.46  ? 2265 GLU B OE1 1 
ATOM   897  O OE2 . GLU B 1 35 ? -13.537 23.719  -4.268  1.00 94.35  ? 2265 GLU B OE2 1 
ATOM   898  N N   . ALA B 1 36 ? -15.453 21.908  0.475   1.00 92.28  ? 2266 ALA B N   1 
ATOM   899  C CA  . ALA B 1 36 ? -15.891 20.592  0.973   1.00 92.28  ? 2266 ALA B CA  1 
ATOM   900  C C   . ALA B 1 36 ? -16.305 20.745  2.408   1.00 92.10  ? 2266 ALA B C   1 
ATOM   901  O O   . ALA B 1 36 ? -16.036 21.784  3.013   1.00 92.13  ? 2266 ALA B O   1 
ATOM   902  C CB  . ALA B 1 36 ? -14.773 19.573  0.876   1.00 92.34  ? 2266 ALA B CB  1 
ATOM   903  N N   . GLY B 1 37 ? -16.939 19.710  2.958   1.00 91.90  ? 2267 GLY B N   1 
ATOM   904  C CA  . GLY B 1 37 ? -17.241 19.682  4.388   1.00 91.62  ? 2267 GLY B CA  1 
ATOM   905  C C   . GLY B 1 37 ? -15.959 19.924  5.163   1.00 91.31  ? 2267 GLY B C   1 
ATOM   906  O O   . GLY B 1 37 ? -15.020 20.544  4.651   1.00 91.62  ? 2267 GLY B O   1 
ATOM   907  N N   . ALA B 1 38 ? -15.921 19.459  6.404   1.00 90.84  ? 2268 ALA B N   1 
ATOM   908  C CA  . ALA B 1 38 ? -14.663 19.382  7.147   1.00 90.26  ? 2268 ALA B CA  1 
ATOM   909  C C   . ALA B 1 38 ? -14.556 18.001  7.813   1.00 89.63  ? 2268 ALA B C   1 
ATOM   910  O O   . ALA B 1 38 ? -15.580 17.354  8.137   1.00 89.62  ? 2268 ALA B O   1 
ATOM   911  C CB  . ALA B 1 38 ? -14.535 20.540  8.174   1.00 90.51  ? 2268 ALA B CB  1 
ATOM   912  N N   . GLY B 1 39 ? -13.325 17.529  7.989   1.00 88.24  ? 2269 GLY B N   1 
ATOM   913  C CA  . GLY B 1 39 ? -13.132 16.189  8.516   1.00 86.09  ? 2269 GLY B CA  1 
ATOM   914  C C   . GLY B 1 39 ? -11.689 15.781  8.429   1.00 84.39  ? 2269 GLY B C   1 
ATOM   915  O O   . GLY B 1 39 ? -10.877 16.188  9.251   1.00 84.39  ? 2269 GLY B O   1 
ATOM   916  N N   . GLY B 1 40 ? -11.358 14.983  7.421   1.00 82.64  ? 2270 GLY B N   1 
ATOM   917  C CA  . GLY B 1 40 ? -10.043 14.366  7.397   1.00 79.94  ? 2270 GLY B CA  1 
ATOM   918  C C   . GLY B 1 40 ? -9.529  13.975  6.041   1.00 77.91  ? 2270 GLY B C   1 
ATOM   919  O O   . GLY B 1 40 ? -10.179 13.231  5.290   1.00 78.43  ? 2270 GLY B O   1 
ATOM   920  N N   . LEU B 1 41 ? -8.345  14.486  5.742   1.00 75.38  ? 2271 LEU B N   1 
ATOM   921  C CA  . LEU B 1 41 ? -7.656  14.176  4.510   1.00 72.94  ? 2271 LEU B CA  1 
ATOM   922  C C   . LEU B 1 41 ? -6.598  13.134  4.814   1.00 71.30  ? 2271 LEU B C   1 
ATOM   923  O O   . LEU B 1 41 ? -5.909  13.198  5.845   1.00 71.08  ? 2271 LEU B O   1 
ATOM   924  C CB  . LEU B 1 41 ? -6.995  15.457  3.994   1.00 73.50  ? 2271 LEU B CB  1 
ATOM   925  C CG  . LEU B 1 41 ? -6.829  15.839  2.518   1.00 72.77  ? 2271 LEU B CG  1 
ATOM   926  C CD1 . LEU B 1 41 ? -8.093  15.619  1.709   1.00 72.36  ? 2271 LEU B CD1 1 
ATOM   927  C CD2 . LEU B 1 41 ? -6.433  17.297  2.456   1.00 72.74  ? 2271 LEU B CD2 1 
ATOM   928  N N   . ALA B 1 42 ? -6.469  12.163  3.928   1.00 69.05  ? 2272 ALA B N   1 
ATOM   929  C CA  . ALA B 1 42 ? -5.419  11.176  4.082   1.00 66.99  ? 2272 ALA B CA  1 
ATOM   930  C C   . ALA B 1 42 ? -4.895  10.774  2.733   1.00 65.81  ? 2272 ALA B C   1 
ATOM   931  O O   . ALA B 1 42 ? -5.626  10.747  1.733   1.00 65.78  ? 2272 ALA B O   1 
ATOM   932  C CB  . ALA B 1 42 ? -5.908  9.966   4.845   1.00 67.03  ? 2272 ALA B CB  1 
ATOM   933  N N   . ILE B 1 43 ? -3.617  10.445  2.719   1.00 64.07  ? 2273 ILE B N   1 
ATOM   934  C CA  . ILE B 1 43 ? -2.888  10.235  1.493   1.00 62.43  ? 2273 ILE B CA  1 
ATOM   935  C C   . ILE B 1 43 ? -2.203  8.902   1.652   1.00 60.98  ? 2273 ILE B C   1 
ATOM   936  O O   . ILE B 1 43 ? -1.700  8.601   2.723   1.00 60.75  ? 2273 ILE B O   1 
ATOM   937  C CB  . ILE B 1 43 ? -1.825  11.345  1.327   1.00 62.74  ? 2273 ILE B CB  1 
ATOM   938  C CG1 . ILE B 1 43 ? -2.484  12.719  1.372   1.00 62.65  ? 2273 ILE B CG1 1 
ATOM   939  C CG2 . ILE B 1 43 ? -1.064  11.201  0.027   1.00 63.08  ? 2273 ILE B CG2 1 
ATOM   940  C CD1 . ILE B 1 43 ? -1.666  13.697  2.120   1.00 63.81  ? 2273 ILE B CD1 1 
ATOM   941  N N   . ALA B 1 44 ? -2.173  8.115   0.585   1.00 59.43  ? 2274 ALA B N   1 
ATOM   942  C CA  . ALA B 1 44 ? -1.552  6.803   0.610   1.00 58.01  ? 2274 ALA B CA  1 
ATOM   943  C C   . ALA B 1 44 ? -0.826  6.522   -0.702  1.00 57.22  ? 2274 ALA B C   1 
ATOM   944  O O   . ALA B 1 44 ? -1.288  6.940   -1.766  1.00 57.32  ? 2274 ALA B O   1 
ATOM   945  C CB  . ALA B 1 44 ? -2.593  5.768   0.842   1.00 58.08  ? 2274 ALA B CB  1 
ATOM   946  N N   . VAL B 1 45 ? 0.305   5.816   -0.631  1.00 55.97  ? 2275 VAL B N   1 
ATOM   947  C CA  . VAL B 1 45 ? 1.064   5.448   -1.831  1.00 54.85  ? 2275 VAL B CA  1 
ATOM   948  C C   . VAL B 1 45 ? 1.223   3.948   -1.883  1.00 54.57  ? 2275 VAL B C   1 
ATOM   949  O O   . VAL B 1 45 ? 1.759   3.363   -0.961  1.00 54.69  ? 2275 VAL B O   1 
ATOM   950  C CB  . VAL B 1 45 ? 2.492   6.092   -1.858  1.00 54.70  ? 2275 VAL B CB  1 
ATOM   951  C CG1 . VAL B 1 45 ? 3.079   5.985   -3.211  1.00 54.33  ? 2275 VAL B CG1 1 
ATOM   952  C CG2 . VAL B 1 45 ? 2.462   7.521   -1.471  1.00 52.77  ? 2275 VAL B CG2 1 
ATOM   953  N N   . GLU B 1 46 ? 0.754   3.328   -2.956  1.00 54.61  ? 2276 GLU B N   1 
ATOM   954  C CA  . GLU B 1 46 ? 0.848   1.882   -3.120  1.00 55.21  ? 2276 GLU B CA  1 
ATOM   955  C C   . GLU B 1 46 ? 1.835   1.567   -4.239  1.00 54.83  ? 2276 GLU B C   1 
ATOM   956  O O   . GLU B 1 46 ? 1.692   2.061   -5.338  1.00 55.20  ? 2276 GLU B O   1 
ATOM   957  C CB  . GLU B 1 46 ? -0.541  1.295   -3.436  1.00 54.34  ? 2276 GLU B CB  1 
ATOM   958  C CG  . GLU B 1 46 ? -0.579  -0.195  -3.838  1.00 55.44  ? 2276 GLU B CG  1 
ATOM   959  C CD  . GLU B 1 46 ? -2.007  -0.780  -4.065  1.00 57.50  ? 2276 GLU B CD  1 
ATOM   960  O OE1 . GLU B 1 46 ? -3.008  -0.106  -3.719  1.00 62.05  ? 2276 GLU B OE1 1 
ATOM   961  O OE2 . GLU B 1 46 ? -2.147  -1.921  -4.600  1.00 60.48  ? 2276 GLU B OE2 1 
ATOM   962  N N   . GLY B 1 47 ? 2.829   0.735   -3.974  1.00 55.18  ? 2277 GLY B N   1 
ATOM   963  C CA  . GLY B 1 47 ? 3.683   0.194   -5.062  1.00 55.74  ? 2277 GLY B CA  1 
ATOM   964  C C   . GLY B 1 47 ? 4.919   -0.591  -4.620  1.00 55.97  ? 2277 GLY B C   1 
ATOM   965  O O   . GLY B 1 47 ? 5.034   -0.988  -3.465  1.00 56.37  ? 2277 GLY B O   1 
ATOM   966  N N   . PRO B 1 48 ? 5.890   -0.762  -5.517  1.00 56.25  ? 2278 PRO B N   1 
ATOM   967  C CA  . PRO B 1 48 ? 6.997   -1.659  -5.233  1.00 56.42  ? 2278 PRO B CA  1 
ATOM   968  C C   . PRO B 1 48 ? 7.987   -1.144  -4.176  1.00 56.53  ? 2278 PRO B C   1 
ATOM   969  O O   . PRO B 1 48 ? 9.104   -1.617  -4.128  1.00 57.26  ? 2278 PRO B O   1 
ATOM   970  C CB  . PRO B 1 48 ? 7.687   -1.771  -6.597  1.00 56.65  ? 2278 PRO B CB  1 
ATOM   971  C CG  . PRO B 1 48 ? 7.470   -0.415  -7.210  1.00 56.25  ? 2278 PRO B CG  1 
ATOM   972  C CD  . PRO B 1 48 ? 6.053   -0.093  -6.823  1.00 56.72  ? 2278 PRO B CD  1 
ATOM   973  N N   . SER B 1 49 ? 7.598   -0.204  -3.329  1.00 56.35  ? 2279 SER B N   1 
ATOM   974  C CA  . SER B 1 49 ? 8.515   0.275   -2.321  1.00 56.47  ? 2279 SER B CA  1 
ATOM   975  C C   . SER B 1 49 ? 7.773   1.157   -1.320  1.00 57.01  ? 2279 SER B C   1 
ATOM   976  O O   . SER B 1 49 ? 6.690   1.636   -1.610  1.00 56.68  ? 2279 SER B O   1 
ATOM   977  C CB  . SER B 1 49 ? 9.693   0.980   -3.003  1.00 56.30  ? 2279 SER B CB  1 
ATOM   978  O OG  . SER B 1 49 ? 10.032  2.215   -2.391  1.00 57.15  ? 2279 SER B OG  1 
ATOM   979  N N   . LYS B 1 50 ? 8.339   1.306   -0.127  1.00 58.04  ? 2280 LYS B N   1 
ATOM   980  C CA  . LYS B 1 50 ? 7.778   2.099   0.954   1.00 60.42  ? 2280 LYS B CA  1 
ATOM   981  C C   . LYS B 1 50 ? 7.767   3.544   0.504   1.00 61.75  ? 2280 LYS B C   1 
ATOM   982  O O   . LYS B 1 50 ? 8.505   3.906   -0.411  1.00 62.43  ? 2280 LYS B O   1 
ATOM   983  C CB  . LYS B 1 50 ? 8.679   1.974   2.188   1.00 59.57  ? 2280 LYS B CB  1 
ATOM   984  C CG  . LYS B 1 50 ? 8.300   2.884   3.361   1.00 61.87  ? 2280 LYS B CG  1 
ATOM   985  C CD  . LYS B 1 50 ? 9.106   2.614   4.686   1.00 63.73  ? 2280 LYS B CD  1 
ATOM   986  C CE  . LYS B 1 50 ? 8.815   1.183   5.389   1.00 67.63  ? 2280 LYS B CE  1 
ATOM   987  N NZ  . LYS B 1 50 ? 7.391   0.773   5.757   1.00 65.44  ? 2280 LYS B NZ  1 
ATOM   988  N N   . ALA B 1 51 ? 6.973   4.392   1.150   1.00 63.08  ? 2281 ALA B N   1 
ATOM   989  C CA  . ALA B 1 51 ? 6.979   5.794   0.803   1.00 64.39  ? 2281 ALA B CA  1 
ATOM   990  C C   . ALA B 1 51 ? 7.086   6.626   2.060   1.00 65.96  ? 2281 ALA B C   1 
ATOM   991  O O   . ALA B 1 51 ? 6.452   6.297   3.057   1.00 66.41  ? 2281 ALA B O   1 
ATOM   992  C CB  . ALA B 1 51 ? 5.738   6.132   0.056   1.00 64.26  ? 2281 ALA B CB  1 
ATOM   993  N N   . GLU B 1 52 ? 7.897   7.692   2.023   1.00 67.84  ? 2282 GLU B N   1 
ATOM   994  C CA  . GLU B 1 52 ? 8.009   8.637   3.155   1.00 69.53  ? 2282 GLU B CA  1 
ATOM   995  C C   . GLU B 1 52 ? 7.188   9.877   2.817   1.00 69.82  ? 2282 GLU B C   1 
ATOM   996  O O   . GLU B 1 52 ? 7.507   10.603  1.874   1.00 69.77  ? 2282 GLU B O   1 
ATOM   997  C CB  . GLU B 1 52 ? 9.472   9.018   3.450   1.00 69.93  ? 2282 GLU B CB  1 
ATOM   998  C CG  . GLU B 1 52 ? 10.375  7.883   3.897   1.00 73.03  ? 2282 GLU B CG  1 
ATOM   999  C CD  . GLU B 1 52 ? 9.951   7.320   5.241   1.00 79.69  ? 2282 GLU B CD  1 
ATOM   1000 O OE1 . GLU B 1 52 ? 9.677   8.147   6.149   1.00 82.51  ? 2282 GLU B OE1 1 
ATOM   1001 O OE2 . GLU B 1 52 ? 9.878   6.061   5.391   1.00 81.95  ? 2282 GLU B OE2 1 
ATOM   1002 N N   . ILE B 1 53 ? 6.121   10.097  3.573   1.00 70.56  ? 2283 ILE B N   1 
ATOM   1003 C CA  . ILE B 1 53 ? 5.152   11.094  3.210   1.00 71.74  ? 2283 ILE B CA  1 
ATOM   1004 C C   . ILE B 1 53 ? 5.153   12.132  4.287   1.00 74.13  ? 2283 ILE B C   1 
ATOM   1005 O O   . ILE B 1 53 ? 4.965   11.813  5.453   1.00 74.31  ? 2283 ILE B O   1 
ATOM   1006 C CB  . ILE B 1 53 ? 3.750   10.505  3.084   1.00 70.99  ? 2283 ILE B CB  1 
ATOM   1007 C CG1 . ILE B 1 53 ? 3.698   9.470   1.968   1.00 70.10  ? 2283 ILE B CG1 1 
ATOM   1008 C CG2 . ILE B 1 53 ? 2.753   11.577  2.807   1.00 69.83  ? 2283 ILE B CG2 1 
ATOM   1009 C CD1 . ILE B 1 53 ? 2.616   8.422   2.156   1.00 69.39  ? 2283 ILE B CD1 1 
ATOM   1010 N N   . SER B 1 54 ? 5.378   13.377  3.879   1.00 77.14  ? 2284 SER B N   1 
ATOM   1011 C CA  . SER B 1 54 ? 5.388   14.512  4.769   1.00 80.20  ? 2284 SER B CA  1 
ATOM   1012 C C   . SER B 1 54 ? 4.281   15.426  4.329   1.00 82.53  ? 2284 SER B C   1 
ATOM   1013 O O   . SER B 1 54 ? 3.977   15.557  3.140   1.00 82.42  ? 2284 SER B O   1 
ATOM   1014 C CB  . SER B 1 54 ? 6.734   15.217  4.725   1.00 80.27  ? 2284 SER B CB  1 
ATOM   1015 O OG  . SER B 1 54 ? 7.316   15.030  3.449   1.00 81.50  ? 2284 SER B OG  1 
ATOM   1016 N N   . PHE B 1 55 ? 3.711   16.076  5.326   1.00 85.86  ? 2285 PHE B N   1 
ATOM   1017 C CA  . PHE B 1 55 ? 2.355   16.563  5.293   1.00 89.36  ? 2285 PHE B CA  1 
ATOM   1018 C C   . PHE B 1 55 ? 2.467   17.969  5.807   1.00 91.41  ? 2285 PHE B C   1 
ATOM   1019 O O   . PHE B 1 55 ? 3.301   18.251  6.675   1.00 91.90  ? 2285 PHE B O   1 
ATOM   1020 C CB  . PHE B 1 55 ? 1.568   15.711  6.286   1.00 89.68  ? 2285 PHE B CB  1 
ATOM   1021 C CG  . PHE B 1 55 ? 0.090   15.879  6.229   1.00 91.45  ? 2285 PHE B CG  1 
ATOM   1022 C CD1 . PHE B 1 55 ? -0.600  16.413  7.328   1.00 94.16  ? 2285 PHE B CD1 1 
ATOM   1023 C CD2 . PHE B 1 55 ? -0.642  15.450  5.117   1.00 92.63  ? 2285 PHE B CD2 1 
ATOM   1024 C CE1 . PHE B 1 55 ? -2.025  16.541  7.307   1.00 94.49  ? 2285 PHE B CE1 1 
ATOM   1025 C CE2 . PHE B 1 55 ? -2.060  15.570  5.076   1.00 92.33  ? 2285 PHE B CE2 1 
ATOM   1026 C CZ  . PHE B 1 55 ? -2.751  16.111  6.170   1.00 92.65  ? 2285 PHE B CZ  1 
ATOM   1027 N N   . GLU B 1 56 ? 1.656   18.869  5.274   1.00 93.82  ? 2286 GLU B N   1 
ATOM   1028 C CA  . GLU B 1 56 ? 1.677   20.236  5.760   1.00 96.12  ? 2286 GLU B CA  1 
ATOM   1029 C C   . GLU B 1 56 ? 0.370   20.956  5.558   1.00 97.09  ? 2286 GLU B C   1 
ATOM   1030 O O   . GLU B 1 56 ? -0.009  21.273  4.425   1.00 97.31  ? 2286 GLU B O   1 
ATOM   1031 C CB  . GLU B 1 56 ? 2.800   21.027  5.106   1.00 96.43  ? 2286 GLU B CB  1 
ATOM   1032 C CG  . GLU B 1 56 ? 4.026   21.123  5.969   1.00 99.48  ? 2286 GLU B CG  1 
ATOM   1033 C CD  . GLU B 1 56 ? 4.878   22.311  5.593   1.00 103.50 ? 2286 GLU B CD  1 
ATOM   1034 O OE1 . GLU B 1 56 ? 5.558   22.244  4.536   1.00 104.19 ? 2286 GLU B OE1 1 
ATOM   1035 O OE2 . GLU B 1 56 ? 4.858   23.310  6.355   1.00 104.74 ? 2286 GLU B OE2 1 
ATOM   1036 N N   . ASP B 1 57 ? -0.320  21.211  6.666   1.00 98.50  ? 2287 ASP B N   1 
ATOM   1037 C CA  . ASP B 1 57 ? -1.456  22.105  6.633   1.00 99.86  ? 2287 ASP B CA  1 
ATOM   1038 C C   . ASP B 1 57 ? -0.937  23.536  6.755   1.00 100.41 ? 2287 ASP B C   1 
ATOM   1039 O O   . ASP B 1 57 ? -0.211  23.864  7.707   1.00 100.72 ? 2287 ASP B O   1 
ATOM   1040 C CB  . ASP B 1 57 ? -2.466  21.783  7.729   1.00 99.96  ? 2287 ASP B CB  1 
ATOM   1041 C CG  . ASP B 1 57 ? -3.843  22.345  7.416   1.00 101.84 ? 2287 ASP B CG  1 
ATOM   1042 O OD1 . ASP B 1 57 ? -4.685  21.584  6.878   1.00 103.14 ? 2287 ASP B OD1 1 
ATOM   1043 O OD2 . ASP B 1 57 ? -4.075  23.555  7.667   1.00 103.36 ? 2287 ASP B OD2 1 
ATOM   1044 N N   . ARG B 1 58 ? -1.281  24.363  5.765   1.00 100.88 ? 2288 ARG B N   1 
ATOM   1045 C CA  . ARG B 1 58 ? -0.821  25.753  5.687   1.00 100.93 ? 2288 ARG B CA  1 
ATOM   1046 C C   . ARG B 1 58 ? -2.025  26.620  5.959   1.00 101.61 ? 2288 ARG B C   1 
ATOM   1047 O O   . ARG B 1 58 ? -3.126  26.322  5.468   1.00 101.61 ? 2288 ARG B O   1 
ATOM   1048 C CB  . ARG B 1 58 ? -0.231  26.052  4.293   1.00 101.07 ? 2288 ARG B CB  1 
ATOM   1049 C CG  . ARG B 1 58 ? 0.812   24.898  3.900   1.00 100.60 ? 2288 ARG B CG  1 
ATOM   1050 C CD  . ARG B 1 58 ? 1.707   25.284  2.726   1.00 99.48  ? 2288 ARG B CD  1 
ATOM   1051 N NE  . ARG B 1 58 ? 1.144   24.745  1.480   1.00 97.49  ? 2288 ARG B NE  1 
ATOM   1052 C CZ  . ARG B 1 58 ? 1.833   24.101  0.526   1.00 97.06  ? 2288 ARG B CZ  1 
ATOM   1053 N NH1 . ARG B 1 58 ? 3.144   23.885  0.654   1.00 97.49  ? 2288 ARG B NH1 1 
ATOM   1054 N NH2 . ARG B 1 58 ? 1.209   23.654  -0.566  1.00 94.72  ? 2288 ARG B NH2 1 
ATOM   1055 N N   . LYS B 1 59 ? -1.823  27.672  6.753   1.00 102.21 ? 2289 LYS B N   1 
ATOM   1056 C CA  . LYS B 1 59 ? -2.903  28.623  7.111   1.00 102.85 ? 2289 LYS B CA  1 
ATOM   1057 C C   . LYS B 1 59 ? -3.572  29.285  5.869   1.00 102.53 ? 2289 LYS B C   1 
ATOM   1058 O O   . LYS B 1 59 ? -3.797  30.512  5.838   1.00 102.50 ? 2289 LYS B O   1 
ATOM   1059 C CB  . LYS B 1 59 ? -2.390  29.686  8.110   1.00 102.87 ? 2289 LYS B CB  1 
ATOM   1060 C CG  . LYS B 1 59 ? -1.083  30.385  7.688   1.00 103.75 ? 2289 LYS B CG  1 
ATOM   1061 C CD  . LYS B 1 59 ? -0.941  31.788  8.314   1.00 103.59 ? 2289 LYS B CD  1 
ATOM   1062 C CE  . LYS B 1 59 ? 0.532   32.218  8.418   1.00 104.17 ? 2289 LYS B CE  1 
ATOM   1063 N NZ  . LYS B 1 59 ? 1.216   32.255  7.091   1.00 103.95 ? 2289 LYS B NZ  1 
ATOM   1064 N N   . ASP B 1 60 ? -3.890  28.452  4.868   1.00 101.81 ? 2290 ASP B N   1 
ATOM   1065 C CA  . ASP B 1 60 ? -4.434  28.887  3.582   1.00 100.89 ? 2290 ASP B CA  1 
ATOM   1066 C C   . ASP B 1 60 ? -5.689  28.097  3.231   1.00 99.86  ? 2290 ASP B C   1 
ATOM   1067 O O   . ASP B 1 60 ? -6.238  28.279  2.140   1.00 100.03 ? 2290 ASP B O   1 
ATOM   1068 C CB  . ASP B 1 60 ? -3.411  28.671  2.445   1.00 101.37 ? 2290 ASP B CB  1 
ATOM   1069 C CG  . ASP B 1 60 ? -2.106  29.462  2.635   1.00 102.67 ? 2290 ASP B CG  1 
ATOM   1070 O OD1 . ASP B 1 60 ? -2.015  30.269  3.588   1.00 104.35 ? 2290 ASP B OD1 1 
ATOM   1071 O OD2 . ASP B 1 60 ? -1.160  29.271  1.823   1.00 103.25 ? 2290 ASP B OD2 1 
ATOM   1072 N N   . GLY B 1 61 ? -6.141  27.216  4.129   1.00 98.33  ? 2291 GLY B N   1 
ATOM   1073 C CA  . GLY B 1 61 ? -7.169  26.214  3.773   1.00 96.15  ? 2291 GLY B CA  1 
ATOM   1074 C C   . GLY B 1 61 ? -6.684  25.323  2.623   1.00 94.48  ? 2291 GLY B C   1 
ATOM   1075 O O   . GLY B 1 61 ? -7.480  24.716  1.881   1.00 94.54  ? 2291 GLY B O   1 
ATOM   1076 N N   . SER B 1 62 ? -5.361  25.278  2.466   1.00 92.23  ? 2292 SER B N   1 
ATOM   1077 C CA  . SER B 1 62 ? -4.717  24.508  1.429   1.00 89.91  ? 2292 SER B CA  1 
ATOM   1078 C C   . SER B 1 62 ? -3.681  23.643  2.098   1.00 88.08  ? 2292 SER B C   1 
ATOM   1079 O O   . SER B 1 62 ? -3.040  24.040  3.094   1.00 87.76  ? 2292 SER B O   1 
ATOM   1080 C CB  . SER B 1 62 ? -4.018  25.428  0.435   1.00 90.19  ? 2292 SER B CB  1 
ATOM   1081 O OG  . SER B 1 62 ? -2.786  25.888  0.967   1.00 90.65  ? 2292 SER B OG  1 
ATOM   1082 N N   . CYS B 1 63 ? -3.488  22.467  1.534   1.00 85.44  ? 2293 CYS B N   1 
ATOM   1083 C CA  . CYS B 1 63 ? -2.571  21.554  2.141   1.00 83.39  ? 2293 CYS B CA  1 
ATOM   1084 C C   . CYS B 1 63 ? -1.569  21.046  1.131   1.00 81.37  ? 2293 CYS B C   1 
ATOM   1085 O O   . CYS B 1 63 ? -1.932  20.746  -0.022  1.00 81.04  ? 2293 CYS B O   1 
ATOM   1086 C CB  . CYS B 1 63 ? -3.340  20.403  2.786   1.00 83.83  ? 2293 CYS B CB  1 
ATOM   1087 S SG  . CYS B 1 63 ? -2.251  19.229  3.585   1.00 85.50  ? 2293 CYS B SG  1 
ATOM   1088 N N   . GLY B 1 64 ? -0.316  20.938  1.585   1.00 79.06  ? 2294 GLY B N   1 
ATOM   1089 C CA  . GLY B 1 64 ? 0.819   20.555  0.729   1.00 76.47  ? 2294 GLY B CA  1 
ATOM   1090 C C   . GLY B 1 64 ? 1.578   19.296  1.103   1.00 74.50  ? 2294 GLY B C   1 
ATOM   1091 O O   . GLY B 1 64 ? 1.913   19.071  2.270   1.00 74.77  ? 2294 GLY B O   1 
ATOM   1092 N N   . VAL B 1 65 ? 1.886   18.496  0.089   1.00 72.27  ? 2295 VAL B N   1 
ATOM   1093 C CA  . VAL B 1 65 ? 2.407   17.155  0.294   1.00 70.32  ? 2295 VAL B CA  1 
ATOM   1094 C C   . VAL B 1 65 ? 3.690   16.885  -0.488  1.00 69.39  ? 2295 VAL B C   1 
ATOM   1095 O O   . VAL B 1 65 ? 3.849   17.367  -1.620  1.00 70.13  ? 2295 VAL B O   1 
ATOM   1096 C CB  . VAL B 1 65 ? 1.342   16.132  -0.119  1.00 70.27  ? 2295 VAL B CB  1 
ATOM   1097 C CG1 . VAL B 1 65 ? 1.836   14.708  0.076   1.00 69.58  ? 2295 VAL B CG1 1 
ATOM   1098 C CG2 . VAL B 1 65 ? 0.094   16.375  0.680   1.00 69.73  ? 2295 VAL B CG2 1 
ATOM   1099 N N   . ALA B 1 66 ? 4.597   16.116  0.118   1.00 67.32  ? 2296 ALA B N   1 
ATOM   1100 C CA  . ALA B 1 66 ? 5.775   15.607  -0.564  1.00 64.89  ? 2296 ALA B CA  1 
ATOM   1101 C C   . ALA B 1 66 ? 6.074   14.204  -0.047  1.00 64.05  ? 2296 ALA B C   1 
ATOM   1102 O O   . ALA B 1 66 ? 6.010   13.949  1.161   1.00 63.94  ? 2296 ALA B O   1 
ATOM   1103 C CB  . ALA B 1 66 ? 6.931   16.500  -0.302  1.00 64.64  ? 2296 ALA B CB  1 
ATOM   1104 N N   . TYR B 1 67 ? 6.413   13.296  -0.950  1.00 62.38  ? 2297 TYR B N   1 
ATOM   1105 C CA  . TYR B 1 67 ? 6.811   11.961  -0.553  1.00 61.27  ? 2297 TYR B CA  1 
ATOM   1106 C C   . TYR B 1 67 ? 8.046   11.448  -1.307  1.00 62.17  ? 2297 TYR B C   1 
ATOM   1107 O O   . TYR B 1 67 ? 8.301   11.858  -2.437  1.00 62.40  ? 2297 TYR B O   1 
ATOM   1108 C CB  . TYR B 1 67 ? 5.664   11.003  -0.810  1.00 59.76  ? 2297 TYR B CB  1 
ATOM   1109 C CG  . TYR B 1 67 ? 5.345   10.841  -2.261  1.00 57.08  ? 2297 TYR B CG  1 
ATOM   1110 C CD1 . TYR B 1 67 ? 4.437   11.679  -2.880  1.00 55.87  ? 2297 TYR B CD1 1 
ATOM   1111 C CD2 . TYR B 1 67 ? 5.939   9.846   -3.023  1.00 55.92  ? 2297 TYR B CD2 1 
ATOM   1112 C CE1 . TYR B 1 67 ? 4.126   11.547  -4.231  1.00 55.21  ? 2297 TYR B CE1 1 
ATOM   1113 C CE2 . TYR B 1 67 ? 5.636   9.701   -4.397  1.00 55.54  ? 2297 TYR B CE2 1 
ATOM   1114 C CZ  . TYR B 1 67 ? 4.725   10.562  -4.983  1.00 55.52  ? 2297 TYR B CZ  1 
ATOM   1115 O OH  . TYR B 1 67 ? 4.404   10.456  -6.309  1.00 55.54  ? 2297 TYR B OH  1 
ATOM   1116 N N   . VAL B 1 68 ? 8.782   10.517  -0.704  1.00 62.76  ? 2298 VAL B N   1 
ATOM   1117 C CA  . VAL B 1 68 ? 9.914   9.900   -1.400  1.00 63.71  ? 2298 VAL B CA  1 
ATOM   1118 C C   . VAL B 1 68 ? 9.721   8.398   -1.593  1.00 63.73  ? 2298 VAL B C   1 
ATOM   1119 O O   . VAL B 1 68 ? 9.388   7.704   -0.650  1.00 64.59  ? 2298 VAL B O   1 
ATOM   1120 C CB  . VAL B 1 68 ? 11.246  10.087  -0.610  1.00 63.82  ? 2298 VAL B CB  1 
ATOM   1121 C CG1 . VAL B 1 68 ? 12.446  9.709   -1.500  1.00 64.14  ? 2298 VAL B CG1 1 
ATOM   1122 C CG2 . VAL B 1 68 ? 11.395  11.509  -0.075  1.00 64.07  ? 2298 VAL B CG2 1 
ATOM   1123 N N   . VAL B 1 69 ? 9.947   7.881   -2.786  1.00 63.53  ? 2299 VAL B N   1 
ATOM   1124 C CA  . VAL B 1 69 ? 10.070  6.431   -2.917  1.00 63.85  ? 2299 VAL B CA  1 
ATOM   1125 C C   . VAL B 1 69 ? 11.455  6.036   -3.437  1.00 64.39  ? 2299 VAL B C   1 
ATOM   1126 O O   . VAL B 1 69 ? 12.075  6.823   -4.130  1.00 65.26  ? 2299 VAL B O   1 
ATOM   1127 C CB  . VAL B 1 69 ? 8.927   5.800   -3.772  1.00 63.83  ? 2299 VAL B CB  1 
ATOM   1128 C CG1 . VAL B 1 69 ? 7.615   6.033   -3.101  1.00 64.01  ? 2299 VAL B CG1 1 
ATOM   1129 C CG2 . VAL B 1 69 ? 8.891   6.329   -5.182  1.00 62.35  ? 2299 VAL B CG2 1 
ATOM   1130 N N   . GLN B 1 70 ? 11.947  4.833   -3.126  1.00 64.74  ? 2300 GLN B N   1 
ATOM   1131 C CA  . GLN B 1 70 ? 13.308  4.460   -3.553  1.00 64.63  ? 2300 GLN B CA  1 
ATOM   1132 C C   . GLN B 1 70 ? 13.432  3.546   -4.764  1.00 65.14  ? 2300 GLN B C   1 
ATOM   1133 O O   . GLN B 1 70 ? 14.538  3.340   -5.225  1.00 65.88  ? 2300 GLN B O   1 
ATOM   1134 C CB  . GLN B 1 70 ? 14.110  3.882   -2.406  1.00 63.68  ? 2300 GLN B CB  1 
ATOM   1135 C CG  . GLN B 1 70 ? 14.107  4.740   -1.180  1.00 65.12  ? 2300 GLN B CG  1 
ATOM   1136 C CD  . GLN B 1 70 ? 15.042  5.935   -1.271  1.00 67.30  ? 2300 GLN B CD  1 
ATOM   1137 O OE1 . GLN B 1 70 ? 15.802  6.062   -2.224  1.00 67.87  ? 2300 GLN B OE1 1 
ATOM   1138 N NE2 . GLN B 1 70 ? 14.985  6.824   -0.268  1.00 67.50  ? 2300 GLN B NE2 1 
ATOM   1139 N N   . GLU B 1 71 ? 12.334  3.007   -5.291  1.00 65.80  ? 2301 GLU B N   1 
ATOM   1140 C CA  . GLU B 1 71 ? 12.410  2.022   -6.388  1.00 66.85  ? 2301 GLU B CA  1 
ATOM   1141 C C   . GLU B 1 71 ? 11.681  2.454   -7.640  1.00 66.42  ? 2301 GLU B C   1 
ATOM   1142 O O   . GLU B 1 71 ? 10.508  2.776   -7.563  1.00 66.14  ? 2301 GLU B O   1 
ATOM   1143 C CB  . GLU B 1 71 ? 11.814  0.667   -5.969  1.00 67.27  ? 2301 GLU B CB  1 
ATOM   1144 C CG  . GLU B 1 71 ? 12.774  -0.266  -5.237  1.00 71.83  ? 2301 GLU B CG  1 
ATOM   1145 C CD  . GLU B 1 71 ? 13.817  -0.913  -6.168  1.00 76.93  ? 2301 GLU B CD  1 
ATOM   1146 O OE1 . GLU B 1 71 ? 13.431  -1.657  -7.118  1.00 76.87  ? 2301 GLU B OE1 1 
ATOM   1147 O OE2 . GLU B 1 71 ? 15.028  -0.666  -5.930  1.00 79.51  ? 2301 GLU B OE2 1 
ATOM   1148 N N   . PRO B 1 72 ? 12.361  2.432   -8.805  1.00 66.59  ? 2302 PRO B N   1 
ATOM   1149 C CA  . PRO B 1 72 ? 11.664  2.599   -10.085 1.00 66.48  ? 2302 PRO B CA  1 
ATOM   1150 C C   . PRO B 1 72 ? 10.490  1.645   -10.153 1.00 66.33  ? 2302 PRO B C   1 
ATOM   1151 O O   . PRO B 1 72 ? 10.501  0.662   -9.436  1.00 66.52  ? 2302 PRO B O   1 
ATOM   1152 C CB  . PRO B 1 72 ? 12.720  2.180   -11.124 1.00 66.34  ? 2302 PRO B CB  1 
ATOM   1153 C CG  . PRO B 1 72 ? 13.836  1.556   -10.344 1.00 66.40  ? 2302 PRO B CG  1 
ATOM   1154 C CD  . PRO B 1 72 ? 13.806  2.253   -9.013  1.00 66.52  ? 2302 PRO B CD  1 
ATOM   1155 N N   . GLY B 1 73 ? 9.493   1.942   -10.994 1.00 66.40  ? 2303 GLY B N   1 
ATOM   1156 C CA  . GLY B 1 73 ? 8.338   1.058   -11.247 1.00 65.74  ? 2303 GLY B CA  1 
ATOM   1157 C C   . GLY B 1 73 ? 7.088   1.908   -11.246 1.00 65.53  ? 2303 GLY B C   1 
ATOM   1158 O O   . GLY B 1 73 ? 7.202   3.125   -11.156 1.00 65.61  ? 2303 GLY B O   1 
ATOM   1159 N N   . ASP B 1 74 ? 5.904   1.281   -11.320 1.00 65.21  ? 2304 ASP B N   1 
ATOM   1160 C CA  . ASP B 1 74 ? 4.604   1.996   -11.231 1.00 64.52  ? 2304 ASP B CA  1 
ATOM   1161 C C   . ASP B 1 74 ? 3.987   2.073   -9.845  1.00 62.73  ? 2304 ASP B C   1 
ATOM   1162 O O   . ASP B 1 74 ? 3.793   1.061   -9.208  1.00 63.27  ? 2304 ASP B O   1 
ATOM   1163 C CB  . ASP B 1 74 ? 3.582   1.329   -12.138 1.00 65.49  ? 2304 ASP B CB  1 
ATOM   1164 C CG  . ASP B 1 74 ? 4.004   1.348   -13.584 1.00 68.33  ? 2304 ASP B CG  1 
ATOM   1165 O OD1 . ASP B 1 74 ? 4.237   2.477   -14.118 1.00 71.68  ? 2304 ASP B OD1 1 
ATOM   1166 O OD2 . ASP B 1 74 ? 4.112   0.235   -14.167 1.00 69.43  ? 2304 ASP B OD2 1 
ATOM   1167 N N   . TYR B 1 75 ? 3.646   3.273   -9.403  1.00 60.63  ? 2305 TYR B N   1 
ATOM   1168 C CA  . TYR B 1 75 ? 2.930   3.460   -8.144  1.00 58.50  ? 2305 TYR B CA  1 
ATOM   1169 C C   . TYR B 1 75 ? 1.523   4.060   -8.310  1.00 57.60  ? 2305 TYR B C   1 
ATOM   1170 O O   . TYR B 1 75 ? 1.099   4.473   -9.410  1.00 57.24  ? 2305 TYR B O   1 
ATOM   1171 C CB  . TYR B 1 75 ? 3.710   4.373   -7.217  1.00 58.14  ? 2305 TYR B CB  1 
ATOM   1172 C CG  . TYR B 1 75 ? 5.045   3.851   -6.752  1.00 58.14  ? 2305 TYR B CG  1 
ATOM   1173 C CD1 . TYR B 1 75 ? 6.000   3.394   -7.670  1.00 58.47  ? 2305 TYR B CD1 1 
ATOM   1174 C CD2 . TYR B 1 75 ? 5.382   3.867   -5.384  1.00 56.13  ? 2305 TYR B CD2 1 
ATOM   1175 C CE1 . TYR B 1 75 ? 7.243   2.950   -7.253  1.00 59.54  ? 2305 TYR B CE1 1 
ATOM   1176 C CE2 . TYR B 1 75 ? 6.621   3.432   -4.944  1.00 57.68  ? 2305 TYR B CE2 1 
ATOM   1177 C CZ  . TYR B 1 75 ? 7.563   2.963   -5.886  1.00 59.96  ? 2305 TYR B CZ  1 
ATOM   1178 O OH  . TYR B 1 75 ? 8.809   2.502   -5.472  1.00 58.33  ? 2305 TYR B OH  1 
ATOM   1179 N N   . GLU B 1 76 ? 0.810   4.102   -7.191  1.00 55.89  ? 2306 GLU B N   1 
ATOM   1180 C CA  . GLU B 1 76 ? -0.492  4.691   -7.150  1.00 54.81  ? 2306 GLU B CA  1 
ATOM   1181 C C   . GLU B 1 76 ? -0.650  5.613   -5.976  1.00 54.45  ? 2306 GLU B C   1 
ATOM   1182 O O   . GLU B 1 76 ? -0.580  5.190   -4.831  1.00 54.62  ? 2306 GLU B O   1 
ATOM   1183 C CB  . GLU B 1 76 ? -1.546  3.637   -7.127  1.00 54.09  ? 2306 GLU B CB  1 
ATOM   1184 C CG  . GLU B 1 76 ? -1.960  3.285   -8.506  1.00 55.67  ? 2306 GLU B CG  1 
ATOM   1185 C CD  . GLU B 1 76 ? -3.134  2.343   -8.536  1.00 57.34  ? 2306 GLU B CD  1 
ATOM   1186 O OE1 . GLU B 1 76 ? -3.844  2.275   -7.513  1.00 58.40  ? 2306 GLU B OE1 1 
ATOM   1187 O OE2 . GLU B 1 76 ? -3.341  1.669   -9.579  1.00 58.33  ? 2306 GLU B OE2 1 
ATOM   1188 N N   . VAL B 1 77 ? -0.833  6.893   -6.255  1.00 53.87  ? 2307 VAL B N   1 
ATOM   1189 C CA  . VAL B 1 77 ? -0.968  7.811   -5.164  1.00 53.84  ? 2307 VAL B CA  1 
ATOM   1190 C C   . VAL B 1 77 ? -2.434  8.079   -5.019  1.00 54.71  ? 2307 VAL B C   1 
ATOM   1191 O O   . VAL B 1 77 ? -3.154  8.204   -6.017  1.00 55.55  ? 2307 VAL B O   1 
ATOM   1192 C CB  . VAL B 1 77 ? -0.214  9.106   -5.386  1.00 53.40  ? 2307 VAL B CB  1 
ATOM   1193 C CG1 . VAL B 1 77 ? -0.330  9.965   -4.155  1.00 51.47  ? 2307 VAL B CG1 1 
ATOM   1194 C CG2 . VAL B 1 77 ? 1.227   8.815   -5.701  1.00 51.91  ? 2307 VAL B CG2 1 
ATOM   1195 N N   . SER B 1 78 ? -2.900  8.141   -3.784  1.00 54.75  ? 2308 SER B N   1 
ATOM   1196 C CA  . SER B 1 78 ? -4.310  8.308   -3.599  1.00 55.00  ? 2308 SER B CA  1 
ATOM   1197 C C   . SER B 1 78 ? -4.554  9.327   -2.511  1.00 55.42  ? 2308 SER B C   1 
ATOM   1198 O O   . SER B 1 78 ? -3.793  9.415   -1.533  1.00 55.56  ? 2308 SER B O   1 
ATOM   1199 C CB  . SER B 1 78 ? -5.004  6.957   -3.367  1.00 54.73  ? 2308 SER B CB  1 
ATOM   1200 O OG  . SER B 1 78 ? -4.696  6.417   -2.113  1.00 54.69  ? 2308 SER B OG  1 
ATOM   1201 N N   . VAL B 1 79 ? -5.569  10.155  -2.739  1.00 55.92  ? 2309 VAL B N   1 
ATOM   1202 C CA  . VAL B 1 79 ? -5.945  11.186  -1.787  1.00 56.49  ? 2309 VAL B CA  1 
ATOM   1203 C C   . VAL B 1 79 ? -7.414  10.943  -1.492  1.00 57.58  ? 2309 VAL B C   1 
ATOM   1204 O O   . VAL B 1 79 ? -8.205  10.692  -2.407  1.00 57.29  ? 2309 VAL B O   1 
ATOM   1205 C CB  . VAL B 1 79 ? -5.702  12.630  -2.331  1.00 56.35  ? 2309 VAL B CB  1 
ATOM   1206 C CG1 . VAL B 1 79 ? -5.983  13.686  -1.247  1.00 54.57  ? 2309 VAL B CG1 1 
ATOM   1207 C CG2 . VAL B 1 79 ? -4.295  12.773  -2.836  1.00 53.95  ? 2309 VAL B CG2 1 
ATOM   1208 N N   . LYS B 1 80 ? -7.744  10.980  -0.206  1.00 58.80  ? 2310 LYS B N   1 
ATOM   1209 C CA  . LYS B 1 80 ? -9.048  10.582  0.275   1.00 60.31  ? 2310 LYS B CA  1 
ATOM   1210 C C   . LYS B 1 80 ? -9.507  11.572  1.301   1.00 61.33  ? 2310 LYS B C   1 
ATOM   1211 O O   . LYS B 1 80 ? -8.749  11.992  2.203   1.00 60.71  ? 2310 LYS B O   1 
ATOM   1212 C CB  . LYS B 1 80 ? -8.998  9.204   0.933   1.00 60.62  ? 2310 LYS B CB  1 
ATOM   1213 C CG  . LYS B 1 80 ? -8.866  8.022   0.001   1.00 61.55  ? 2310 LYS B CG  1 
ATOM   1214 C CD  . LYS B 1 80 ? -9.030  6.739   0.811   1.00 65.99  ? 2310 LYS B CD  1 
ATOM   1215 C CE  . LYS B 1 80 ? -9.187  5.498   -0.068  1.00 67.40  ? 2310 LYS B CE  1 
ATOM   1216 N NZ  . LYS B 1 80 ? -9.911  4.435   0.692   1.00 69.70  ? 2310 LYS B NZ  1 
ATOM   1217 N N   . PHE B 1 81 ? -10.764 11.948  1.139   1.00 63.28  ? 2311 PHE B N   1 
ATOM   1218 C CA  . PHE B 1 81 ? -11.433 12.796  2.087   1.00 65.66  ? 2311 PHE B CA  1 
ATOM   1219 C C   . PHE B 1 81 ? -12.526 11.945  2.703   1.00 67.15  ? 2311 PHE B C   1 
ATOM   1220 O O   . PHE B 1 81 ? -13.351 11.327  1.977   1.00 67.10  ? 2311 PHE B O   1 
ATOM   1221 C CB  . PHE B 1 81 ? -12.021 14.009  1.388   1.00 65.83  ? 2311 PHE B CB  1 
ATOM   1222 C CG  . PHE B 1 81 ? -12.658 14.978  2.322   1.00 67.15  ? 2311 PHE B CG  1 
ATOM   1223 C CD1 . PHE B 1 81 ? -11.869 15.823  3.112   1.00 68.67  ? 2311 PHE B CD1 1 
ATOM   1224 C CD2 . PHE B 1 81 ? -14.047 15.044  2.430   1.00 67.04  ? 2311 PHE B CD2 1 
ATOM   1225 C CE1 . PHE B 1 81 ? -12.451 16.719  4.007   1.00 69.62  ? 2311 PHE B CE1 1 
ATOM   1226 C CE2 . PHE B 1 81 ? -14.641 15.931  3.320   1.00 68.39  ? 2311 PHE B CE2 1 
ATOM   1227 C CZ  . PHE B 1 81 ? -13.844 16.779  4.115   1.00 68.44  ? 2311 PHE B CZ  1 
ATOM   1228 N N   . ASN B 1 82 ? -12.510 11.900  4.039   1.00 68.72  ? 2312 ASN B N   1 
ATOM   1229 C CA  . ASN B 1 82 ? -13.370 10.992  4.808   1.00 70.42  ? 2312 ASN B CA  1 
ATOM   1230 C C   . ASN B 1 82 ? -13.405 9.578   4.232   1.00 71.48  ? 2312 ASN B C   1 
ATOM   1231 O O   . ASN B 1 82 ? -14.468 9.010   3.972   1.00 71.96  ? 2312 ASN B O   1 
ATOM   1232 C CB  . ASN B 1 82 ? -14.765 11.570  4.962   1.00 70.01  ? 2312 ASN B CB  1 
ATOM   1233 C CG  . ASN B 1 82 ? -14.804 12.680  5.972   1.00 71.92  ? 2312 ASN B CG  1 
ATOM   1234 O OD1 . ASN B 1 82 ? -13.871 12.848  6.783   1.00 73.19  ? 2312 ASN B OD1 1 
ATOM   1235 N ND2 . ASN B 1 82 ? -15.879 13.459  5.941   1.00 73.35  ? 2312 ASN B ND2 1 
ATOM   1236 N N   . GLU B 1 83 ? -12.210 9.045   4.009   1.00 72.44  ? 2313 GLU B N   1 
ATOM   1237 C CA  . GLU B 1 83 ? -12.010 7.672   3.585   1.00 73.74  ? 2313 GLU B CA  1 
ATOM   1238 C C   . GLU B 1 83 ? -12.539 7.387   2.199   1.00 73.29  ? 2313 GLU B C   1 
ATOM   1239 O O   . GLU B 1 83 ? -12.621 6.223   1.791   1.00 73.73  ? 2313 GLU B O   1 
ATOM   1240 C CB  . GLU B 1 83 ? -12.489 6.670   4.650   1.00 73.36  ? 2313 GLU B CB  1 
ATOM   1241 C CG  . GLU B 1 83 ? -11.799 6.949   6.010   1.00 75.50  ? 2313 GLU B CG  1 
ATOM   1242 C CD  . GLU B 1 83 ? -11.760 5.752   6.974   1.00 76.64  ? 2313 GLU B CD  1 
ATOM   1243 O OE1 . GLU B 1 83 ? -12.252 5.898   8.121   1.00 80.67  ? 2313 GLU B OE1 1 
ATOM   1244 O OE2 . GLU B 1 83 ? -11.227 4.670   6.608   1.00 80.48  ? 2313 GLU B OE2 1 
ATOM   1245 N N   . GLU B 1 84 ? -12.836 8.442   1.439   1.00 73.21  ? 2314 GLU B N   1 
ATOM   1246 C CA  . GLU B 1 84 ? -13.033 8.228   0.002   1.00 73.37  ? 2314 GLU B CA  1 
ATOM   1247 C C   . GLU B 1 84 ? -12.379 9.172   -1.024  1.00 72.31  ? 2314 GLU B C   1 
ATOM   1248 O O   . GLU B 1 84 ? -12.119 10.349  -0.756  1.00 71.94  ? 2314 GLU B O   1 
ATOM   1249 C CB  . GLU B 1 84 ? -14.488 7.994   -0.313  1.00 73.91  ? 2314 GLU B CB  1 
ATOM   1250 C CG  . GLU B 1 84 ? -15.371 9.135   0.007   1.00 77.79  ? 2314 GLU B CG  1 
ATOM   1251 C CD  . GLU B 1 84 ? -16.677 9.002   -0.747  1.00 82.64  ? 2314 GLU B CD  1 
ATOM   1252 O OE1 . GLU B 1 84 ? -16.962 7.873   -1.242  1.00 82.44  ? 2314 GLU B OE1 1 
ATOM   1253 O OE2 . GLU B 1 84 ? -17.401 10.024  -0.854  1.00 84.81  ? 2314 GLU B OE2 1 
ATOM   1254 N N   . HIS B 1 85 ? -12.135 8.608   -2.206  1.00 71.35  ? 2315 HIS B N   1 
ATOM   1255 C CA  . HIS B 1 85 ? -11.314 9.222   -3.236  1.00 70.66  ? 2315 HIS B CA  1 
ATOM   1256 C C   . HIS B 1 85 ? -11.863 10.520  -3.771  1.00 69.97  ? 2315 HIS B C   1 
ATOM   1257 O O   . HIS B 1 85 ? -13.012 10.589  -4.226  1.00 70.65  ? 2315 HIS B O   1 
ATOM   1258 C CB  . HIS B 1 85 ? -11.145 8.271   -4.421  1.00 70.90  ? 2315 HIS B CB  1 
ATOM   1259 C CG  . HIS B 1 85 ? -10.312 7.067   -4.121  1.00 72.45  ? 2315 HIS B CG  1 
ATOM   1260 N ND1 . HIS B 1 85 ? -10.466 5.873   -4.790  1.00 73.71  ? 2315 HIS B ND1 1 
ATOM   1261 C CD2 . HIS B 1 85 ? -9.326  6.867   -3.215  1.00 72.24  ? 2315 HIS B CD2 1 
ATOM   1262 C CE1 . HIS B 1 85 ? -9.611  4.990   -4.308  1.00 73.02  ? 2315 HIS B CE1 1 
ATOM   1263 N NE2 . HIS B 1 85 ? -8.909  5.571   -3.352  1.00 72.18  ? 2315 HIS B NE2 1 
ATOM   1264 N N   . ILE B 1 86 ? -11.025 11.542  -3.762  1.00 68.38  ? 2316 ILE B N   1 
ATOM   1265 C CA  . ILE B 1 86 ? -11.331 12.766  -4.462  1.00 67.14  ? 2316 ILE B CA  1 
ATOM   1266 C C   . ILE B 1 86 ? -11.291 12.508  -5.969  1.00 67.18  ? 2316 ILE B C   1 
ATOM   1267 O O   . ILE B 1 86 ? -10.902 11.415  -6.391  1.00 67.00  ? 2316 ILE B O   1 
ATOM   1268 C CB  . ILE B 1 86 ? -10.370 13.862  -4.052  1.00 67.14  ? 2316 ILE B CB  1 
ATOM   1269 C CG1 . ILE B 1 86 ? -9.076  13.790  -4.895  1.00 66.62  ? 2316 ILE B CG1 1 
ATOM   1270 C CG2 . ILE B 1 86 ? -10.151 13.805  -2.514  1.00 65.67  ? 2316 ILE B CG2 1 
ATOM   1271 C CD1 . ILE B 1 86 ? -8.125  14.947  -4.709  1.00 62.41  ? 2316 ILE B CD1 1 
ATOM   1272 N N   . PRO B 1 87 ? -11.752 13.481  -6.787  1.00 67.39  ? 2317 PRO B N   1 
ATOM   1273 C CA  . PRO B 1 87 ? -11.739 13.221  -8.224  1.00 67.39  ? 2317 PRO B CA  1 
ATOM   1274 C C   . PRO B 1 87 ? -10.323 12.905  -8.701  1.00 67.60  ? 2317 PRO B C   1 
ATOM   1275 O O   . PRO B 1 87 ? -9.366  13.612  -8.344  1.00 67.26  ? 2317 PRO B O   1 
ATOM   1276 C CB  . PRO B 1 87 ? -12.227 14.538  -8.825  1.00 67.28  ? 2317 PRO B CB  1 
ATOM   1277 C CG  . PRO B 1 87 ? -12.978 15.189  -7.746  1.00 67.26  ? 2317 PRO B CG  1 
ATOM   1278 C CD  . PRO B 1 87 ? -12.319 14.806  -6.480  1.00 67.28  ? 2317 PRO B CD  1 
ATOM   1279 N N   . ASP B 1 88 ? -10.198 11.821  -9.463  1.00 67.68  ? 2318 ASP B N   1 
ATOM   1280 C CA  . ASP B 1 88 ? -8.927  11.437  -10.061 1.00 67.83  ? 2318 ASP B CA  1 
ATOM   1281 C C   . ASP B 1 88 ? -8.034  10.537  -9.178  1.00 67.56  ? 2318 ASP B C   1 
ATOM   1282 O O   . ASP B 1 88 ? -7.027  9.981   -9.666  1.00 67.87  ? 2318 ASP B O   1 
ATOM   1283 C CB  . ASP B 1 88 ? -8.174  12.685  -10.515 1.00 67.91  ? 2318 ASP B CB  1 
ATOM   1284 C CG  . ASP B 1 88 ? -8.753  13.285  -11.812 1.00 70.53  ? 2318 ASP B CG  1 
ATOM   1285 O OD1 . ASP B 1 88 ? -9.340  12.516  -12.630 1.00 71.92  ? 2318 ASP B OD1 1 
ATOM   1286 O OD2 . ASP B 1 88 ? -8.601  14.522  -12.020 1.00 70.92  ? 2318 ASP B OD2 1 
ATOM   1287 N N   . SER B 1 89 ? -8.400  10.398  -7.900  1.00 65.97  ? 2319 SER B N   1 
ATOM   1288 C CA  . SER B 1 89 ? -7.726  9.489   -6.994  1.00 64.62  ? 2319 SER B CA  1 
ATOM   1289 C C   . SER B 1 89 ? -8.199  8.091   -7.337  1.00 64.06  ? 2319 SER B C   1 
ATOM   1290 O O   . SER B 1 89 ? -9.382  7.886   -7.532  1.00 65.12  ? 2319 SER B O   1 
ATOM   1291 C CB  . SER B 1 89 ? -8.113  9.836   -5.573  1.00 64.43  ? 2319 SER B CB  1 
ATOM   1292 O OG  . SER B 1 89 ? -7.202  9.287   -4.653  1.00 64.02  ? 2319 SER B OG  1 
ATOM   1293 N N   . PRO B 1 90 ? -7.289  7.117   -7.467  1.00 63.19  ? 2320 PRO B N   1 
ATOM   1294 C CA  . PRO B 1 90 ? -5.839  7.169   -7.346  1.00 62.13  ? 2320 PRO B CA  1 
ATOM   1295 C C   . PRO B 1 90 ? -5.173  7.610   -8.640  1.00 61.42  ? 2320 PRO B C   1 
ATOM   1296 O O   . PRO B 1 90 ? -5.673  7.373   -9.735  1.00 60.76  ? 2320 PRO B O   1 
ATOM   1297 C CB  . PRO B 1 90 ? -5.467  5.706   -7.064  1.00 62.11  ? 2320 PRO B CB  1 
ATOM   1298 C CG  . PRO B 1 90 ? -6.517  4.906   -7.766  1.00 61.87  ? 2320 PRO B CG  1 
ATOM   1299 C CD  . PRO B 1 90 ? -7.765  5.759   -7.812  1.00 62.72  ? 2320 PRO B CD  1 
ATOM   1300 N N   . PHE B 1 91 ? -4.026  8.233   -8.494  1.00 61.22  ? 2321 PHE B N   1 
ATOM   1301 C CA  . PHE B 1 91 ? -3.304  8.731   -9.614  1.00 61.40  ? 2321 PHE B CA  1 
ATOM   1302 C C   . PHE B 1 91 ? -2.242  7.722   -9.944  1.00 61.85  ? 2321 PHE B C   1 
ATOM   1303 O O   . PHE B 1 91 ? -1.399  7.444   -9.104  1.00 62.20  ? 2321 PHE B O   1 
ATOM   1304 C CB  . PHE B 1 91 ? -2.652  10.047  -9.233  1.00 60.94  ? 2321 PHE B CB  1 
ATOM   1305 C CG  . PHE B 1 91 ? -3.612  11.081  -8.743  1.00 61.04  ? 2321 PHE B CG  1 
ATOM   1306 C CD1 . PHE B 1 91 ? -3.871  11.223  -7.376  1.00 60.20  ? 2321 PHE B CD1 1 
ATOM   1307 C CD2 . PHE B 1 91 ? -4.264  11.933  -9.647  1.00 62.42  ? 2321 PHE B CD2 1 
ATOM   1308 C CE1 . PHE B 1 91 ? -4.762  12.201  -6.908  1.00 59.63  ? 2321 PHE B CE1 1 
ATOM   1309 C CE2 . PHE B 1 91 ? -5.159  12.923  -9.196  1.00 61.08  ? 2321 PHE B CE2 1 
ATOM   1310 C CZ  . PHE B 1 91 ? -5.408  13.059  -7.825  1.00 61.02  ? 2321 PHE B CZ  1 
ATOM   1311 N N   . VAL B 1 92 ? -2.298  7.171   -11.154 1.00 62.17  ? 2322 VAL B N   1 
ATOM   1312 C CA  . VAL B 1 92 ? -1.255  6.300   -11.680 1.00 62.73  ? 2322 VAL B CA  1 
ATOM   1313 C C   . VAL B 1 92 ? 0.011   7.102   -11.922 1.00 63.01  ? 2322 VAL B C   1 
ATOM   1314 O O   . VAL B 1 92 ? 0.082   7.816   -12.900 1.00 63.33  ? 2322 VAL B O   1 
ATOM   1315 C CB  . VAL B 1 92 ? -1.687  5.688   -13.028 1.00 62.44  ? 2322 VAL B CB  1 
ATOM   1316 C CG1 . VAL B 1 92 ? -0.577  4.834   -13.644 1.00 63.18  ? 2322 VAL B CG1 1 
ATOM   1317 C CG2 . VAL B 1 92 ? -2.931  4.858   -12.838 1.00 63.30  ? 2322 VAL B CG2 1 
ATOM   1318 N N   . VAL B 1 93 ? 1.021   6.942   -11.074 1.00 63.66  ? 2323 VAL B N   1 
ATOM   1319 C CA  . VAL B 1 93 ? 2.240   7.750   -11.151 1.00 64.43  ? 2323 VAL B CA  1 
ATOM   1320 C C   . VAL B 1 93 ? 3.517   6.926   -11.397 1.00 65.85  ? 2323 VAL B C   1 
ATOM   1321 O O   . VAL B 1 93 ? 3.936   6.202   -10.507 1.00 65.91  ? 2323 VAL B O   1 
ATOM   1322 C CB  . VAL B 1 93 ? 2.363   8.529   -9.844  1.00 64.40  ? 2323 VAL B CB  1 
ATOM   1323 C CG1 . VAL B 1 93 ? 3.727   9.189   -9.695  1.00 62.66  ? 2323 VAL B CG1 1 
ATOM   1324 C CG2 . VAL B 1 93 ? 1.211   9.538   -9.752  1.00 63.98  ? 2323 VAL B CG2 1 
ATOM   1325 N N   . PRO B 1 94 ? 4.140   7.012   -12.601 1.00 67.33  ? 2324 PRO B N   1 
ATOM   1326 C CA  . PRO B 1 94 ? 5.345   6.194   -12.863 1.00 68.77  ? 2324 PRO B CA  1 
ATOM   1327 C C   . PRO B 1 94 ? 6.629   6.762   -12.232 1.00 70.13  ? 2324 PRO B C   1 
ATOM   1328 O O   . PRO B 1 94 ? 6.808   7.974   -12.194 1.00 71.03  ? 2324 PRO B O   1 
ATOM   1329 C CB  . PRO B 1 94 ? 5.471   6.234   -14.396 1.00 68.17  ? 2324 PRO B CB  1 
ATOM   1330 C CG  . PRO B 1 94 ? 4.243   6.857   -14.886 1.00 67.48  ? 2324 PRO B CG  1 
ATOM   1331 C CD  . PRO B 1 94 ? 3.812   7.797   -13.793 1.00 67.48  ? 2324 PRO B CD  1 
ATOM   1332 N N   . VAL B 1 95 ? 7.518   5.900   -11.745 1.00 71.82  ? 2325 VAL B N   1 
ATOM   1333 C CA  . VAL B 1 95 ? 8.811   6.343   -11.192 1.00 73.38  ? 2325 VAL B CA  1 
ATOM   1334 C C   . VAL B 1 95 ? 9.963   5.796   -12.037 1.00 75.40  ? 2325 VAL B C   1 
ATOM   1335 O O   . VAL B 1 95 ? 10.040  4.591   -12.281 1.00 75.62  ? 2325 VAL B O   1 
ATOM   1336 C CB  . VAL B 1 95 ? 8.981   5.931   -9.697  1.00 72.93  ? 2325 VAL B CB  1 
ATOM   1337 C CG1 . VAL B 1 95 ? 10.335  6.322   -9.163  1.00 71.29  ? 2325 VAL B CG1 1 
ATOM   1338 C CG2 . VAL B 1 95 ? 7.904   6.557   -8.846  1.00 72.27  ? 2325 VAL B CG2 1 
ATOM   1339 N N   . ALA B 1 96 ? 10.839  6.686   -12.499 1.00 77.99  ? 2326 ALA B N   1 
ATOM   1340 C CA  . ALA B 1 96 ? 12.035  6.283   -13.234 1.00 80.52  ? 2326 ALA B CA  1 
ATOM   1341 C C   . ALA B 1 96 ? 13.283  6.540   -12.389 1.00 82.48  ? 2326 ALA B C   1 
ATOM   1342 O O   . ALA B 1 96 ? 13.213  7.262   -11.382 1.00 82.67  ? 2326 ALA B O   1 
ATOM   1343 C CB  . ALA B 1 96 ? 12.108  7.019   -14.553 1.00 80.75  ? 2326 ALA B CB  1 
ATOM   1344 N N   . SER B 1 97 ? 14.414  5.943   -12.793 1.00 85.14  ? 2327 SER B N   1 
ATOM   1345 C CA  . SER B 1 97 ? 15.701  6.024   -12.043 1.00 87.32  ? 2327 SER B CA  1 
ATOM   1346 C C   . SER B 1 97 ? 16.330  7.421   -12.101 1.00 89.24  ? 2327 SER B C   1 
ATOM   1347 O O   . SER B 1 97 ? 16.055  8.187   -13.035 1.00 89.36  ? 2327 SER B O   1 
ATOM   1348 C CB  . SER B 1 97 ? 16.721  5.011   -12.582 1.00 87.06  ? 2327 SER B CB  1 
ATOM   1349 O OG  . SER B 1 97 ? 16.146  4.145   -13.540 1.00 86.73  ? 2327 SER B OG  1 
ATOM   1350 N N   . PRO B 1 98 ? 17.190  7.763   -11.113 1.00 91.32  ? 2328 PRO B N   1 
ATOM   1351 C CA  . PRO B 1 98 ? 17.919  9.047   -11.217 1.00 92.72  ? 2328 PRO B CA  1 
ATOM   1352 C C   . PRO B 1 98 ? 18.682  9.172   -12.559 1.00 93.95  ? 2328 PRO B C   1 
ATOM   1353 O O   . PRO B 1 98 ? 19.206  8.161   -13.074 1.00 94.05  ? 2328 PRO B O   1 
ATOM   1354 C CB  . PRO B 1 98 ? 18.896  9.000   -10.026 1.00 92.96  ? 2328 PRO B CB  1 
ATOM   1355 C CG  . PRO B 1 98 ? 18.231  8.067   -9.018  1.00 92.30  ? 2328 PRO B CG  1 
ATOM   1356 C CD  . PRO B 1 98 ? 17.530  7.022   -9.874  1.00 91.62  ? 2328 PRO B CD  1 
ATOM   1357 N N   . SER B 1 99 ? 18.723  10.393  -13.114 1.00 95.00  ? 2329 SER B N   1 
ATOM   1358 C CA  . SER B 1 99 ? 19.326  10.670  -14.437 1.00 95.69  ? 2329 SER B CA  1 
ATOM   1359 C C   . SER B 1 99 ? 20.800  10.267  -14.497 1.00 95.90  ? 2329 SER B C   1 
ATOM   1360 O O   . SER B 1 99 ? 21.536  10.458  -13.524 1.00 96.26  ? 2329 SER B O   1 
ATOM   1361 C CB  . SER B 1 99 ? 19.191  12.158  -14.782 1.00 95.76  ? 2329 SER B CB  1 
ATOM   1362 O OG  . SER B 1 99 ? 17.869  12.615  -14.534 1.00 96.35  ? 2329 SER B OG  1 
ATOM   1363 N N   . PRO C 2 1  ? 26.212  -28.591 -5.998  1.00 80.15  ? 5    PRO C N   1 
ATOM   1364 C CA  . PRO C 2 1  ? 25.321  -27.401 -6.102  1.00 79.94  ? 5    PRO C CA  1 
ATOM   1365 C C   . PRO C 2 1  ? 24.373  -27.244 -4.878  1.00 79.12  ? 5    PRO C C   1 
ATOM   1366 O O   . PRO C 2 1  ? 23.410  -28.030 -4.741  1.00 79.00  ? 5    PRO C O   1 
ATOM   1367 C CB  . PRO C 2 1  ? 24.523  -27.653 -7.408  1.00 80.23  ? 5    PRO C CB  1 
ATOM   1368 C CG  . PRO C 2 1  ? 24.656  -29.185 -7.701  1.00 80.74  ? 5    PRO C CG  1 
ATOM   1369 C CD  . PRO C 2 1  ? 25.716  -29.769 -6.745  1.00 80.28  ? 5    PRO C CD  1 
ATOM   1370 N N   . LEU C 2 2  ? 24.629  -26.237 -4.025  1.00 77.52  ? 6    LEU C N   1 
ATOM   1371 C CA  . LEU C 2 2  ? 24.028  -26.191 -2.667  1.00 76.12  ? 6    LEU C CA  1 
ATOM   1372 C C   . LEU C 2 2  ? 23.107  -25.024 -2.291  1.00 75.55  ? 6    LEU C C   1 
ATOM   1373 O O   . LEU C 2 2  ? 22.638  -24.942 -1.145  1.00 75.68  ? 6    LEU C O   1 
ATOM   1374 C CB  . LEU C 2 2  ? 25.130  -26.262 -1.609  1.00 75.76  ? 6    LEU C CB  1 
ATOM   1375 C CG  . LEU C 2 2  ? 26.056  -27.466 -1.522  1.00 74.91  ? 6    LEU C CG  1 
ATOM   1376 C CD1 . LEU C 2 2  ? 27.042  -27.218 -0.387  1.00 72.70  ? 6    LEU C CD1 1 
ATOM   1377 C CD2 . LEU C 2 2  ? 25.274  -28.784 -1.321  1.00 75.18  ? 6    LEU C CD2 1 
ATOM   1378 N N   . GLU C 2 3  ? 22.872  -24.117 -3.229  1.00 74.68  ? 7    GLU C N   1 
ATOM   1379 C CA  . GLU C 2 3  ? 22.019  -22.939 -3.006  1.00 73.99  ? 7    GLU C CA  1 
ATOM   1380 C C   . GLU C 2 3  ? 20.529  -23.244 -2.951  1.00 73.24  ? 7    GLU C C   1 
ATOM   1381 O O   . GLU C 2 3  ? 20.068  -24.191 -3.617  1.00 72.89  ? 7    GLU C O   1 
ATOM   1382 C CB  . GLU C 2 3  ? 22.241  -21.872 -4.098  1.00 74.04  ? 7    GLU C CB  1 
ATOM   1383 C CG  . GLU C 2 3  ? 23.135  -22.274 -5.273  1.00 74.79  ? 7    GLU C CG  1 
ATOM   1384 C CD  . GLU C 2 3  ? 22.528  -23.296 -6.215  1.00 77.40  ? 7    GLU C CD  1 
ATOM   1385 O OE1 . GLU C 2 3  ? 21.283  -23.329 -6.348  1.00 79.48  ? 7    GLU C OE1 1 
ATOM   1386 O OE2 . GLU C 2 3  ? 23.305  -24.072 -6.828  1.00 78.35  ? 7    GLU C OE2 1 
ATOM   1387 N N   . LYS C 2 4  ? 19.799  -22.431 -2.164  1.00 72.32  ? 8    LYS C N   1 
ATOM   1388 C CA  . LYS C 2 4  ? 18.321  -22.307 -2.233  1.00 71.28  ? 8    LYS C CA  1 
ATOM   1389 C C   . LYS C 2 4  ? 17.955  -21.076 -3.078  1.00 70.13  ? 8    LYS C C   1 
ATOM   1390 O O   . LYS C 2 4  ? 18.360  -19.957 -2.773  1.00 69.71  ? 8    LYS C O   1 
ATOM   1391 C CB  . LYS C 2 4  ? 17.691  -22.169 -0.830  1.00 71.21  ? 8    LYS C CB  1 
ATOM   1392 C CG  . LYS C 2 4  ? 17.762  -20.718 -0.248  1.00 72.15  ? 8    LYS C CG  1 
ATOM   1393 C CD  . LYS C 2 4  ? 16.998  -20.466 1.090   1.00 72.43  ? 8    LYS C CD  1 
ATOM   1394 C CE  . LYS C 2 4  ? 17.992  -20.334 2.274   1.00 73.38  ? 8    LYS C CE  1 
ATOM   1395 N NZ  . LYS C 2 4  ? 17.555  -19.574 3.505   1.00 71.52  ? 8    LYS C NZ  1 
ATOM   1396 N N   . ALA C 2 5  ? 17.210  -21.282 -4.151  1.00 69.16  ? 9    ALA C N   1 
ATOM   1397 C CA  . ALA C 2 5  ? 16.648  -20.157 -4.881  1.00 68.59  ? 9    ALA C CA  1 
ATOM   1398 C C   . ALA C 2 5  ? 15.124  -20.158 -4.726  1.00 68.39  ? 9    ALA C C   1 
ATOM   1399 O O   . ALA C 2 5  ? 14.485  -21.215 -4.828  1.00 68.37  ? 9    ALA C O   1 
ATOM   1400 C CB  . ALA C 2 5  ? 17.022  -20.228 -6.334  1.00 68.45  ? 9    ALA C CB  1 
ATOM   1401 N N   . SER C 2 6  ? 14.548  -18.981 -4.471  1.00 67.36  ? 10   SER C N   1 
ATOM   1402 C CA  . SER C 2 6  ? 13.094  -18.826 -4.434  1.00 65.77  ? 10   SER C CA  1 
ATOM   1403 C C   . SER C 2 6  ? 12.693  -17.481 -4.996  1.00 64.41  ? 10   SER C C   1 
ATOM   1404 O O   . SER C 2 6  ? 13.490  -16.545 -4.994  1.00 64.54  ? 10   SER C O   1 
ATOM   1405 C CB  . SER C 2 6  ? 12.580  -18.966 -2.991  1.00 66.33  ? 10   SER C CB  1 
ATOM   1406 O OG  . SER C 2 6  ? 13.325  -18.165 -2.085  1.00 66.76  ? 10   SER C OG  1 
ATOM   1407 N N   . VAL C 2 7  ? 11.449  -17.378 -5.457  1.00 62.72  ? 11   VAL C N   1 
ATOM   1408 C CA  . VAL C 2 7  ? 10.905  -16.107 -5.917  1.00 60.77  ? 11   VAL C CA  1 
ATOM   1409 C C   . VAL C 2 7  ? 10.329  -15.299 -4.763  1.00 59.95  ? 11   VAL C C   1 
ATOM   1410 O O   . VAL C 2 7  ? 9.656   -15.839 -3.898  1.00 59.53  ? 11   VAL C O   1 
ATOM   1411 C CB  . VAL C 2 7  ? 9.830   -16.297 -6.938  1.00 60.60  ? 11   VAL C CB  1 
ATOM   1412 C CG1 . VAL C 2 7  ? 9.620   -14.981 -7.663  1.00 60.85  ? 11   VAL C CG1 1 
ATOM   1413 C CG2 . VAL C 2 7  ? 10.219  -17.406 -7.927  1.00 60.13  ? 11   VAL C CG2 1 
ATOM   1414 N N   . VAL C 2 8  ? 10.630  -14.005 -4.751  1.00 59.03  ? 12   VAL C N   1 
ATOM   1415 C CA  . VAL C 2 8  ? 10.147  -13.080 -3.728  1.00 58.06  ? 12   VAL C CA  1 
ATOM   1416 C C   . VAL C 2 8  ? 9.426   -11.897 -4.381  1.00 57.61  ? 12   VAL C C   1 
ATOM   1417 O O   . VAL C 2 8  ? 10.034  -11.117 -5.118  1.00 57.97  ? 12   VAL C O   1 
ATOM   1418 C CB  . VAL C 2 8  ? 11.275  -12.540 -2.873  1.00 57.63  ? 12   VAL C CB  1 
ATOM   1419 C CG1 . VAL C 2 8  ? 10.711  -11.733 -1.731  1.00 57.44  ? 12   VAL C CG1 1 
ATOM   1420 C CG2 . VAL C 2 8  ? 12.096  -13.666 -2.336  1.00 58.31  ? 12   VAL C CG2 1 
ATOM   1421 N N   . SER C 2 9  ? 8.128   -11.789 -4.098  1.00 56.95  ? 13   SER C N   1 
ATOM   1422 C CA  . SER C 2 9  ? 7.233   -10.819 -4.709  1.00 55.91  ? 13   SER C CA  1 
ATOM   1423 C C   . SER C 2 9  ? 6.819   -9.825  -3.658  1.00 55.28  ? 13   SER C C   1 
ATOM   1424 O O   . SER C 2 9  ? 6.313   -10.229 -2.628  1.00 55.53  ? 13   SER C O   1 
ATOM   1425 C CB  . SER C 2 9  ? 5.988   -11.526 -5.225  1.00 55.80  ? 13   SER C CB  1 
ATOM   1426 O OG  . SER C 2 9  ? 6.293   -12.548 -6.174  1.00 56.49  ? 13   SER C OG  1 
ATOM   1427 N N   . LYS C 2 10 ? 7.022   -8.530  -3.894  1.00 54.63  ? 14   LYS C N   1 
ATOM   1428 C CA  . LYS C 2 10 ? 6.610   -7.542  -2.895  1.00 54.31  ? 14   LYS C CA  1 
ATOM   1429 C C   . LYS C 2 10 ? 5.665   -6.439  -3.403  1.00 54.23  ? 14   LYS C C   1 
ATOM   1430 O O   . LYS C 2 10 ? 5.683   -6.073  -4.588  1.00 53.82  ? 14   LYS C O   1 
ATOM   1431 C CB  . LYS C 2 10 ? 7.812   -6.910  -2.245  1.00 54.53  ? 14   LYS C CB  1 
ATOM   1432 C CG  . LYS C 2 10 ? 8.764   -7.870  -1.640  1.00 55.63  ? 14   LYS C CG  1 
ATOM   1433 C CD  . LYS C 2 10 ? 9.726   -7.098  -0.801  1.00 58.58  ? 14   LYS C CD  1 
ATOM   1434 C CE  . LYS C 2 10 ? 10.930  -7.930  -0.434  1.00 60.64  ? 14   LYS C CE  1 
ATOM   1435 N NZ  . LYS C 2 10 ? 12.026  -7.009  0.013   1.00 62.28  ? 14   LYS C NZ  1 
ATOM   1436 N N   . LEU C 2 11 ? 4.824   -5.965  -2.474  1.00 53.76  ? 15   LEU C N   1 
ATOM   1437 C CA  . LEU C 2 11 ? 3.976   -4.792  -2.623  1.00 52.99  ? 15   LEU C CA  1 
ATOM   1438 C C   . LEU C 2 11 ? 4.008   -4.052  -1.293  1.00 52.36  ? 15   LEU C C   1 
ATOM   1439 O O   . LEU C 2 11 ? 4.179   -4.663  -0.249  1.00 52.43  ? 15   LEU C O   1 
ATOM   1440 C CB  . LEU C 2 11 ? 2.550   -5.192  -2.917  1.00 53.01  ? 15   LEU C CB  1 
ATOM   1441 C CG  . LEU C 2 11 ? 1.692   -4.347  -3.878  1.00 54.37  ? 15   LEU C CG  1 
ATOM   1442 C CD1 . LEU C 2 11 ? 0.219   -4.599  -3.609  1.00 54.31  ? 15   LEU C CD1 1 
ATOM   1443 C CD2 . LEU C 2 11 ? 1.951   -2.864  -3.803  1.00 55.05  ? 15   LEU C CD2 1 
ATOM   1444 N N   . PHE C 2 12 ? 3.871   -2.732  -1.326  1.00 51.46  ? 16   PHE C N   1 
ATOM   1445 C CA  . PHE C 2 12 ? 3.949   -1.931  -0.109  1.00 50.50  ? 16   PHE C CA  1 
ATOM   1446 C C   . PHE C 2 12 ? 2.788   -0.959  -0.099  1.00 51.20  ? 16   PHE C C   1 
ATOM   1447 O O   . PHE C 2 12 ? 2.278   -0.587  -1.158  1.00 50.64  ? 16   PHE C O   1 
ATOM   1448 C CB  . PHE C 2 12 ? 5.247   -1.134  -0.067  1.00 48.78  ? 16   PHE C CB  1 
ATOM   1449 C CG  . PHE C 2 12 ? 6.497   -1.982  -0.024  1.00 46.14  ? 16   PHE C CG  1 
ATOM   1450 C CD1 . PHE C 2 12 ? 6.898   -2.713  -1.125  1.00 41.58  ? 16   PHE C CD1 1 
ATOM   1451 C CD2 . PHE C 2 12 ? 7.296   -2.015  1.139   1.00 43.73  ? 16   PHE C CD2 1 
ATOM   1452 C CE1 . PHE C 2 12 ? 8.032   -3.475  -1.078  1.00 41.32  ? 16   PHE C CE1 1 
ATOM   1453 C CE2 . PHE C 2 12 ? 8.426   -2.776  1.196   1.00 37.96  ? 16   PHE C CE2 1 
ATOM   1454 C CZ  . PHE C 2 12 ? 8.789   -3.516  0.081   1.00 42.63  ? 16   PHE C CZ  1 
ATOM   1455 N N   . PHE C 2 13 ? 2.388   -0.520  1.091   1.00 51.81  ? 17   PHE C N   1 
ATOM   1456 C CA  . PHE C 2 13 ? 1.314   0.436   1.170   1.00 52.68  ? 17   PHE C CA  1 
ATOM   1457 C C   . PHE C 2 13 ? 1.527   1.346   2.325   1.00 53.21  ? 17   PHE C C   1 
ATOM   1458 O O   . PHE C 2 13 ? 1.315   0.943   3.450   1.00 53.77  ? 17   PHE C O   1 
ATOM   1459 C CB  . PHE C 2 13 ? -0.030  -0.286  1.351   1.00 52.56  ? 17   PHE C CB  1 
ATOM   1460 C CG  . PHE C 2 13 ? -1.215  0.631   1.315   1.00 51.04  ? 17   PHE C CG  1 
ATOM   1461 C CD1 . PHE C 2 13 ? -1.704  1.212   2.491   1.00 50.46  ? 17   PHE C CD1 1 
ATOM   1462 C CD2 . PHE C 2 13 ? -1.843  0.920   0.116   1.00 50.19  ? 17   PHE C CD2 1 
ATOM   1463 C CE1 . PHE C 2 13 ? -2.803  2.082   2.469   1.00 47.98  ? 17   PHE C CE1 1 
ATOM   1464 C CE2 . PHE C 2 13 ? -2.943  1.776   0.085   1.00 49.48  ? 17   PHE C CE2 1 
ATOM   1465 C CZ  . PHE C 2 13 ? -3.415  2.356   1.272   1.00 49.19  ? 17   PHE C CZ  1 
ATOM   1466 N N   . SER C 2 14 ? 1.902   2.582   2.052   1.00 54.04  ? 18   SER C N   1 
ATOM   1467 C CA  . SER C 2 14 ? 2.150   3.538   3.117   1.00 55.02  ? 18   SER C CA  1 
ATOM   1468 C C   . SER C 2 14 ? 1.102   4.626   3.022   1.00 56.04  ? 18   SER C C   1 
ATOM   1469 O O   . SER C 2 14 ? 0.701   4.989   1.914   1.00 55.84  ? 18   SER C O   1 
ATOM   1470 C CB  . SER C 2 14 ? 3.544   4.154   2.963   1.00 55.25  ? 18   SER C CB  1 
ATOM   1471 O OG  . SER C 2 14 ? 4.446   3.278   2.305   1.00 54.58  ? 18   SER C OG  1 
ATOM   1472 N N   . TRP C 2 15 ? 0.677   5.149   4.174   1.00 57.41  ? 19   TRP C N   1 
ATOM   1473 C CA  . TRP C 2 15 ? -0.441  6.085   4.256   1.00 58.99  ? 19   TRP C CA  1 
ATOM   1474 C C   . TRP C 2 15 ? -0.206  6.964   5.451   1.00 60.74  ? 19   TRP C C   1 
ATOM   1475 O O   . TRP C 2 15 ? 0.783   6.807   6.123   1.00 60.53  ? 19   TRP C O   1 
ATOM   1476 C CB  . TRP C 2 15 ? -1.793  5.362   4.383   1.00 58.40  ? 19   TRP C CB  1 
ATOM   1477 C CG  . TRP C 2 15 ? -1.981  4.753   5.727   1.00 57.73  ? 19   TRP C CG  1 
ATOM   1478 C CD1 . TRP C 2 15 ? -2.563  5.330   6.840   1.00 58.60  ? 19   TRP C CD1 1 
ATOM   1479 C CD2 . TRP C 2 15 ? -1.560  3.466   6.124   1.00 55.73  ? 19   TRP C CD2 1 
ATOM   1480 N NE1 . TRP C 2 15 ? -2.503  4.463   7.916   1.00 57.40  ? 19   TRP C NE1 1 
ATOM   1481 C CE2 . TRP C 2 15 ? -1.907  3.304   7.491   1.00 57.53  ? 19   TRP C CE2 1 
ATOM   1482 C CE3 . TRP C 2 15 ? -0.920  2.425   5.465   1.00 54.46  ? 19   TRP C CE3 1 
ATOM   1483 C CZ2 . TRP C 2 15 ? -1.627  2.143   8.192   1.00 57.18  ? 19   TRP C CZ2 1 
ATOM   1484 C CZ3 . TRP C 2 15 ? -0.638  1.291   6.160   1.00 56.91  ? 19   TRP C CZ3 1 
ATOM   1485 C CH2 . TRP C 2 15 ? -0.995  1.153   7.517   1.00 57.08  ? 19   TRP C CH2 1 
ATOM   1486 N N   . THR C 2 16 ? -1.160  7.842   5.746   1.00 64.03  ? 20   THR C N   1 
ATOM   1487 C CA  . THR C 2 16 ? -0.914  9.049   6.519   1.00 67.08  ? 20   THR C CA  1 
ATOM   1488 C C   . THR C 2 16 ? -1.964  9.310   7.591   1.00 69.54  ? 20   THR C C   1 
ATOM   1489 O O   . THR C 2 16 ? -3.043  8.714   7.564   1.00 70.31  ? 20   THR C O   1 
ATOM   1490 C CB  . THR C 2 16 ? -0.900  10.234  5.557   1.00 66.82  ? 20   THR C CB  1 
ATOM   1491 O OG1 . THR C 2 16 ? 0.140   11.129  5.945   1.00 68.47  ? 20   THR C OG1 1 
ATOM   1492 C CG2 . THR C 2 16 ? -2.245  10.944  5.527   1.00 66.09  ? 20   THR C CG2 1 
ATOM   1493 N N   . ALA C 2 17 ? -1.655  10.240  8.497   1.00 72.51  ? 21   ALA C N   1 
ATOM   1494 C CA  . ALA C 2 17 ? -2.472  10.522  9.695   1.00 74.99  ? 21   ALA C CA  1 
ATOM   1495 C C   . ALA C 2 17 ? -3.946  10.913  9.464   1.00 76.76  ? 21   ALA C C   1 
ATOM   1496 O O   . ALA C 2 17 ? -4.781  10.024  9.358   1.00 77.00  ? 21   ALA C O   1 
ATOM   1497 C CB  . ALA C 2 17 ? -1.750  11.513  10.668  1.00 74.73  ? 21   ALA C CB  1 
ATOM   1498 N N   . PRO C 2 18 ? -4.271  12.226  9.330   1.00 78.63  ? 22   PRO C N   1 
ATOM   1499 C CA  . PRO C 2 18 ? -5.606  12.680  9.863   1.00 79.40  ? 22   PRO C CA  1 
ATOM   1500 C C   . PRO C 2 18 ? -6.799  12.197  9.056   1.00 79.68  ? 22   PRO C C   1 
ATOM   1501 O O   . PRO C 2 18 ? -7.028  10.992  8.974   1.00 80.16  ? 22   PRO C O   1 
ATOM   1502 C CB  . PRO C 2 18 ? -5.533  14.217  9.802   1.00 79.59  ? 22   PRO C CB  1 
ATOM   1503 C CG  . PRO C 2 18 ? -4.586  14.502  8.637   1.00 80.02  ? 22   PRO C CG  1 
ATOM   1504 C CD  . PRO C 2 18 ? -3.552  13.317  8.630   1.00 79.01  ? 22   PRO C CD  1 
HETATM 1505 O O   . HOH D 3 .  ? -5.861  -1.349  20.078  1.00 67.16  ? 101  HOH A O   1 
HETATM 1506 O O   . HOH D 3 .  ? 4.971   0.197   3.294   1.00 61.22  ? 102  HOH A O   1 
HETATM 1507 O O   . HOH D 3 .  ? 6.689   -15.319 -5.079  1.00 58.76  ? 103  HOH A O   1 
HETATM 1508 O O   . HOH D 3 .  ? -7.694  -4.779  -4.816  1.00 78.42  ? 104  HOH A O   1 
HETATM 1509 O O   . HOH D 3 .  ? 10.324  -8.289  12.672  1.00 71.95  ? 112  HOH A O   1 
HETATM 1510 O O   . HOH E 3 .  ? -14.542 8.332   -5.614  1.00 47.85  ? 106  HOH B O   1 
HETATM 1511 O O   . HOH E 3 .  ? -10.982 5.779   -7.614  1.00 52.24  ? 107  HOH B O   1 
HETATM 1512 O O   . HOH E 3 .  ? 10.601  12.387  -7.731  1.00 55.52  ? 108  HOH B O   1 
HETATM 1513 O O   . HOH E 3 .  ? -2.685  4.459   -3.224  1.00 52.67  ? 109  HOH B O   1 
HETATM 1514 O O   . HOH E 3 .  ? 10.979  3.869   -0.522  1.00 54.30  ? 111  HOH B O   1 
HETATM 1515 O O   . HOH E 3 .  ? -13.650 6.379   -2.856  1.00 68.96  ? 113  HOH B O   1 
HETATM 1516 O O   . HOH E 3 .  ? -1.363  17.816  -11.027 1.00 67.02  ? 114  HOH B O   1 
HETATM 1517 O O   . HOH F 3 .  ? 11.201  -8.700  -4.587  1.00 63.31  ? 105  HOH C O   1 
HETATM 1518 O O   . HOH F 3 .  ? 4.233   2.444   -0.214  1.00 61.75  ? 110  HOH C O   1 
# 
loop_
_pdbx_poly_seq_scheme.asym_id 
_pdbx_poly_seq_scheme.entity_id 
_pdbx_poly_seq_scheme.seq_id 
_pdbx_poly_seq_scheme.mon_id 
_pdbx_poly_seq_scheme.ndb_seq_num 
_pdbx_poly_seq_scheme.pdb_seq_num 
_pdbx_poly_seq_scheme.auth_seq_num 
_pdbx_poly_seq_scheme.pdb_mon_id 
_pdbx_poly_seq_scheme.auth_mon_id 
_pdbx_poly_seq_scheme.pdb_strand_id 
_pdbx_poly_seq_scheme.pdb_ins_code 
_pdbx_poly_seq_scheme.hetero 
A 1 1  GLY 1  2231 ?    ?   ?   A . n 
A 1 2  ALA 2  2232 ?    ?   ?   A . n 
A 1 3  MET 3  2233 ?    ?   ?   A . n 
A 1 4  PRO 4  2234 ?    ?   ?   A . n 
A 1 5  ASP 5  2235 ?    ?   ?   A . n 
A 1 6  GLY 6  2236 2236 GLY GLY A . n 
A 1 7  GLY 7  2237 2237 GLY GLY A . n 
A 1 8  ALA 8  2238 2238 ALA ALA A . n 
A 1 9  HIS 9  2239 2239 HIS HIS A . n 
A 1 10 LYS 10 2240 2240 LYS LYS A . n 
A 1 11 VAL 11 2241 2241 VAL VAL A . n 
A 1 12 ARG 12 2242 2242 ARG ARG A . n 
A 1 13 ALA 13 2243 2243 ALA ALA A . n 
A 1 14 GLY 14 2244 2244 GLY GLY A . n 
A 1 15 GLY 15 2245 2245 GLY GLY A . n 
A 1 16 PRO 16 2246 2246 PRO PRO A . n 
A 1 17 GLY 17 2247 2247 GLY GLY A . n 
A 1 18 LEU 18 2248 2248 LEU LEU A . n 
A 1 19 GLU 19 2249 2249 GLU GLU A . n 
A 1 20 ARG 20 2250 2250 ARG ARG A . n 
A 1 21 ALA 21 2251 2251 ALA ALA A . n 
A 1 22 GLU 22 2252 2252 GLU GLU A . n 
A 1 23 ALA 23 2253 2253 ALA ALA A . n 
A 1 24 GLY 24 2254 2254 GLY GLY A . n 
A 1 25 VAL 25 2255 2255 VAL VAL A . n 
A 1 26 PRO 26 2256 2256 PRO PRO A . n 
A 1 27 ALA 27 2257 2257 ALA ALA A . n 
A 1 28 GLU 28 2258 2258 GLU GLU A . n 
A 1 29 PHE 29 2259 2259 PHE PHE A . n 
A 1 30 SER 30 2260 2260 SER SER A . n 
A 1 31 ILE 31 2261 2261 ILE ILE A . n 
A 1 32 TRP 32 2262 2262 TRP TRP A . n 
A 1 33 THR 33 2263 2263 THR THR A . n 
A 1 34 ARG 34 2264 2264 ARG ARG A . n 
A 1 35 GLU 35 2265 2265 GLU GLU A . n 
A 1 36 ALA 36 2266 2266 ALA ALA A . n 
A 1 37 GLY 37 2267 2267 GLY GLY A . n 
A 1 38 ALA 38 2268 2268 ALA ALA A . n 
A 1 39 GLY 39 2269 2269 GLY GLY A . n 
A 1 40 GLY 40 2270 2270 GLY GLY A . n 
A 1 41 LEU 41 2271 2271 LEU LEU A . n 
A 1 42 ALA 42 2272 2272 ALA ALA A . n 
A 1 43 ILE 43 2273 2273 ILE ILE A . n 
A 1 44 ALA 44 2274 2274 ALA ALA A . n 
A 1 45 VAL 45 2275 2275 VAL VAL A . n 
A 1 46 GLU 46 2276 2276 GLU GLU A . n 
A 1 47 GLY 47 2277 2277 GLY GLY A . n 
A 1 48 PRO 48 2278 2278 PRO PRO A . n 
A 1 49 SER 49 2279 2279 SER SER A . n 
A 1 50 LYS 50 2280 2280 LYS LYS A . n 
A 1 51 ALA 51 2281 2281 ALA ALA A . n 
A 1 52 GLU 52 2282 2282 GLU GLU A . n 
A 1 53 ILE 53 2283 2283 ILE ILE A . n 
A 1 54 SER 54 2284 2284 SER SER A . n 
A 1 55 PHE 55 2285 2285 PHE PHE A . n 
A 1 56 GLU 56 2286 2286 GLU GLU A . n 
A 1 57 ASP 57 2287 2287 ASP ASP A . n 
A 1 58 ARG 58 2288 2288 ARG ARG A . n 
A 1 59 LYS 59 2289 2289 LYS LYS A . n 
A 1 60 ASP 60 2290 2290 ASP ASP A . n 
A 1 61 GLY 61 2291 2291 GLY GLY A . n 
A 1 62 SER 62 2292 2292 SER SER A . n 
A 1 63 CYS 63 2293 2293 CYS CYS A . n 
A 1 64 GLY 64 2294 2294 GLY GLY A . n 
A 1 65 VAL 65 2295 2295 VAL VAL A . n 
A 1 66 ALA 66 2296 2296 ALA ALA A . n 
A 1 67 TYR 67 2297 2297 TYR TYR A . n 
A 1 68 VAL 68 2298 2298 VAL VAL A . n 
A 1 69 VAL 69 2299 2299 VAL VAL A . n 
A 1 70 GLN 70 2300 2300 GLN GLN A . n 
A 1 71 GLU 71 2301 2301 GLU GLU A . n 
A 1 72 PRO 72 2302 2302 PRO PRO A . n 
A 1 73 GLY 73 2303 2303 GLY GLY A . n 
A 1 74 ASP 74 2304 2304 ASP ASP A . n 
A 1 75 TYR 75 2305 2305 TYR TYR A . n 
A 1 76 GLU 76 2306 2306 GLU GLU A . n 
A 1 77 VAL 77 2307 2307 VAL VAL A . n 
A 1 78 SER 78 2308 2308 SER SER A . n 
A 1 79 VAL 79 2309 2309 VAL VAL A . n 
A 1 80 LYS 80 2310 2310 LYS LYS A . n 
A 1 81 PHE 81 2311 2311 PHE PHE A . n 
A 1 82 ASN 82 2312 2312 ASN ASN A . n 
A 1 83 GLU 83 2313 2313 GLU GLU A . n 
A 1 84 GLU 84 2314 2314 GLU GLU A . n 
A 1 85 HIS 85 2315 2315 HIS HIS A . n 
A 1 86 ILE 86 2316 2316 ILE ILE A . n 
A 1 87 PRO 87 2317 2317 PRO PRO A . n 
A 1 88 ASP 88 2318 2318 ASP ASP A . n 
A 1 89 SER 89 2319 2319 SER SER A . n 
A 1 90 PRO 90 2320 2320 PRO PRO A . n 
A 1 91 PHE 91 2321 2321 PHE PHE A . n 
A 1 92 VAL 92 2322 2322 VAL VAL A . n 
A 1 93 VAL 93 2323 2323 VAL VAL A . n 
A 1 94 PRO 94 2324 2324 PRO PRO A . n 
A 1 95 VAL 95 2325 2325 VAL VAL A . n 
A 1 96 ALA 96 2326 2326 ALA ALA A . n 
A 1 97 SER 97 2327 2327 SER SER A . n 
A 1 98 PRO 98 2328 2328 PRO PRO A . n 
A 1 99 SER 99 2329 ?    ?   ?   A . n 
B 1 1  GLY 1  2231 ?    ?   ?   B . n 
B 1 2  ALA 2  2232 ?    ?   ?   B . n 
B 1 3  MET 3  2233 ?    ?   ?   B . n 
B 1 4  PRO 4  2234 ?    ?   ?   B . n 
B 1 5  ASP 5  2235 ?    ?   ?   B . n 
B 1 6  GLY 6  2236 2236 GLY GLY B . n 
B 1 7  GLY 7  2237 2237 GLY GLY B . n 
B 1 8  ALA 8  2238 2238 ALA ALA B . n 
B 1 9  HIS 9  2239 2239 HIS HIS B . n 
B 1 10 LYS 10 2240 2240 LYS LYS B . n 
B 1 11 VAL 11 2241 2241 VAL VAL B . n 
B 1 12 ARG 12 2242 2242 ARG ARG B . n 
B 1 13 ALA 13 2243 2243 ALA ALA B . n 
B 1 14 GLY 14 2244 2244 GLY GLY B . n 
B 1 15 GLY 15 2245 2245 GLY GLY B . n 
B 1 16 PRO 16 2246 2246 PRO PRO B . n 
B 1 17 GLY 17 2247 2247 GLY GLY B . n 
B 1 18 LEU 18 2248 2248 LEU LEU B . n 
B 1 19 GLU 19 2249 2249 GLU GLU B . n 
B 1 20 ARG 20 2250 2250 ARG ARG B . n 
B 1 21 ALA 21 2251 2251 ALA ALA B . n 
B 1 22 GLU 22 2252 2252 GLU GLU B . n 
B 1 23 ALA 23 2253 2253 ALA ALA B . n 
B 1 24 GLY 24 2254 2254 GLY GLY B . n 
B 1 25 VAL 25 2255 2255 VAL VAL B . n 
B 1 26 PRO 26 2256 2256 PRO PRO B . n 
B 1 27 ALA 27 2257 2257 ALA ALA B . n 
B 1 28 GLU 28 2258 2258 GLU GLU B . n 
B 1 29 PHE 29 2259 2259 PHE PHE B . n 
B 1 30 SER 30 2260 2260 SER SER B . n 
B 1 31 ILE 31 2261 2261 ILE ILE B . n 
B 1 32 TRP 32 2262 2262 TRP TRP B . n 
B 1 33 THR 33 2263 2263 THR THR B . n 
B 1 34 ARG 34 2264 2264 ARG ARG B . n 
B 1 35 GLU 35 2265 2265 GLU GLU B . n 
B 1 36 ALA 36 2266 2266 ALA ALA B . n 
B 1 37 GLY 37 2267 2267 GLY GLY B . n 
B 1 38 ALA 38 2268 2268 ALA ALA B . n 
B 1 39 GLY 39 2269 2269 GLY GLY B . n 
B 1 40 GLY 40 2270 2270 GLY GLY B . n 
B 1 41 LEU 41 2271 2271 LEU LEU B . n 
B 1 42 ALA 42 2272 2272 ALA ALA B . n 
B 1 43 ILE 43 2273 2273 ILE ILE B . n 
B 1 44 ALA 44 2274 2274 ALA ALA B . n 
B 1 45 VAL 45 2275 2275 VAL VAL B . n 
B 1 46 GLU 46 2276 2276 GLU GLU B . n 
B 1 47 GLY 47 2277 2277 GLY GLY B . n 
B 1 48 PRO 48 2278 2278 PRO PRO B . n 
B 1 49 SER 49 2279 2279 SER SER B . n 
B 1 50 LYS 50 2280 2280 LYS LYS B . n 
B 1 51 ALA 51 2281 2281 ALA ALA B . n 
B 1 52 GLU 52 2282 2282 GLU GLU B . n 
B 1 53 ILE 53 2283 2283 ILE ILE B . n 
B 1 54 SER 54 2284 2284 SER SER B . n 
B 1 55 PHE 55 2285 2285 PHE PHE B . n 
B 1 56 GLU 56 2286 2286 GLU GLU B . n 
B 1 57 ASP 57 2287 2287 ASP ASP B . n 
B 1 58 ARG 58 2288 2288 ARG ARG B . n 
B 1 59 LYS 59 2289 2289 LYS LYS B . n 
B 1 60 ASP 60 2290 2290 ASP ASP B . n 
B 1 61 GLY 61 2291 2291 GLY GLY B . n 
B 1 62 SER 62 2292 2292 SER SER B . n 
B 1 63 CYS 63 2293 2293 CYS CYS B . n 
B 1 64 GLY 64 2294 2294 GLY GLY B . n 
B 1 65 VAL 65 2295 2295 VAL VAL B . n 
B 1 66 ALA 66 2296 2296 ALA ALA B . n 
B 1 67 TYR 67 2297 2297 TYR TYR B . n 
B 1 68 VAL 68 2298 2298 VAL VAL B . n 
B 1 69 VAL 69 2299 2299 VAL VAL B . n 
B 1 70 GLN 70 2300 2300 GLN GLN B . n 
B 1 71 GLU 71 2301 2301 GLU GLU B . n 
B 1 72 PRO 72 2302 2302 PRO PRO B . n 
B 1 73 GLY 73 2303 2303 GLY GLY B . n 
B 1 74 ASP 74 2304 2304 ASP ASP B . n 
B 1 75 TYR 75 2305 2305 TYR TYR B . n 
B 1 76 GLU 76 2306 2306 GLU GLU B . n 
B 1 77 VAL 77 2307 2307 VAL VAL B . n 
B 1 78 SER 78 2308 2308 SER SER B . n 
B 1 79 VAL 79 2309 2309 VAL VAL B . n 
B 1 80 LYS 80 2310 2310 LYS LYS B . n 
B 1 81 PHE 81 2311 2311 PHE PHE B . n 
B 1 82 ASN 82 2312 2312 ASN ASN B . n 
B 1 83 GLU 83 2313 2313 GLU GLU B . n 
B 1 84 GLU 84 2314 2314 GLU GLU B . n 
B 1 85 HIS 85 2315 2315 HIS HIS B . n 
B 1 86 ILE 86 2316 2316 ILE ILE B . n 
B 1 87 PRO 87 2317 2317 PRO PRO B . n 
B 1 88 ASP 88 2318 2318 ASP ASP B . n 
B 1 89 SER 89 2319 2319 SER SER B . n 
B 1 90 PRO 90 2320 2320 PRO PRO B . n 
B 1 91 PHE 91 2321 2321 PHE PHE B . n 
B 1 92 VAL 92 2322 2322 VAL VAL B . n 
B 1 93 VAL 93 2323 2323 VAL VAL B . n 
B 1 94 PRO 94 2324 2324 PRO PRO B . n 
B 1 95 VAL 95 2325 2325 VAL VAL B . n 
B 1 96 ALA 96 2326 2326 ALA ALA B . n 
B 1 97 SER 97 2327 2327 SER SER B . n 
B 1 98 PRO 98 2328 2328 PRO PRO B . n 
B 1 99 SER 99 2329 2329 SER SER B . n 
C 2 1  PRO 1  5    5    PRO PRO C . n 
C 2 2  LEU 2  6    6    LEU LEU C . n 
C 2 3  GLU 3  7    7    GLU GLU C . n 
C 2 4  LYS 4  8    8    LYS LYS C . n 
C 2 5  ALA 5  9    9    ALA ALA C . n 
C 2 6  SER 6  10   10   SER SER C . n 
C 2 7  VAL 7  11   11   VAL VAL C . n 
C 2 8  VAL 8  12   12   VAL VAL C . n 
C 2 9  SER 9  13   13   SER SER C . n 
C 2 10 LYS 10 14   14   LYS LYS C . n 
C 2 11 LEU 11 15   15   LEU LEU C . n 
C 2 12 PHE 12 16   16   PHE PHE C . n 
C 2 13 PHE 13 17   17   PHE PHE C . n 
C 2 14 SER 14 18   18   SER SER C . n 
C 2 15 TRP 15 19   19   TRP TRP C . n 
C 2 16 THR 16 20   20   THR THR C . n 
C 2 17 ALA 17 21   21   ALA ALA C . n 
C 2 18 PRO 18 22   22   PRO PRO C . n 
# 
loop_
_pdbx_nonpoly_scheme.asym_id 
_pdbx_nonpoly_scheme.entity_id 
_pdbx_nonpoly_scheme.mon_id 
_pdbx_nonpoly_scheme.ndb_seq_num 
_pdbx_nonpoly_scheme.pdb_seq_num 
_pdbx_nonpoly_scheme.auth_seq_num 
_pdbx_nonpoly_scheme.pdb_mon_id 
_pdbx_nonpoly_scheme.auth_mon_id 
_pdbx_nonpoly_scheme.pdb_strand_id 
_pdbx_nonpoly_scheme.pdb_ins_code 
D 3 HOH 1 101 101 HOH HOH A . 
D 3 HOH 2 102 102 HOH HOH A . 
D 3 HOH 3 103 103 HOH HOH A . 
D 3 HOH 4 104 104 HOH HOH A . 
D 3 HOH 5 112 112 HOH HOH A . 
E 3 HOH 1 106 106 HOH HOH B . 
E 3 HOH 2 107 107 HOH HOH B . 
E 3 HOH 3 108 108 HOH HOH B . 
E 3 HOH 4 109 109 HOH HOH B . 
E 3 HOH 5 111 111 HOH HOH B . 
E 3 HOH 6 113 113 HOH HOH B . 
E 3 HOH 7 114 114 HOH HOH B . 
F 3 HOH 1 105 105 HOH HOH C . 
F 3 HOH 2 110 110 HOH HOH C . 
# 
_pdbx_struct_assembly.id                   1 
_pdbx_struct_assembly.details              author_and_software_defined_assembly 
_pdbx_struct_assembly.method_details       PISA 
_pdbx_struct_assembly.oligomeric_details   trimeric 
_pdbx_struct_assembly.oligomeric_count     3 
# 
_pdbx_struct_assembly_gen.assembly_id       1 
_pdbx_struct_assembly_gen.oper_expression   1 
_pdbx_struct_assembly_gen.asym_id_list      A,B,C,D,E,F 
# 
loop_
_pdbx_struct_assembly_prop.biol_id 
_pdbx_struct_assembly_prop.type 
_pdbx_struct_assembly_prop.value 
_pdbx_struct_assembly_prop.details 
1 'ABSA (A^2)' 2700  ? 
1 MORE         -14.2 ? 
1 'SSA (A^2)'  10870 ? 
# 
_pdbx_struct_oper_list.id                   1 
_pdbx_struct_oper_list.type                 'identity operation' 
_pdbx_struct_oper_list.name                 1_555 
_pdbx_struct_oper_list.symmetry_operation   x,y,z 
_pdbx_struct_oper_list.matrix[1][1]         1.0000000000 
_pdbx_struct_oper_list.matrix[1][2]         0.0000000000 
_pdbx_struct_oper_list.matrix[1][3]         0.0000000000 
_pdbx_struct_oper_list.vector[1]            0.0000000000 
_pdbx_struct_oper_list.matrix[2][1]         0.0000000000 
_pdbx_struct_oper_list.matrix[2][2]         1.0000000000 
_pdbx_struct_oper_list.matrix[2][3]         0.0000000000 
_pdbx_struct_oper_list.vector[2]            0.0000000000 
_pdbx_struct_oper_list.matrix[3][1]         0.0000000000 
_pdbx_struct_oper_list.matrix[3][2]         0.0000000000 
_pdbx_struct_oper_list.matrix[3][3]         1.0000000000 
_pdbx_struct_oper_list.vector[3]            0.0000000000 
# 
loop_
_pdbx_audit_revision_history.ordinal 
_pdbx_audit_revision_history.data_content_type 
_pdbx_audit_revision_history.major_revision 
_pdbx_audit_revision_history.minor_revision 
_pdbx_audit_revision_history.revision_date 
1 'Structure model' 1 0 2010-04-07 
2 'Structure model' 1 1 2011-07-13 
3 'Structure model' 1 2 2021-10-13 
4 'Structure model' 1 3 2023-09-06 
# 
_pdbx_audit_revision_details.ordinal             1 
_pdbx_audit_revision_details.revision_ordinal    1 
_pdbx_audit_revision_details.data_content_type   'Structure model' 
_pdbx_audit_revision_details.provider            repository 
_pdbx_audit_revision_details.type                'Initial release' 
_pdbx_audit_revision_details.description         ? 
_pdbx_audit_revision_details.details             ? 
# 
loop_
_pdbx_audit_revision_group.ordinal 
_pdbx_audit_revision_group.revision_ordinal 
_pdbx_audit_revision_group.data_content_type 
_pdbx_audit_revision_group.group 
1 2 'Structure model' 'Version format compliance' 
2 3 'Structure model' 'Database references'       
3 4 'Structure model' 'Data collection'           
4 4 'Structure model' 'Refinement description'    
# 
loop_
_pdbx_audit_revision_category.ordinal 
_pdbx_audit_revision_category.revision_ordinal 
_pdbx_audit_revision_category.data_content_type 
_pdbx_audit_revision_category.category 
1 3 'Structure model' database_2                    
2 3 'Structure model' struct_ref_seq_dif            
3 4 'Structure model' chem_comp_atom                
4 4 'Structure model' chem_comp_bond                
5 4 'Structure model' pdbx_initial_refinement_model 
# 
loop_
_pdbx_audit_revision_item.ordinal 
_pdbx_audit_revision_item.revision_ordinal 
_pdbx_audit_revision_item.data_content_type 
_pdbx_audit_revision_item.item 
1 3 'Structure model' '_database_2.pdbx_DOI'                
2 3 'Structure model' '_database_2.pdbx_database_accession' 
3 3 'Structure model' '_struct_ref_seq_dif.details'         
# 
loop_
_software.pdbx_ordinal 
_software.name 
_software.version 
_software.date 
_software.type 
_software.contact_author 
_software.contact_author_email 
_software.classification 
_software.location 
_software.language 
_software.citation_id 
1 d*TREK      9.7LDz   'Jun 14 2007'   package 'Jim W. Pflugrath'   Jim.Pflugrath@Rigaku.com 'data scaling'    
http://www.rigaku.com/software/dtrek.html    ?          ? 
2 REFMAC      5.2.0019 ?               program 'Garib N. Murshudov' garib@ysbl.york.ac.uk    refinement        
http://www.ccp4.ac.uk/dist/html/refmac5.html Fortran_77 ? 
3 PDB_EXTRACT 3.005    'June 11, 2008' package PDB                  help@deposit.rcsb.org    'data extraction' 
http://sw-tools.pdb.org/apps/PDB_EXTRACT/    C++        ? 
4 d*TREK      .        ?               ?       ?                    ?                        'data reduction'  ? ?          ? 
5 PHASER      .        ?               ?       ?                    ?                        phasing           ? ?          ? 
# 
loop_
_pdbx_validate_torsion.id 
_pdbx_validate_torsion.PDB_model_num 
_pdbx_validate_torsion.auth_comp_id 
_pdbx_validate_torsion.auth_asym_id 
_pdbx_validate_torsion.auth_seq_id 
_pdbx_validate_torsion.PDB_ins_code 
_pdbx_validate_torsion.label_alt_id 
_pdbx_validate_torsion.phi 
_pdbx_validate_torsion.psi 
1  1 GLU A 2249 ? ? -134.84 -45.29 
2  1 ARG A 2264 ? ? -57.65  -1.73  
3  1 PRO A 2302 ? ? -42.14  154.91 
4  1 GLU A 2313 ? ? 69.12   -25.21 
5  1 GLU B 2249 ? ? -140.53 -38.95 
6  1 ARG B 2264 ? ? -33.81  130.20 
7  1 GLU B 2265 ? ? 103.32  -22.26 
8  1 PRO B 2278 ? ? -71.65  20.59  
9  1 LYS B 2289 ? ? -57.48  45.99  
10 1 ASP B 2318 ? ? 88.20   -11.24 
11 1 ALA C 21   ? ? -57.37  -91.04 
# 
_pdbx_validate_peptide_omega.id               1 
_pdbx_validate_peptide_omega.PDB_model_num    1 
_pdbx_validate_peptide_omega.auth_comp_id_1   ALA 
_pdbx_validate_peptide_omega.auth_asym_id_1   C 
_pdbx_validate_peptide_omega.auth_seq_id_1    21 
_pdbx_validate_peptide_omega.PDB_ins_code_1   ? 
_pdbx_validate_peptide_omega.label_alt_id_1   ? 
_pdbx_validate_peptide_omega.auth_comp_id_2   PRO 
_pdbx_validate_peptide_omega.auth_asym_id_2   C 
_pdbx_validate_peptide_omega.auth_seq_id_2    22 
_pdbx_validate_peptide_omega.PDB_ins_code_2   ? 
_pdbx_validate_peptide_omega.label_alt_id_2   ? 
_pdbx_validate_peptide_omega.omega            -146.28 
# 
loop_
_pdbx_unobs_or_zero_occ_residues.id 
_pdbx_unobs_or_zero_occ_residues.PDB_model_num 
_pdbx_unobs_or_zero_occ_residues.polymer_flag 
_pdbx_unobs_or_zero_occ_residues.occupancy_flag 
_pdbx_unobs_or_zero_occ_residues.auth_asym_id 
_pdbx_unobs_or_zero_occ_residues.auth_comp_id 
_pdbx_unobs_or_zero_occ_residues.auth_seq_id 
_pdbx_unobs_or_zero_occ_residues.PDB_ins_code 
_pdbx_unobs_or_zero_occ_residues.label_asym_id 
_pdbx_unobs_or_zero_occ_residues.label_comp_id 
_pdbx_unobs_or_zero_occ_residues.label_seq_id 
1  1 Y 1 A GLY 2231 ? A GLY 1  
2  1 Y 1 A ALA 2232 ? A ALA 2  
3  1 Y 1 A MET 2233 ? A MET 3  
4  1 Y 1 A PRO 2234 ? A PRO 4  
5  1 Y 1 A ASP 2235 ? A ASP 5  
6  1 Y 1 A SER 2329 ? A SER 99 
7  1 Y 1 B GLY 2231 ? B GLY 1  
8  1 Y 1 B ALA 2232 ? B ALA 2  
9  1 Y 1 B MET 2233 ? B MET 3  
10 1 Y 1 B PRO 2234 ? B PRO 4  
11 1 Y 1 B ASP 2235 ? B ASP 5  
# 
loop_
_chem_comp_atom.comp_id 
_chem_comp_atom.atom_id 
_chem_comp_atom.type_symbol 
_chem_comp_atom.pdbx_aromatic_flag 
_chem_comp_atom.pdbx_stereo_config 
_chem_comp_atom.pdbx_ordinal 
ALA N    N N N 1   
ALA CA   C N S 2   
ALA C    C N N 3   
ALA O    O N N 4   
ALA CB   C N N 5   
ALA OXT  O N N 6   
ALA H    H N N 7   
ALA H2   H N N 8   
ALA HA   H N N 9   
ALA HB1  H N N 10  
ALA HB2  H N N 11  
ALA HB3  H N N 12  
ALA HXT  H N N 13  
ARG N    N N N 14  
ARG CA   C N S 15  
ARG C    C N N 16  
ARG O    O N N 17  
ARG CB   C N N 18  
ARG CG   C N N 19  
ARG CD   C N N 20  
ARG NE   N N N 21  
ARG CZ   C N N 22  
ARG NH1  N N N 23  
ARG NH2  N N N 24  
ARG OXT  O N N 25  
ARG H    H N N 26  
ARG H2   H N N 27  
ARG HA   H N N 28  
ARG HB2  H N N 29  
ARG HB3  H N N 30  
ARG HG2  H N N 31  
ARG HG3  H N N 32  
ARG HD2  H N N 33  
ARG HD3  H N N 34  
ARG HE   H N N 35  
ARG HH11 H N N 36  
ARG HH12 H N N 37  
ARG HH21 H N N 38  
ARG HH22 H N N 39  
ARG HXT  H N N 40  
ASN N    N N N 41  
ASN CA   C N S 42  
ASN C    C N N 43  
ASN O    O N N 44  
ASN CB   C N N 45  
ASN CG   C N N 46  
ASN OD1  O N N 47  
ASN ND2  N N N 48  
ASN OXT  O N N 49  
ASN H    H N N 50  
ASN H2   H N N 51  
ASN HA   H N N 52  
ASN HB2  H N N 53  
ASN HB3  H N N 54  
ASN HD21 H N N 55  
ASN HD22 H N N 56  
ASN HXT  H N N 57  
ASP N    N N N 58  
ASP CA   C N S 59  
ASP C    C N N 60  
ASP O    O N N 61  
ASP CB   C N N 62  
ASP CG   C N N 63  
ASP OD1  O N N 64  
ASP OD2  O N N 65  
ASP OXT  O N N 66  
ASP H    H N N 67  
ASP H2   H N N 68  
ASP HA   H N N 69  
ASP HB2  H N N 70  
ASP HB3  H N N 71  
ASP HD2  H N N 72  
ASP HXT  H N N 73  
CYS N    N N N 74  
CYS CA   C N R 75  
CYS C    C N N 76  
CYS O    O N N 77  
CYS CB   C N N 78  
CYS SG   S N N 79  
CYS OXT  O N N 80  
CYS H    H N N 81  
CYS H2   H N N 82  
CYS HA   H N N 83  
CYS HB2  H N N 84  
CYS HB3  H N N 85  
CYS HG   H N N 86  
CYS HXT  H N N 87  
GLN N    N N N 88  
GLN CA   C N S 89  
GLN C    C N N 90  
GLN O    O N N 91  
GLN CB   C N N 92  
GLN CG   C N N 93  
GLN CD   C N N 94  
GLN OE1  O N N 95  
GLN NE2  N N N 96  
GLN OXT  O N N 97  
GLN H    H N N 98  
GLN H2   H N N 99  
GLN HA   H N N 100 
GLN HB2  H N N 101 
GLN HB3  H N N 102 
GLN HG2  H N N 103 
GLN HG3  H N N 104 
GLN HE21 H N N 105 
GLN HE22 H N N 106 
GLN HXT  H N N 107 
GLU N    N N N 108 
GLU CA   C N S 109 
GLU C    C N N 110 
GLU O    O N N 111 
GLU CB   C N N 112 
GLU CG   C N N 113 
GLU CD   C N N 114 
GLU OE1  O N N 115 
GLU OE2  O N N 116 
GLU OXT  O N N 117 
GLU H    H N N 118 
GLU H2   H N N 119 
GLU HA   H N N 120 
GLU HB2  H N N 121 
GLU HB3  H N N 122 
GLU HG2  H N N 123 
GLU HG3  H N N 124 
GLU HE2  H N N 125 
GLU HXT  H N N 126 
GLY N    N N N 127 
GLY CA   C N N 128 
GLY C    C N N 129 
GLY O    O N N 130 
GLY OXT  O N N 131 
GLY H    H N N 132 
GLY H2   H N N 133 
GLY HA2  H N N 134 
GLY HA3  H N N 135 
GLY HXT  H N N 136 
HIS N    N N N 137 
HIS CA   C N S 138 
HIS C    C N N 139 
HIS O    O N N 140 
HIS CB   C N N 141 
HIS CG   C Y N 142 
HIS ND1  N Y N 143 
HIS CD2  C Y N 144 
HIS CE1  C Y N 145 
HIS NE2  N Y N 146 
HIS OXT  O N N 147 
HIS H    H N N 148 
HIS H2   H N N 149 
HIS HA   H N N 150 
HIS HB2  H N N 151 
HIS HB3  H N N 152 
HIS HD1  H N N 153 
HIS HD2  H N N 154 
HIS HE1  H N N 155 
HIS HE2  H N N 156 
HIS HXT  H N N 157 
HOH O    O N N 158 
HOH H1   H N N 159 
HOH H2   H N N 160 
ILE N    N N N 161 
ILE CA   C N S 162 
ILE C    C N N 163 
ILE O    O N N 164 
ILE CB   C N S 165 
ILE CG1  C N N 166 
ILE CG2  C N N 167 
ILE CD1  C N N 168 
ILE OXT  O N N 169 
ILE H    H N N 170 
ILE H2   H N N 171 
ILE HA   H N N 172 
ILE HB   H N N 173 
ILE HG12 H N N 174 
ILE HG13 H N N 175 
ILE HG21 H N N 176 
ILE HG22 H N N 177 
ILE HG23 H N N 178 
ILE HD11 H N N 179 
ILE HD12 H N N 180 
ILE HD13 H N N 181 
ILE HXT  H N N 182 
LEU N    N N N 183 
LEU CA   C N S 184 
LEU C    C N N 185 
LEU O    O N N 186 
LEU CB   C N N 187 
LEU CG   C N N 188 
LEU CD1  C N N 189 
LEU CD2  C N N 190 
LEU OXT  O N N 191 
LEU H    H N N 192 
LEU H2   H N N 193 
LEU HA   H N N 194 
LEU HB2  H N N 195 
LEU HB3  H N N 196 
LEU HG   H N N 197 
LEU HD11 H N N 198 
LEU HD12 H N N 199 
LEU HD13 H N N 200 
LEU HD21 H N N 201 
LEU HD22 H N N 202 
LEU HD23 H N N 203 
LEU HXT  H N N 204 
LYS N    N N N 205 
LYS CA   C N S 206 
LYS C    C N N 207 
LYS O    O N N 208 
LYS CB   C N N 209 
LYS CG   C N N 210 
LYS CD   C N N 211 
LYS CE   C N N 212 
LYS NZ   N N N 213 
LYS OXT  O N N 214 
LYS H    H N N 215 
LYS H2   H N N 216 
LYS HA   H N N 217 
LYS HB2  H N N 218 
LYS HB3  H N N 219 
LYS HG2  H N N 220 
LYS HG3  H N N 221 
LYS HD2  H N N 222 
LYS HD3  H N N 223 
LYS HE2  H N N 224 
LYS HE3  H N N 225 
LYS HZ1  H N N 226 
LYS HZ2  H N N 227 
LYS HZ3  H N N 228 
LYS HXT  H N N 229 
MET N    N N N 230 
MET CA   C N S 231 
MET C    C N N 232 
MET O    O N N 233 
MET CB   C N N 234 
MET CG   C N N 235 
MET SD   S N N 236 
MET CE   C N N 237 
MET OXT  O N N 238 
MET H    H N N 239 
MET H2   H N N 240 
MET HA   H N N 241 
MET HB2  H N N 242 
MET HB3  H N N 243 
MET HG2  H N N 244 
MET HG3  H N N 245 
MET HE1  H N N 246 
MET HE2  H N N 247 
MET HE3  H N N 248 
MET HXT  H N N 249 
PHE N    N N N 250 
PHE CA   C N S 251 
PHE C    C N N 252 
PHE O    O N N 253 
PHE CB   C N N 254 
PHE CG   C Y N 255 
PHE CD1  C Y N 256 
PHE CD2  C Y N 257 
PHE CE1  C Y N 258 
PHE CE2  C Y N 259 
PHE CZ   C Y N 260 
PHE OXT  O N N 261 
PHE H    H N N 262 
PHE H2   H N N 263 
PHE HA   H N N 264 
PHE HB2  H N N 265 
PHE HB3  H N N 266 
PHE HD1  H N N 267 
PHE HD2  H N N 268 
PHE HE1  H N N 269 
PHE HE2  H N N 270 
PHE HZ   H N N 271 
PHE HXT  H N N 272 
PRO N    N N N 273 
PRO CA   C N S 274 
PRO C    C N N 275 
PRO O    O N N 276 
PRO CB   C N N 277 
PRO CG   C N N 278 
PRO CD   C N N 279 
PRO OXT  O N N 280 
PRO H    H N N 281 
PRO HA   H N N 282 
PRO HB2  H N N 283 
PRO HB3  H N N 284 
PRO HG2  H N N 285 
PRO HG3  H N N 286 
PRO HD2  H N N 287 
PRO HD3  H N N 288 
PRO HXT  H N N 289 
SER N    N N N 290 
SER CA   C N S 291 
SER C    C N N 292 
SER O    O N N 293 
SER CB   C N N 294 
SER OG   O N N 295 
SER OXT  O N N 296 
SER H    H N N 297 
SER H2   H N N 298 
SER HA   H N N 299 
SER HB2  H N N 300 
SER HB3  H N N 301 
SER HG   H N N 302 
SER HXT  H N N 303 
THR N    N N N 304 
THR CA   C N S 305 
THR C    C N N 306 
THR O    O N N 307 
THR CB   C N R 308 
THR OG1  O N N 309 
THR CG2  C N N 310 
THR OXT  O N N 311 
THR H    H N N 312 
THR H2   H N N 313 
THR HA   H N N 314 
THR HB   H N N 315 
THR HG1  H N N 316 
THR HG21 H N N 317 
THR HG22 H N N 318 
THR HG23 H N N 319 
THR HXT  H N N 320 
TRP N    N N N 321 
TRP CA   C N S 322 
TRP C    C N N 323 
TRP O    O N N 324 
TRP CB   C N N 325 
TRP CG   C Y N 326 
TRP CD1  C Y N 327 
TRP CD2  C Y N 328 
TRP NE1  N Y N 329 
TRP CE2  C Y N 330 
TRP CE3  C Y N 331 
TRP CZ2  C Y N 332 
TRP CZ3  C Y N 333 
TRP CH2  C Y N 334 
TRP OXT  O N N 335 
TRP H    H N N 336 
TRP H2   H N N 337 
TRP HA   H N N 338 
TRP HB2  H N N 339 
TRP HB3  H N N 340 
TRP HD1  H N N 341 
TRP HE1  H N N 342 
TRP HE3  H N N 343 
TRP HZ2  H N N 344 
TRP HZ3  H N N 345 
TRP HH2  H N N 346 
TRP HXT  H N N 347 
TYR N    N N N 348 
TYR CA   C N S 349 
TYR C    C N N 350 
TYR O    O N N 351 
TYR CB   C N N 352 
TYR CG   C Y N 353 
TYR CD1  C Y N 354 
TYR CD2  C Y N 355 
TYR CE1  C Y N 356 
TYR CE2  C Y N 357 
TYR CZ   C Y N 358 
TYR OH   O N N 359 
TYR OXT  O N N 360 
TYR H    H N N 361 
TYR H2   H N N 362 
TYR HA   H N N 363 
TYR HB2  H N N 364 
TYR HB3  H N N 365 
TYR HD1  H N N 366 
TYR HD2  H N N 367 
TYR HE1  H N N 368 
TYR HE2  H N N 369 
TYR HH   H N N 370 
TYR HXT  H N N 371 
VAL N    N N N 372 
VAL CA   C N S 373 
VAL C    C N N 374 
VAL O    O N N 375 
VAL CB   C N N 376 
VAL CG1  C N N 377 
VAL CG2  C N N 378 
VAL OXT  O N N 379 
VAL H    H N N 380 
VAL H2   H N N 381 
VAL HA   H N N 382 
VAL HB   H N N 383 
VAL HG11 H N N 384 
VAL HG12 H N N 385 
VAL HG13 H N N 386 
VAL HG21 H N N 387 
VAL HG22 H N N 388 
VAL HG23 H N N 389 
VAL HXT  H N N 390 
# 
loop_
_chem_comp_bond.comp_id 
_chem_comp_bond.atom_id_1 
_chem_comp_bond.atom_id_2 
_chem_comp_bond.value_order 
_chem_comp_bond.pdbx_aromatic_flag 
_chem_comp_bond.pdbx_stereo_config 
_chem_comp_bond.pdbx_ordinal 
ALA N   CA   sing N N 1   
ALA N   H    sing N N 2   
ALA N   H2   sing N N 3   
ALA CA  C    sing N N 4   
ALA CA  CB   sing N N 5   
ALA CA  HA   sing N N 6   
ALA C   O    doub N N 7   
ALA C   OXT  sing N N 8   
ALA CB  HB1  sing N N 9   
ALA CB  HB2  sing N N 10  
ALA CB  HB3  sing N N 11  
ALA OXT HXT  sing N N 12  
ARG N   CA   sing N N 13  
ARG N   H    sing N N 14  
ARG N   H2   sing N N 15  
ARG CA  C    sing N N 16  
ARG CA  CB   sing N N 17  
ARG CA  HA   sing N N 18  
ARG C   O    doub N N 19  
ARG C   OXT  sing N N 20  
ARG CB  CG   sing N N 21  
ARG CB  HB2  sing N N 22  
ARG CB  HB3  sing N N 23  
ARG CG  CD   sing N N 24  
ARG CG  HG2  sing N N 25  
ARG CG  HG3  sing N N 26  
ARG CD  NE   sing N N 27  
ARG CD  HD2  sing N N 28  
ARG CD  HD3  sing N N 29  
ARG NE  CZ   sing N N 30  
ARG NE  HE   sing N N 31  
ARG CZ  NH1  sing N N 32  
ARG CZ  NH2  doub N N 33  
ARG NH1 HH11 sing N N 34  
ARG NH1 HH12 sing N N 35  
ARG NH2 HH21 sing N N 36  
ARG NH2 HH22 sing N N 37  
ARG OXT HXT  sing N N 38  
ASN N   CA   sing N N 39  
ASN N   H    sing N N 40  
ASN N   H2   sing N N 41  
ASN CA  C    sing N N 42  
ASN CA  CB   sing N N 43  
ASN CA  HA   sing N N 44  
ASN C   O    doub N N 45  
ASN C   OXT  sing N N 46  
ASN CB  CG   sing N N 47  
ASN CB  HB2  sing N N 48  
ASN CB  HB3  sing N N 49  
ASN CG  OD1  doub N N 50  
ASN CG  ND2  sing N N 51  
ASN ND2 HD21 sing N N 52  
ASN ND2 HD22 sing N N 53  
ASN OXT HXT  sing N N 54  
ASP N   CA   sing N N 55  
ASP N   H    sing N N 56  
ASP N   H2   sing N N 57  
ASP CA  C    sing N N 58  
ASP CA  CB   sing N N 59  
ASP CA  HA   sing N N 60  
ASP C   O    doub N N 61  
ASP C   OXT  sing N N 62  
ASP CB  CG   sing N N 63  
ASP CB  HB2  sing N N 64  
ASP CB  HB3  sing N N 65  
ASP CG  OD1  doub N N 66  
ASP CG  OD2  sing N N 67  
ASP OD2 HD2  sing N N 68  
ASP OXT HXT  sing N N 69  
CYS N   CA   sing N N 70  
CYS N   H    sing N N 71  
CYS N   H2   sing N N 72  
CYS CA  C    sing N N 73  
CYS CA  CB   sing N N 74  
CYS CA  HA   sing N N 75  
CYS C   O    doub N N 76  
CYS C   OXT  sing N N 77  
CYS CB  SG   sing N N 78  
CYS CB  HB2  sing N N 79  
CYS CB  HB3  sing N N 80  
CYS SG  HG   sing N N 81  
CYS OXT HXT  sing N N 82  
GLN N   CA   sing N N 83  
GLN N   H    sing N N 84  
GLN N   H2   sing N N 85  
GLN CA  C    sing N N 86  
GLN CA  CB   sing N N 87  
GLN CA  HA   sing N N 88  
GLN C   O    doub N N 89  
GLN C   OXT  sing N N 90  
GLN CB  CG   sing N N 91  
GLN CB  HB2  sing N N 92  
GLN CB  HB3  sing N N 93  
GLN CG  CD   sing N N 94  
GLN CG  HG2  sing N N 95  
GLN CG  HG3  sing N N 96  
GLN CD  OE1  doub N N 97  
GLN CD  NE2  sing N N 98  
GLN NE2 HE21 sing N N 99  
GLN NE2 HE22 sing N N 100 
GLN OXT HXT  sing N N 101 
GLU N   CA   sing N N 102 
GLU N   H    sing N N 103 
GLU N   H2   sing N N 104 
GLU CA  C    sing N N 105 
GLU CA  CB   sing N N 106 
GLU CA  HA   sing N N 107 
GLU C   O    doub N N 108 
GLU C   OXT  sing N N 109 
GLU CB  CG   sing N N 110 
GLU CB  HB2  sing N N 111 
GLU CB  HB3  sing N N 112 
GLU CG  CD   sing N N 113 
GLU CG  HG2  sing N N 114 
GLU CG  HG3  sing N N 115 
GLU CD  OE1  doub N N 116 
GLU CD  OE2  sing N N 117 
GLU OE2 HE2  sing N N 118 
GLU OXT HXT  sing N N 119 
GLY N   CA   sing N N 120 
GLY N   H    sing N N 121 
GLY N   H2   sing N N 122 
GLY CA  C    sing N N 123 
GLY CA  HA2  sing N N 124 
GLY CA  HA3  sing N N 125 
GLY C   O    doub N N 126 
GLY C   OXT  sing N N 127 
GLY OXT HXT  sing N N 128 
HIS N   CA   sing N N 129 
HIS N   H    sing N N 130 
HIS N   H2   sing N N 131 
HIS CA  C    sing N N 132 
HIS CA  CB   sing N N 133 
HIS CA  HA   sing N N 134 
HIS C   O    doub N N 135 
HIS C   OXT  sing N N 136 
HIS CB  CG   sing N N 137 
HIS CB  HB2  sing N N 138 
HIS CB  HB3  sing N N 139 
HIS CG  ND1  sing Y N 140 
HIS CG  CD2  doub Y N 141 
HIS ND1 CE1  doub Y N 142 
HIS ND1 HD1  sing N N 143 
HIS CD2 NE2  sing Y N 144 
HIS CD2 HD2  sing N N 145 
HIS CE1 NE2  sing Y N 146 
HIS CE1 HE1  sing N N 147 
HIS NE2 HE2  sing N N 148 
HIS OXT HXT  sing N N 149 
HOH O   H1   sing N N 150 
HOH O   H2   sing N N 151 
ILE N   CA   sing N N 152 
ILE N   H    sing N N 153 
ILE N   H2   sing N N 154 
ILE CA  C    sing N N 155 
ILE CA  CB   sing N N 156 
ILE CA  HA   sing N N 157 
ILE C   O    doub N N 158 
ILE C   OXT  sing N N 159 
ILE CB  CG1  sing N N 160 
ILE CB  CG2  sing N N 161 
ILE CB  HB   sing N N 162 
ILE CG1 CD1  sing N N 163 
ILE CG1 HG12 sing N N 164 
ILE CG1 HG13 sing N N 165 
ILE CG2 HG21 sing N N 166 
ILE CG2 HG22 sing N N 167 
ILE CG2 HG23 sing N N 168 
ILE CD1 HD11 sing N N 169 
ILE CD1 HD12 sing N N 170 
ILE CD1 HD13 sing N N 171 
ILE OXT HXT  sing N N 172 
LEU N   CA   sing N N 173 
LEU N   H    sing N N 174 
LEU N   H2   sing N N 175 
LEU CA  C    sing N N 176 
LEU CA  CB   sing N N 177 
LEU CA  HA   sing N N 178 
LEU C   O    doub N N 179 
LEU C   OXT  sing N N 180 
LEU CB  CG   sing N N 181 
LEU CB  HB2  sing N N 182 
LEU CB  HB3  sing N N 183 
LEU CG  CD1  sing N N 184 
LEU CG  CD2  sing N N 185 
LEU CG  HG   sing N N 186 
LEU CD1 HD11 sing N N 187 
LEU CD1 HD12 sing N N 188 
LEU CD1 HD13 sing N N 189 
LEU CD2 HD21 sing N N 190 
LEU CD2 HD22 sing N N 191 
LEU CD2 HD23 sing N N 192 
LEU OXT HXT  sing N N 193 
LYS N   CA   sing N N 194 
LYS N   H    sing N N 195 
LYS N   H2   sing N N 196 
LYS CA  C    sing N N 197 
LYS CA  CB   sing N N 198 
LYS CA  HA   sing N N 199 
LYS C   O    doub N N 200 
LYS C   OXT  sing N N 201 
LYS CB  CG   sing N N 202 
LYS CB  HB2  sing N N 203 
LYS CB  HB3  sing N N 204 
LYS CG  CD   sing N N 205 
LYS CG  HG2  sing N N 206 
LYS CG  HG3  sing N N 207 
LYS CD  CE   sing N N 208 
LYS CD  HD2  sing N N 209 
LYS CD  HD3  sing N N 210 
LYS CE  NZ   sing N N 211 
LYS CE  HE2  sing N N 212 
LYS CE  HE3  sing N N 213 
LYS NZ  HZ1  sing N N 214 
LYS NZ  HZ2  sing N N 215 
LYS NZ  HZ3  sing N N 216 
LYS OXT HXT  sing N N 217 
MET N   CA   sing N N 218 
MET N   H    sing N N 219 
MET N   H2   sing N N 220 
MET CA  C    sing N N 221 
MET CA  CB   sing N N 222 
MET CA  HA   sing N N 223 
MET C   O    doub N N 224 
MET C   OXT  sing N N 225 
MET CB  CG   sing N N 226 
MET CB  HB2  sing N N 227 
MET CB  HB3  sing N N 228 
MET CG  SD   sing N N 229 
MET CG  HG2  sing N N 230 
MET CG  HG3  sing N N 231 
MET SD  CE   sing N N 232 
MET CE  HE1  sing N N 233 
MET CE  HE2  sing N N 234 
MET CE  HE3  sing N N 235 
MET OXT HXT  sing N N 236 
PHE N   CA   sing N N 237 
PHE N   H    sing N N 238 
PHE N   H2   sing N N 239 
PHE CA  C    sing N N 240 
PHE CA  CB   sing N N 241 
PHE CA  HA   sing N N 242 
PHE C   O    doub N N 243 
PHE C   OXT  sing N N 244 
PHE CB  CG   sing N N 245 
PHE CB  HB2  sing N N 246 
PHE CB  HB3  sing N N 247 
PHE CG  CD1  doub Y N 248 
PHE CG  CD2  sing Y N 249 
PHE CD1 CE1  sing Y N 250 
PHE CD1 HD1  sing N N 251 
PHE CD2 CE2  doub Y N 252 
PHE CD2 HD2  sing N N 253 
PHE CE1 CZ   doub Y N 254 
PHE CE1 HE1  sing N N 255 
PHE CE2 CZ   sing Y N 256 
PHE CE2 HE2  sing N N 257 
PHE CZ  HZ   sing N N 258 
PHE OXT HXT  sing N N 259 
PRO N   CA   sing N N 260 
PRO N   CD   sing N N 261 
PRO N   H    sing N N 262 
PRO CA  C    sing N N 263 
PRO CA  CB   sing N N 264 
PRO CA  HA   sing N N 265 
PRO C   O    doub N N 266 
PRO C   OXT  sing N N 267 
PRO CB  CG   sing N N 268 
PRO CB  HB2  sing N N 269 
PRO CB  HB3  sing N N 270 
PRO CG  CD   sing N N 271 
PRO CG  HG2  sing N N 272 
PRO CG  HG3  sing N N 273 
PRO CD  HD2  sing N N 274 
PRO CD  HD3  sing N N 275 
PRO OXT HXT  sing N N 276 
SER N   CA   sing N N 277 
SER N   H    sing N N 278 
SER N   H2   sing N N 279 
SER CA  C    sing N N 280 
SER CA  CB   sing N N 281 
SER CA  HA   sing N N 282 
SER C   O    doub N N 283 
SER C   OXT  sing N N 284 
SER CB  OG   sing N N 285 
SER CB  HB2  sing N N 286 
SER CB  HB3  sing N N 287 
SER OG  HG   sing N N 288 
SER OXT HXT  sing N N 289 
THR N   CA   sing N N 290 
THR N   H    sing N N 291 
THR N   H2   sing N N 292 
THR CA  C    sing N N 293 
THR CA  CB   sing N N 294 
THR CA  HA   sing N N 295 
THR C   O    doub N N 296 
THR C   OXT  sing N N 297 
THR CB  OG1  sing N N 298 
THR CB  CG2  sing N N 299 
THR CB  HB   sing N N 300 
THR OG1 HG1  sing N N 301 
THR CG2 HG21 sing N N 302 
THR CG2 HG22 sing N N 303 
THR CG2 HG23 sing N N 304 
THR OXT HXT  sing N N 305 
TRP N   CA   sing N N 306 
TRP N   H    sing N N 307 
TRP N   H2   sing N N 308 
TRP CA  C    sing N N 309 
TRP CA  CB   sing N N 310 
TRP CA  HA   sing N N 311 
TRP C   O    doub N N 312 
TRP C   OXT  sing N N 313 
TRP CB  CG   sing N N 314 
TRP CB  HB2  sing N N 315 
TRP CB  HB3  sing N N 316 
TRP CG  CD1  doub Y N 317 
TRP CG  CD2  sing Y N 318 
TRP CD1 NE1  sing Y N 319 
TRP CD1 HD1  sing N N 320 
TRP CD2 CE2  doub Y N 321 
TRP CD2 CE3  sing Y N 322 
TRP NE1 CE2  sing Y N 323 
TRP NE1 HE1  sing N N 324 
TRP CE2 CZ2  sing Y N 325 
TRP CE3 CZ3  doub Y N 326 
TRP CE3 HE3  sing N N 327 
TRP CZ2 CH2  doub Y N 328 
TRP CZ2 HZ2  sing N N 329 
TRP CZ3 CH2  sing Y N 330 
TRP CZ3 HZ3  sing N N 331 
TRP CH2 HH2  sing N N 332 
TRP OXT HXT  sing N N 333 
TYR N   CA   sing N N 334 
TYR N   H    sing N N 335 
TYR N   H2   sing N N 336 
TYR CA  C    sing N N 337 
TYR CA  CB   sing N N 338 
TYR CA  HA   sing N N 339 
TYR C   O    doub N N 340 
TYR C   OXT  sing N N 341 
TYR CB  CG   sing N N 342 
TYR CB  HB2  sing N N 343 
TYR CB  HB3  sing N N 344 
TYR CG  CD1  doub Y N 345 
TYR CG  CD2  sing Y N 346 
TYR CD1 CE1  sing Y N 347 
TYR CD1 HD1  sing N N 348 
TYR CD2 CE2  doub Y N 349 
TYR CD2 HD2  sing N N 350 
TYR CE1 CZ   doub Y N 351 
TYR CE1 HE1  sing N N 352 
TYR CE2 CZ   sing Y N 353 
TYR CE2 HE2  sing N N 354 
TYR CZ  OH   sing N N 355 
TYR OH  HH   sing N N 356 
TYR OXT HXT  sing N N 357 
VAL N   CA   sing N N 358 
VAL N   H    sing N N 359 
VAL N   H2   sing N N 360 
VAL CA  C    sing N N 361 
VAL CA  CB   sing N N 362 
VAL CA  HA   sing N N 363 
VAL C   O    doub N N 364 
VAL C   OXT  sing N N 365 
VAL CB  CG1  sing N N 366 
VAL CB  CG2  sing N N 367 
VAL CB  HB   sing N N 368 
VAL CG1 HG11 sing N N 369 
VAL CG1 HG12 sing N N 370 
VAL CG1 HG13 sing N N 371 
VAL CG2 HG21 sing N N 372 
VAL CG2 HG22 sing N N 373 
VAL CG2 HG23 sing N N 374 
VAL OXT HXT  sing N N 375 
# 
_pdbx_entity_nonpoly.entity_id   3 
_pdbx_entity_nonpoly.name        water 
_pdbx_entity_nonpoly.comp_id     HOH 
# 
_pdbx_initial_refinement_model.id               1 
_pdbx_initial_refinement_model.entity_id_list   ? 
_pdbx_initial_refinement_model.type             'experimental model' 
_pdbx_initial_refinement_model.source_name      PDB 
_pdbx_initial_refinement_model.accession_code   2BRQ 
_pdbx_initial_refinement_model.details          'PDB entry 2BRQ' 
# 
